data_5QXM
# 
_entry.id   5QXM 
# 
_audit_conform.dict_name       mmcif_pdbx.dic 
_audit_conform.dict_version    5.392 
_audit_conform.dict_location   http://mmcif.pdb.org/dictionaries/ascii/mmcif_pdbx.dic 
# 
loop_
_database_2.database_id 
_database_2.database_code 
_database_2.pdbx_database_accession 
_database_2.pdbx_DOI 
PDB   5QXM         pdb_00005qxm 10.2210/pdb5qxm/pdb 
WWPDB D_1001402443 ?            ?                   
# 
loop_
_pdbx_audit_revision_history.ordinal 
_pdbx_audit_revision_history.data_content_type 
_pdbx_audit_revision_history.major_revision 
_pdbx_audit_revision_history.minor_revision 
_pdbx_audit_revision_history.revision_date 
1 'Structure model' 1 0 2020-04-08 
2 'Structure model' 2 0 2023-05-31 
3 'Structure model' 2 1 2024-05-22 
# 
_pdbx_audit_revision_details.ordinal             1 
_pdbx_audit_revision_details.revision_ordinal    1 
_pdbx_audit_revision_details.data_content_type   'Structure model' 
_pdbx_audit_revision_details.provider            repository 
_pdbx_audit_revision_details.type                'Initial release' 
_pdbx_audit_revision_details.description         ? 
_pdbx_audit_revision_details.details             ? 
# 
loop_
_pdbx_audit_revision_group.ordinal 
_pdbx_audit_revision_group.revision_ordinal 
_pdbx_audit_revision_group.data_content_type 
_pdbx_audit_revision_group.group 
1 2 'Structure model' 'Database references'     
2 2 'Structure model' 'Derived calculations'    
3 2 'Structure model' 'Non-polymer description' 
4 2 'Structure model' 'Structure summary'       
5 3 'Structure model' 'Data collection'         
# 
loop_
_pdbx_audit_revision_category.ordinal 
_pdbx_audit_revision_category.revision_ordinal 
_pdbx_audit_revision_category.data_content_type 
_pdbx_audit_revision_category.category 
1 2 'Structure model' chem_comp           
2 2 'Structure model' database_2          
3 2 'Structure model' entity              
4 2 'Structure model' pdbx_entity_nonpoly 
5 3 'Structure model' chem_comp_atom      
6 3 'Structure model' chem_comp_bond      
# 
loop_
_pdbx_audit_revision_item.ordinal 
_pdbx_audit_revision_item.revision_ordinal 
_pdbx_audit_revision_item.data_content_type 
_pdbx_audit_revision_item.item 
1 2 'Structure model' '_chem_comp.formula'                  
2 2 'Structure model' '_chem_comp.formula_weight'           
3 2 'Structure model' '_chem_comp.name'                     
4 2 'Structure model' '_database_2.pdbx_DOI'                
5 2 'Structure model' '_database_2.pdbx_database_accession' 
6 2 'Structure model' '_entity.formula_weight'              
7 2 'Structure model' '_entity.pdbx_description'            
8 2 'Structure model' '_pdbx_entity_nonpoly.name'           
# 
_pdbx_database_status.entry_id                        5QXM 
_pdbx_database_status.status_code                     REL 
_pdbx_database_status.status_code_sf                  REL 
_pdbx_database_status.status_code_mr                  ? 
_pdbx_database_status.status_code_cs                  ? 
_pdbx_database_status.recvd_initial_deposition_date   2020-02-11 
_pdbx_database_status.deposit_site                    RCSB 
_pdbx_database_status.process_site                    RCSB 
_pdbx_database_status.SG_entry                        ? 
_pdbx_database_status.pdb_format_compatible           Y 
_pdbx_database_status.methods_development_category    ? 
_pdbx_database_status.status_code_nmr_data            ? 
# 
loop_
_audit_author.name 
_audit_author.pdbx_ordinal 
'Snee, M.'         1 
'Talon, R.'        2 
'Fowley, D.'       3 
'Collins, P.'      4 
'Nelson, A.'       5 
'Arrowsmith, C.H.' 6 
'Bountra, C.'      7 
'Edwards, A.'      8 
'Von-Delft, F.'    9 
# 
_citation.id                        primary 
_citation.title                     'PanDDA analysis group deposition - Bromodomain of human ATAD2 fragment screening' 
_citation.journal_abbrev            'To Be Published' 
_citation.journal_volume            ? 
_citation.page_first                ? 
_citation.page_last                 ? 
_citation.year                      ? 
_citation.journal_id_ASTM           ? 
_citation.country                   ? 
_citation.journal_id_ISSN           ? 
_citation.journal_id_CSD            0353 
_citation.book_publisher            ? 
_citation.pdbx_database_id_PubMed   ? 
_citation.pdbx_database_id_DOI      ? 
# 
loop_
_citation_author.citation_id 
_citation_author.name 
_citation_author.identifier_ORCID 
_citation_author.ordinal 
primary 'Snee, M.'         ? 1 
primary 'Talon, R.'        ? 2 
primary 'Fowley, D.'       ? 3 
primary 'Collins, P.'      ? 4 
primary 'Nelson, A.'       ? 5 
primary 'Arrowsmith, C.H.' ? 6 
primary 'Bountra, C.'      ? 7 
primary 'Edwards, A.'      ? 8 
primary 'Von-Delft, F.'    ? 9 
# 
loop_
_entity.id 
_entity.type 
_entity.src_method 
_entity.pdbx_description 
_entity.formula_weight 
_entity.pdbx_number_of_molecules 
_entity.pdbx_ec 
_entity.pdbx_mutation 
_entity.pdbx_fragment 
_entity.details 
1 polymer     man 'ATPase family AAA domain-containing protein 2'                                                            
15512.562 1   3.6.1.3 ? ? ? 
2 non-polymer syn 'SULFATE ION'                                                                                              
96.063    2   ?       ? ? ? 
3 non-polymer syn 1,2-ETHANEDIOL                                                                                             
62.068    6   ?       ? ? ? 
4 non-polymer syn 'cyclobutyl[(3aS,4R,5R,7S,8aS)-4,5-dihydroxyhexahydro-1H-3a,7-epoxycyclohepta[c]pyrrol-2(3H)-yl]methanone' 
267.321   1   ?       ? ? ? 
5 water       nat water                                                                                                      
18.015    221 ?       ? ? ? 
# 
_entity_name_com.entity_id   1 
_entity_name_com.name        'AAA nuclear coregulator cancer-associated protein,ANCCA' 
# 
_entity_poly.entity_id                      1 
_entity_poly.type                           'polypeptide(L)' 
_entity_poly.nstd_linkage                   no 
_entity_poly.nstd_monomer                   no 
_entity_poly.pdbx_seq_one_letter_code       
;SMQEEDTFRELRIFLRNVTHRLAIDKRFRVFTKPVDPDEVPDYRTVIKEPMDLSSVISKIDLHKYLTVKDYLRDIDLICS
NALEYNPDRDPGDRLIRHRACALRDTAYAIIKEELDEDFEQLCEEIQESR
;
_entity_poly.pdbx_seq_one_letter_code_can   
;SMQEEDTFRELRIFLRNVTHRLAIDKRFRVFTKPVDPDEVPDYRTVIKEPMDLSSVISKIDLHKYLTVKDYLRDIDLICS
NALEYNPDRDPGDRLIRHRACALRDTAYAIIKEELDEDFEQLCEEIQESR
;
_entity_poly.pdbx_strand_id                 A 
_entity_poly.pdbx_target_identifier         ? 
# 
loop_
_pdbx_entity_nonpoly.entity_id 
_pdbx_entity_nonpoly.name 
_pdbx_entity_nonpoly.comp_id 
2 'SULFATE ION'                                                                                              SO4 
3 1,2-ETHANEDIOL                                                                                             EDO 
4 'cyclobutyl[(3aS,4R,5R,7S,8aS)-4,5-dihydroxyhexahydro-1H-3a,7-epoxycyclohepta[c]pyrrol-2(3H)-yl]methanone' RHJ 
5 water                                                                                                      HOH 
# 
loop_
_entity_poly_seq.entity_id 
_entity_poly_seq.num 
_entity_poly_seq.mon_id 
_entity_poly_seq.hetero 
1 1   SER n 
1 2   MET n 
1 3   GLN n 
1 4   GLU n 
1 5   GLU n 
1 6   ASP n 
1 7   THR n 
1 8   PHE n 
1 9   ARG n 
1 10  GLU n 
1 11  LEU n 
1 12  ARG n 
1 13  ILE n 
1 14  PHE n 
1 15  LEU n 
1 16  ARG n 
1 17  ASN n 
1 18  VAL n 
1 19  THR n 
1 20  HIS n 
1 21  ARG n 
1 22  LEU n 
1 23  ALA n 
1 24  ILE n 
1 25  ASP n 
1 26  LYS n 
1 27  ARG n 
1 28  PHE n 
1 29  ARG n 
1 30  VAL n 
1 31  PHE n 
1 32  THR n 
1 33  LYS n 
1 34  PRO n 
1 35  VAL n 
1 36  ASP n 
1 37  PRO n 
1 38  ASP n 
1 39  GLU n 
1 40  VAL n 
1 41  PRO n 
1 42  ASP n 
1 43  TYR n 
1 44  ARG n 
1 45  THR n 
1 46  VAL n 
1 47  ILE n 
1 48  LYS n 
1 49  GLU n 
1 50  PRO n 
1 51  MET n 
1 52  ASP n 
1 53  LEU n 
1 54  SER n 
1 55  SER n 
1 56  VAL n 
1 57  ILE n 
1 58  SER n 
1 59  LYS n 
1 60  ILE n 
1 61  ASP n 
1 62  LEU n 
1 63  HIS n 
1 64  LYS n 
1 65  TYR n 
1 66  LEU n 
1 67  THR n 
1 68  VAL n 
1 69  LYS n 
1 70  ASP n 
1 71  TYR n 
1 72  LEU n 
1 73  ARG n 
1 74  ASP n 
1 75  ILE n 
1 76  ASP n 
1 77  LEU n 
1 78  ILE n 
1 79  CYS n 
1 80  SER n 
1 81  ASN n 
1 82  ALA n 
1 83  LEU n 
1 84  GLU n 
1 85  TYR n 
1 86  ASN n 
1 87  PRO n 
1 88  ASP n 
1 89  ARG n 
1 90  ASP n 
1 91  PRO n 
1 92  GLY n 
1 93  ASP n 
1 94  ARG n 
1 95  LEU n 
1 96  ILE n 
1 97  ARG n 
1 98  HIS n 
1 99  ARG n 
1 100 ALA n 
1 101 CYS n 
1 102 ALA n 
1 103 LEU n 
1 104 ARG n 
1 105 ASP n 
1 106 THR n 
1 107 ALA n 
1 108 TYR n 
1 109 ALA n 
1 110 ILE n 
1 111 ILE n 
1 112 LYS n 
1 113 GLU n 
1 114 GLU n 
1 115 LEU n 
1 116 ASP n 
1 117 GLU n 
1 118 ASP n 
1 119 PHE n 
1 120 GLU n 
1 121 GLN n 
1 122 LEU n 
1 123 CYS n 
1 124 GLU n 
1 125 GLU n 
1 126 ILE n 
1 127 GLN n 
1 128 GLU n 
1 129 SER n 
1 130 ARG n 
# 
_entity_src_gen.entity_id                          1 
_entity_src_gen.pdbx_src_id                        1 
_entity_src_gen.pdbx_alt_source_flag               sample 
_entity_src_gen.pdbx_seq_type                      'Biological sequence' 
_entity_src_gen.pdbx_beg_seq_num                   1 
_entity_src_gen.pdbx_end_seq_num                   130 
_entity_src_gen.gene_src_common_name               Human 
_entity_src_gen.gene_src_genus                     ? 
_entity_src_gen.pdbx_gene_src_gene                 'ATAD2, L16, PRO2000' 
_entity_src_gen.gene_src_species                   ? 
_entity_src_gen.gene_src_strain                    ? 
_entity_src_gen.gene_src_tissue                    ? 
_entity_src_gen.gene_src_tissue_fraction           ? 
_entity_src_gen.gene_src_details                   ? 
_entity_src_gen.pdbx_gene_src_fragment             ? 
_entity_src_gen.pdbx_gene_src_scientific_name      'Homo sapiens' 
_entity_src_gen.pdbx_gene_src_ncbi_taxonomy_id     9606 
_entity_src_gen.pdbx_gene_src_variant              ? 
_entity_src_gen.pdbx_gene_src_cell_line            ? 
_entity_src_gen.pdbx_gene_src_atcc                 ? 
_entity_src_gen.pdbx_gene_src_organ                ? 
_entity_src_gen.pdbx_gene_src_organelle            ? 
_entity_src_gen.pdbx_gene_src_cell                 ? 
_entity_src_gen.pdbx_gene_src_cellular_location    ? 
_entity_src_gen.host_org_common_name               ? 
_entity_src_gen.pdbx_host_org_scientific_name      'Escherichia coli' 
_entity_src_gen.pdbx_host_org_ncbi_taxonomy_id     562 
_entity_src_gen.host_org_genus                     ? 
_entity_src_gen.pdbx_host_org_gene                 ? 
_entity_src_gen.pdbx_host_org_organ                ? 
_entity_src_gen.host_org_species                   ? 
_entity_src_gen.pdbx_host_org_tissue               ? 
_entity_src_gen.pdbx_host_org_tissue_fraction      ? 
_entity_src_gen.pdbx_host_org_strain               ? 
_entity_src_gen.pdbx_host_org_variant              ? 
_entity_src_gen.pdbx_host_org_cell_line            ? 
_entity_src_gen.pdbx_host_org_atcc                 ? 
_entity_src_gen.pdbx_host_org_culture_collection   ? 
_entity_src_gen.pdbx_host_org_cell                 ? 
_entity_src_gen.pdbx_host_org_organelle            ? 
_entity_src_gen.pdbx_host_org_cellular_location    ? 
_entity_src_gen.pdbx_host_org_vector_type          ? 
_entity_src_gen.pdbx_host_org_vector               ? 
_entity_src_gen.host_org_details                   ? 
_entity_src_gen.expression_system_id               ? 
_entity_src_gen.plasmid_name                       ? 
_entity_src_gen.plasmid_details                    ? 
_entity_src_gen.pdbx_description                   ? 
# 
loop_
_chem_comp.id 
_chem_comp.type 
_chem_comp.mon_nstd_flag 
_chem_comp.name 
_chem_comp.pdbx_synonyms 
_chem_comp.formula 
_chem_comp.formula_weight 
ALA 'L-peptide linking' y ALANINE ?                 'C3 H7 N O2'     89.093  
ARG 'L-peptide linking' y ARGININE ?                 'C6 H15 N4 O2 1' 175.209 
ASN 'L-peptide linking' y ASPARAGINE ?                 'C4 H8 N2 O3'    132.118 
ASP 'L-peptide linking' y 'ASPARTIC ACID' ?                 'C4 H7 N O4'     133.103 
CYS 'L-peptide linking' y CYSTEINE ?                 'C3 H7 N O2 S'   121.158 
EDO non-polymer         . 1,2-ETHANEDIOL 'ETHYLENE GLYCOL' 'C2 H6 O2'       62.068  
GLN 'L-peptide linking' y GLUTAMINE ?                 'C5 H10 N2 O3'   146.144 
GLU 'L-peptide linking' y 'GLUTAMIC ACID' ?                 'C5 H9 N O4'     147.129 
GLY 'peptide linking'   y GLYCINE ?                 'C2 H5 N O2'     75.067  
HIS 'L-peptide linking' y HISTIDINE ?                 'C6 H10 N3 O2 1' 156.162 
HOH non-polymer         . WATER ?                 'H2 O'           18.015  
ILE 'L-peptide linking' y ISOLEUCINE ?                 'C6 H13 N O2'    131.173 
LEU 'L-peptide linking' y LEUCINE ?                 'C6 H13 N O2'    131.173 
LYS 'L-peptide linking' y LYSINE ?                 'C6 H15 N2 O2 1' 147.195 
MET 'L-peptide linking' y METHIONINE ?                 'C5 H11 N O2 S'  149.211 
PHE 'L-peptide linking' y PHENYLALANINE ?                 'C9 H11 N O2'    165.189 
PRO 'L-peptide linking' y PROLINE ?                 'C5 H9 N O2'     115.130 
RHJ non-polymer         . 
'cyclobutyl[(3aS,4R,5R,7S,8aS)-4,5-dihydroxyhexahydro-1H-3a,7-epoxycyclohepta[c]pyrrol-2(3H)-yl]methanone' ?                 
'C14 H21 N O4'   267.321 
SER 'L-peptide linking' y SERINE ?                 'C3 H7 N O3'     105.093 
SO4 non-polymer         . 'SULFATE ION' ?                 'O4 S -2'        96.063  
THR 'L-peptide linking' y THREONINE ?                 'C4 H9 N O3'     119.119 
TYR 'L-peptide linking' y TYROSINE ?                 'C9 H11 N O3'    181.189 
VAL 'L-peptide linking' y VALINE ?                 'C5 H11 N O2'    117.146 
# 
loop_
_pdbx_poly_seq_scheme.asym_id 
_pdbx_poly_seq_scheme.entity_id 
_pdbx_poly_seq_scheme.seq_id 
_pdbx_poly_seq_scheme.mon_id 
_pdbx_poly_seq_scheme.ndb_seq_num 
_pdbx_poly_seq_scheme.pdb_seq_num 
_pdbx_poly_seq_scheme.auth_seq_num 
_pdbx_poly_seq_scheme.pdb_mon_id 
_pdbx_poly_seq_scheme.auth_mon_id 
_pdbx_poly_seq_scheme.pdb_strand_id 
_pdbx_poly_seq_scheme.pdb_ins_code 
_pdbx_poly_seq_scheme.hetero 
A 1 1   SER 1   979  979  SER SER A . n 
A 1 2   MET 2   980  980  MET MET A . n 
A 1 3   GLN 3   981  981  GLN GLN A . n 
A 1 4   GLU 4   982  982  GLU GLU A . n 
A 1 5   GLU 5   983  983  GLU GLU A . n 
A 1 6   ASP 6   984  984  ASP ASP A . n 
A 1 7   THR 7   985  985  THR THR A . n 
A 1 8   PHE 8   986  986  PHE PHE A . n 
A 1 9   ARG 9   987  987  ARG ARG A . n 
A 1 10  GLU 10  988  988  GLU GLU A . n 
A 1 11  LEU 11  989  989  LEU LEU A . n 
A 1 12  ARG 12  990  990  ARG ARG A . n 
A 1 13  ILE 13  991  991  ILE ILE A . n 
A 1 14  PHE 14  992  992  PHE PHE A . n 
A 1 15  LEU 15  993  993  LEU LEU A . n 
A 1 16  ARG 16  994  994  ARG ARG A . n 
A 1 17  ASN 17  995  995  ASN ASN A . n 
A 1 18  VAL 18  996  996  VAL VAL A . n 
A 1 19  THR 19  997  997  THR THR A . n 
A 1 20  HIS 20  998  998  HIS HIS A . n 
A 1 21  ARG 21  999  999  ARG ARG A . n 
A 1 22  LEU 22  1000 1000 LEU LEU A . n 
A 1 23  ALA 23  1001 1001 ALA ALA A . n 
A 1 24  ILE 24  1002 1002 ILE ILE A . n 
A 1 25  ASP 25  1003 1003 ASP ASP A . n 
A 1 26  LYS 26  1004 1004 LYS LYS A . n 
A 1 27  ARG 27  1005 1005 ARG ARG A . n 
A 1 28  PHE 28  1006 1006 PHE PHE A . n 
A 1 29  ARG 29  1007 1007 ARG ARG A . n 
A 1 30  VAL 30  1008 1008 VAL VAL A . n 
A 1 31  PHE 31  1009 1009 PHE PHE A . n 
A 1 32  THR 32  1010 1010 THR THR A . n 
A 1 33  LYS 33  1011 1011 LYS LYS A . n 
A 1 34  PRO 34  1012 1012 PRO PRO A . n 
A 1 35  VAL 35  1013 1013 VAL VAL A . n 
A 1 36  ASP 36  1014 1014 ASP ASP A . n 
A 1 37  PRO 37  1015 1015 PRO PRO A . n 
A 1 38  ASP 38  1016 1016 ASP ASP A . n 
A 1 39  GLU 39  1017 1017 GLU GLU A . n 
A 1 40  VAL 40  1018 1018 VAL VAL A . n 
A 1 41  PRO 41  1019 1019 PRO PRO A . n 
A 1 42  ASP 42  1020 1020 ASP ASP A . n 
A 1 43  TYR 43  1021 1021 TYR TYR A . n 
A 1 44  ARG 44  1022 1022 ARG ARG A . n 
A 1 45  THR 45  1023 1023 THR THR A . n 
A 1 46  VAL 46  1024 1024 VAL VAL A . n 
A 1 47  ILE 47  1025 1025 ILE ILE A . n 
A 1 48  LYS 48  1026 1026 LYS LYS A . n 
A 1 49  GLU 49  1027 1027 GLU GLU A . n 
A 1 50  PRO 50  1028 1028 PRO PRO A . n 
A 1 51  MET 51  1029 1029 MET MET A . n 
A 1 52  ASP 52  1030 1030 ASP ASP A . n 
A 1 53  LEU 53  1031 1031 LEU LEU A . n 
A 1 54  SER 54  1032 1032 SER SER A . n 
A 1 55  SER 55  1033 1033 SER SER A . n 
A 1 56  VAL 56  1034 1034 VAL VAL A . n 
A 1 57  ILE 57  1035 1035 ILE ILE A . n 
A 1 58  SER 58  1036 1036 SER SER A . n 
A 1 59  LYS 59  1037 1037 LYS LYS A . n 
A 1 60  ILE 60  1038 1038 ILE ILE A . n 
A 1 61  ASP 61  1039 1039 ASP ASP A . n 
A 1 62  LEU 62  1040 1040 LEU LEU A . n 
A 1 63  HIS 63  1041 1041 HIS HIS A . n 
A 1 64  LYS 64  1042 1042 LYS LYS A . n 
A 1 65  TYR 65  1043 1043 TYR TYR A . n 
A 1 66  LEU 66  1044 1044 LEU LEU A . n 
A 1 67  THR 67  1045 1045 THR THR A . n 
A 1 68  VAL 68  1046 1046 VAL VAL A . n 
A 1 69  LYS 69  1047 1047 LYS LYS A . n 
A 1 70  ASP 70  1048 1048 ASP ASP A . n 
A 1 71  TYR 71  1049 1049 TYR TYR A . n 
A 1 72  LEU 72  1050 1050 LEU LEU A . n 
A 1 73  ARG 73  1051 1051 ARG ARG A . n 
A 1 74  ASP 74  1052 1052 ASP ASP A . n 
A 1 75  ILE 75  1053 1053 ILE ILE A . n 
A 1 76  ASP 76  1054 1054 ASP ASP A . n 
A 1 77  LEU 77  1055 1055 LEU LEU A . n 
A 1 78  ILE 78  1056 1056 ILE ILE A . n 
A 1 79  CYS 79  1057 1057 CYS CYS A . n 
A 1 80  SER 80  1058 1058 SER SER A . n 
A 1 81  ASN 81  1059 1059 ASN ASN A . n 
A 1 82  ALA 82  1060 1060 ALA ALA A . n 
A 1 83  LEU 83  1061 1061 LEU LEU A . n 
A 1 84  GLU 84  1062 1062 GLU GLU A . n 
A 1 85  TYR 85  1063 1063 TYR TYR A . n 
A 1 86  ASN 86  1064 1064 ASN ASN A . n 
A 1 87  PRO 87  1065 1065 PRO PRO A . n 
A 1 88  ASP 88  1066 1066 ASP ASP A . n 
A 1 89  ARG 89  1067 1067 ARG ARG A . n 
A 1 90  ASP 90  1068 1068 ASP ASP A . n 
A 1 91  PRO 91  1069 1069 PRO PRO A . n 
A 1 92  GLY 92  1070 1070 GLY GLY A . n 
A 1 93  ASP 93  1071 1071 ASP ASP A . n 
A 1 94  ARG 94  1072 1072 ARG ARG A . n 
A 1 95  LEU 95  1073 1073 LEU LEU A . n 
A 1 96  ILE 96  1074 1074 ILE ILE A . n 
A 1 97  ARG 97  1075 1075 ARG ARG A . n 
A 1 98  HIS 98  1076 1076 HIS HIS A . n 
A 1 99  ARG 99  1077 1077 ARG ARG A . n 
A 1 100 ALA 100 1078 1078 ALA ALA A . n 
A 1 101 CYS 101 1079 1079 CYS CYS A . n 
A 1 102 ALA 102 1080 1080 ALA ALA A . n 
A 1 103 LEU 103 1081 1081 LEU LEU A . n 
A 1 104 ARG 104 1082 1082 ARG ARG A . n 
A 1 105 ASP 105 1083 1083 ASP ASP A . n 
A 1 106 THR 106 1084 1084 THR THR A . n 
A 1 107 ALA 107 1085 1085 ALA ALA A . n 
A 1 108 TYR 108 1086 1086 TYR TYR A . n 
A 1 109 ALA 109 1087 1087 ALA ALA A . n 
A 1 110 ILE 110 1088 1088 ILE ILE A . n 
A 1 111 ILE 111 1089 1089 ILE ILE A . n 
A 1 112 LYS 112 1090 1090 LYS LYS A . n 
A 1 113 GLU 113 1091 1091 GLU GLU A . n 
A 1 114 GLU 114 1092 1092 GLU GLU A . n 
A 1 115 LEU 115 1093 1093 LEU LEU A . n 
A 1 116 ASP 116 1094 1094 ASP ASP A . n 
A 1 117 GLU 117 1095 1095 GLU GLU A . n 
A 1 118 ASP 118 1096 1096 ASP ASP A . n 
A 1 119 PHE 119 1097 1097 PHE PHE A . n 
A 1 120 GLU 120 1098 1098 GLU GLU A . n 
A 1 121 GLN 121 1099 1099 GLN GLN A . n 
A 1 122 LEU 122 1100 1100 LEU LEU A . n 
A 1 123 CYS 123 1101 1101 CYS CYS A . n 
A 1 124 GLU 124 1102 1102 GLU GLU A . n 
A 1 125 GLU 125 1103 1103 GLU GLU A . n 
A 1 126 ILE 126 1104 1104 ILE ILE A . n 
A 1 127 GLN 127 1105 1105 GLN GLN A . n 
A 1 128 GLU 128 1106 1106 GLU GLU A . n 
A 1 129 SER 129 1107 1107 SER SER A . n 
A 1 130 ARG 130 1108 1108 ARG ARG A . n 
# 
loop_
_pdbx_nonpoly_scheme.asym_id 
_pdbx_nonpoly_scheme.entity_id 
_pdbx_nonpoly_scheme.mon_id 
_pdbx_nonpoly_scheme.ndb_seq_num 
_pdbx_nonpoly_scheme.pdb_seq_num 
_pdbx_nonpoly_scheme.auth_seq_num 
_pdbx_nonpoly_scheme.pdb_mon_id 
_pdbx_nonpoly_scheme.auth_mon_id 
_pdbx_nonpoly_scheme.pdb_strand_id 
_pdbx_nonpoly_scheme.pdb_ins_code 
B 2 SO4 1   1201 1   SO4 SO4 A . 
C 2 SO4 1   1202 2   SO4 SO4 A . 
D 3 EDO 1   1203 3   EDO EDO A . 
E 3 EDO 1   1204 5   EDO EDO A . 
F 3 EDO 1   1205 6   EDO EDO A . 
G 4 RHJ 1   1206 1   RHJ LIG A . 
H 3 EDO 1   1207 101 EDO EDO A . 
I 3 EDO 1   1208 101 EDO EDO A . 
J 3 EDO 1   1209 101 EDO EDO A . 
K 5 HOH 1   1301 158 HOH HOH A . 
K 5 HOH 2   1302 184 HOH HOH A . 
K 5 HOH 3   1303 128 HOH HOH A . 
K 5 HOH 4   1304 256 HOH HOH A . 
K 5 HOH 5   1305 134 HOH HOH A . 
K 5 HOH 6   1306 200 HOH HOH A . 
K 5 HOH 7   1307 144 HOH HOH A . 
K 5 HOH 8   1308 111 HOH HOH A . 
K 5 HOH 9   1309 79  HOH HOH A . 
K 5 HOH 10  1310 161 HOH HOH A . 
K 5 HOH 11  1311 87  HOH HOH A . 
K 5 HOH 12  1312 59  HOH HOH A . 
K 5 HOH 13  1313 129 HOH HOH A . 
K 5 HOH 14  1314 118 HOH HOH A . 
K 5 HOH 15  1315 191 HOH HOH A . 
K 5 HOH 16  1316 27  HOH HOH A . 
K 5 HOH 17  1317 88  HOH HOH A . 
K 5 HOH 18  1318 68  HOH HOH A . 
K 5 HOH 19  1319 113 HOH HOH A . 
K 5 HOH 20  1320 106 HOH HOH A . 
K 5 HOH 21  1321 221 HOH HOH A . 
K 5 HOH 22  1322 98  HOH HOH A . 
K 5 HOH 23  1323 194 HOH HOH A . 
K 5 HOH 24  1324 50  HOH HOH A . 
K 5 HOH 25  1325 201 HOH HOH A . 
K 5 HOH 26  1326 23  HOH HOH A . 
K 5 HOH 27  1327 203 HOH HOH A . 
K 5 HOH 28  1328 5   HOH HOH A . 
K 5 HOH 29  1329 28  HOH HOH A . 
K 5 HOH 30  1330 257 HOH HOH A . 
K 5 HOH 31  1331 116 HOH HOH A . 
K 5 HOH 32  1332 109 HOH HOH A . 
K 5 HOH 33  1333 171 HOH HOH A . 
K 5 HOH 34  1334 32  HOH HOH A . 
K 5 HOH 35  1335 56  HOH HOH A . 
K 5 HOH 36  1336 29  HOH HOH A . 
K 5 HOH 37  1337 13  HOH HOH A . 
K 5 HOH 38  1338 9   HOH HOH A . 
K 5 HOH 39  1339 236 HOH HOH A . 
K 5 HOH 40  1340 142 HOH HOH A . 
K 5 HOH 41  1341 25  HOH HOH A . 
K 5 HOH 42  1342 75  HOH HOH A . 
K 5 HOH 43  1343 16  HOH HOH A . 
K 5 HOH 44  1344 80  HOH HOH A . 
K 5 HOH 45  1345 64  HOH HOH A . 
K 5 HOH 46  1346 99  HOH HOH A . 
K 5 HOH 47  1347 77  HOH HOH A . 
K 5 HOH 48  1348 165 HOH HOH A . 
K 5 HOH 49  1349 163 HOH HOH A . 
K 5 HOH 50  1350 17  HOH HOH A . 
K 5 HOH 51  1351 206 HOH HOH A . 
K 5 HOH 52  1352 197 HOH HOH A . 
K 5 HOH 53  1353 189 HOH HOH A . 
K 5 HOH 54  1354 162 HOH HOH A . 
K 5 HOH 55  1355 140 HOH HOH A . 
K 5 HOH 56  1356 31  HOH HOH A . 
K 5 HOH 57  1357 19  HOH HOH A . 
K 5 HOH 58  1358 14  HOH HOH A . 
K 5 HOH 59  1359 61  HOH HOH A . 
K 5 HOH 60  1360 34  HOH HOH A . 
K 5 HOH 61  1361 2   HOH HOH A . 
K 5 HOH 62  1362 172 HOH HOH A . 
K 5 HOH 63  1363 47  HOH HOH A . 
K 5 HOH 64  1364 20  HOH HOH A . 
K 5 HOH 65  1365 132 HOH HOH A . 
K 5 HOH 66  1366 21  HOH HOH A . 
K 5 HOH 67  1367 104 HOH HOH A . 
K 5 HOH 68  1368 33  HOH HOH A . 
K 5 HOH 69  1369 22  HOH HOH A . 
K 5 HOH 70  1370 192 HOH HOH A . 
K 5 HOH 71  1371 24  HOH HOH A . 
K 5 HOH 72  1372 42  HOH HOH A . 
K 5 HOH 73  1373 46  HOH HOH A . 
K 5 HOH 74  1374 131 HOH HOH A . 
K 5 HOH 75  1375 1   HOH HOH A . 
K 5 HOH 76  1376 160 HOH HOH A . 
K 5 HOH 77  1377 141 HOH HOH A . 
K 5 HOH 78  1378 7   HOH HOH A . 
K 5 HOH 79  1379 139 HOH HOH A . 
K 5 HOH 80  1380 43  HOH HOH A . 
K 5 HOH 81  1381 73  HOH HOH A . 
K 5 HOH 82  1382 45  HOH HOH A . 
K 5 HOH 83  1383 76  HOH HOH A . 
K 5 HOH 84  1384 92  HOH HOH A . 
K 5 HOH 85  1385 120 HOH HOH A . 
K 5 HOH 86  1386 89  HOH HOH A . 
K 5 HOH 87  1387 40  HOH HOH A . 
K 5 HOH 88  1388 67  HOH HOH A . 
K 5 HOH 89  1389 107 HOH HOH A . 
K 5 HOH 90  1390 187 HOH HOH A . 
K 5 HOH 91  1391 176 HOH HOH A . 
K 5 HOH 92  1392 70  HOH HOH A . 
K 5 HOH 93  1393 52  HOH HOH A . 
K 5 HOH 94  1394 48  HOH HOH A . 
K 5 HOH 95  1395 54  HOH HOH A . 
K 5 HOH 96  1396 4   HOH HOH A . 
K 5 HOH 97  1397 36  HOH HOH A . 
K 5 HOH 98  1398 105 HOH HOH A . 
K 5 HOH 99  1399 155 HOH HOH A . 
K 5 HOH 100 1400 58  HOH HOH A . 
K 5 HOH 101 1401 154 HOH HOH A . 
K 5 HOH 102 1402 124 HOH HOH A . 
K 5 HOH 103 1403 15  HOH HOH A . 
K 5 HOH 104 1404 85  HOH HOH A . 
K 5 HOH 105 1405 62  HOH HOH A . 
K 5 HOH 106 1406 6   HOH HOH A . 
K 5 HOH 107 1407 12  HOH HOH A . 
K 5 HOH 108 1408 83  HOH HOH A . 
K 5 HOH 109 1409 49  HOH HOH A . 
K 5 HOH 110 1410 30  HOH HOH A . 
K 5 HOH 111 1411 86  HOH HOH A . 
K 5 HOH 112 1412 216 HOH HOH A . 
K 5 HOH 113 1413 102 HOH HOH A . 
K 5 HOH 114 1414 90  HOH HOH A . 
K 5 HOH 115 1415 95  HOH HOH A . 
K 5 HOH 116 1416 101 HOH HOH A . 
K 5 HOH 117 1417 3   HOH HOH A . 
K 5 HOH 118 1418 237 HOH HOH A . 
K 5 HOH 119 1419 130 HOH HOH A . 
K 5 HOH 120 1420 18  HOH HOH A . 
K 5 HOH 121 1421 147 HOH HOH A . 
K 5 HOH 122 1422 100 HOH HOH A . 
K 5 HOH 123 1423 39  HOH HOH A . 
K 5 HOH 124 1424 72  HOH HOH A . 
K 5 HOH 125 1425 246 HOH HOH A . 
K 5 HOH 126 1426 82  HOH HOH A . 
K 5 HOH 127 1427 196 HOH HOH A . 
K 5 HOH 128 1428 26  HOH HOH A . 
K 5 HOH 129 1429 78  HOH HOH A . 
K 5 HOH 130 1430 53  HOH HOH A . 
K 5 HOH 131 1431 207 HOH HOH A . 
K 5 HOH 132 1432 209 HOH HOH A . 
K 5 HOH 133 1433 10  HOH HOH A . 
K 5 HOH 134 1434 190 HOH HOH A . 
K 5 HOH 135 1435 123 HOH HOH A . 
K 5 HOH 136 1436 97  HOH HOH A . 
K 5 HOH 137 1437 11  HOH HOH A . 
K 5 HOH 138 1438 122 HOH HOH A . 
K 5 HOH 139 1439 115 HOH HOH A . 
K 5 HOH 140 1440 234 HOH HOH A . 
K 5 HOH 141 1441 254 HOH HOH A . 
K 5 HOH 142 1442 145 HOH HOH A . 
K 5 HOH 143 1443 243 HOH HOH A . 
K 5 HOH 144 1444 177 HOH HOH A . 
K 5 HOH 145 1445 247 HOH HOH A . 
K 5 HOH 146 1446 240 HOH HOH A . 
K 5 HOH 147 1447 57  HOH HOH A . 
K 5 HOH 148 1448 180 HOH HOH A . 
K 5 HOH 149 1449 230 HOH HOH A . 
K 5 HOH 150 1450 175 HOH HOH A . 
K 5 HOH 151 1451 94  HOH HOH A . 
K 5 HOH 152 1452 93  HOH HOH A . 
K 5 HOH 153 1453 178 HOH HOH A . 
K 5 HOH 154 1454 179 HOH HOH A . 
K 5 HOH 155 1455 38  HOH HOH A . 
K 5 HOH 156 1456 258 HOH HOH A . 
K 5 HOH 157 1457 96  HOH HOH A . 
K 5 HOH 158 1458 199 HOH HOH A . 
K 5 HOH 159 1459 215 HOH HOH A . 
K 5 HOH 160 1460 181 HOH HOH A . 
K 5 HOH 161 1461 188 HOH HOH A . 
K 5 HOH 162 1462 244 HOH HOH A . 
K 5 HOH 163 1463 69  HOH HOH A . 
K 5 HOH 164 1464 164 HOH HOH A . 
K 5 HOH 165 1465 81  HOH HOH A . 
K 5 HOH 166 1466 41  HOH HOH A . 
K 5 HOH 167 1467 167 HOH HOH A . 
K 5 HOH 168 1468 186 HOH HOH A . 
K 5 HOH 169 1469 114 HOH HOH A . 
K 5 HOH 170 1470 152 HOH HOH A . 
K 5 HOH 171 1471 91  HOH HOH A . 
K 5 HOH 172 1472 60  HOH HOH A . 
K 5 HOH 173 1473 150 HOH HOH A . 
K 5 HOH 174 1474 159 HOH HOH A . 
K 5 HOH 175 1475 110 HOH HOH A . 
K 5 HOH 176 1476 217 HOH HOH A . 
K 5 HOH 177 1477 225 HOH HOH A . 
K 5 HOH 178 1478 224 HOH HOH A . 
K 5 HOH 179 1479 220 HOH HOH A . 
K 5 HOH 180 1480 37  HOH HOH A . 
K 5 HOH 181 1481 250 HOH HOH A . 
K 5 HOH 182 1482 135 HOH HOH A . 
K 5 HOH 183 1483 151 HOH HOH A . 
K 5 HOH 184 1484 210 HOH HOH A . 
K 5 HOH 185 1485 205 HOH HOH A . 
K 5 HOH 186 1486 103 HOH HOH A . 
K 5 HOH 187 1487 8   HOH HOH A . 
K 5 HOH 188 1488 112 HOH HOH A . 
K 5 HOH 189 1489 146 HOH HOH A . 
K 5 HOH 190 1490 157 HOH HOH A . 
K 5 HOH 191 1491 84  HOH HOH A . 
K 5 HOH 192 1492 143 HOH HOH A . 
K 5 HOH 193 1493 233 HOH HOH A . 
K 5 HOH 194 1494 125 HOH HOH A . 
K 5 HOH 195 1495 119 HOH HOH A . 
K 5 HOH 196 1496 174 HOH HOH A . 
K 5 HOH 197 1497 66  HOH HOH A . 
K 5 HOH 198 1498 74  HOH HOH A . 
K 5 HOH 199 1499 44  HOH HOH A . 
K 5 HOH 200 1500 71  HOH HOH A . 
K 5 HOH 201 1501 185 HOH HOH A . 
K 5 HOH 202 1502 127 HOH HOH A . 
K 5 HOH 203 1503 149 HOH HOH A . 
K 5 HOH 204 1504 63  HOH HOH A . 
K 5 HOH 205 1505 251 HOH HOH A . 
K 5 HOH 206 1506 35  HOH HOH A . 
K 5 HOH 207 1507 117 HOH HOH A . 
K 5 HOH 208 1508 148 HOH HOH A . 
K 5 HOH 209 1509 137 HOH HOH A . 
K 5 HOH 210 1510 168 HOH HOH A . 
K 5 HOH 211 1511 245 HOH HOH A . 
K 5 HOH 212 1512 211 HOH HOH A . 
K 5 HOH 213 1513 183 HOH HOH A . 
K 5 HOH 214 1514 255 HOH HOH A . 
K 5 HOH 215 1515 249 HOH HOH A . 
K 5 HOH 216 1516 219 HOH HOH A . 
K 5 HOH 217 1517 213 HOH HOH A . 
K 5 HOH 218 1518 121 HOH HOH A . 
K 5 HOH 219 1519 136 HOH HOH A . 
K 5 HOH 220 1520 214 HOH HOH A . 
K 5 HOH 221 1521 204 HOH HOH A . 
# 
loop_
_pdbx_unobs_or_zero_occ_atoms.id 
_pdbx_unobs_or_zero_occ_atoms.PDB_model_num 
_pdbx_unobs_or_zero_occ_atoms.polymer_flag 
_pdbx_unobs_or_zero_occ_atoms.occupancy_flag 
_pdbx_unobs_or_zero_occ_atoms.auth_asym_id 
_pdbx_unobs_or_zero_occ_atoms.auth_comp_id 
_pdbx_unobs_or_zero_occ_atoms.auth_seq_id 
_pdbx_unobs_or_zero_occ_atoms.PDB_ins_code 
_pdbx_unobs_or_zero_occ_atoms.auth_atom_id 
_pdbx_unobs_or_zero_occ_atoms.label_alt_id 
_pdbx_unobs_or_zero_occ_atoms.label_asym_id 
_pdbx_unobs_or_zero_occ_atoms.label_comp_id 
_pdbx_unobs_or_zero_occ_atoms.label_seq_id 
_pdbx_unobs_or_zero_occ_atoms.label_atom_id 
1 1 Y 1 A LYS 1004 ? CG ? A LYS 26 CG 
2 1 Y 1 A LYS 1004 ? CD ? A LYS 26 CD 
3 1 Y 1 A LYS 1004 ? CE ? A LYS 26 CE 
4 1 Y 1 A LYS 1004 ? NZ ? A LYS 26 NZ 
# 
loop_
_software.pdbx_ordinal 
_software.name 
_software.version 
_software.date 
_software.type 
_software.contact_author 
_software.contact_author_email 
_software.classification 
_software.location 
_software.language 
_software.citation_id 
1 REFMAC      5.8.0238 ?               program 'Garib N. Murshudov' garib@ysbl.york.ac.uk    refinement        
http://www.ccp4.ac.uk/dist/html/refmac5.html        Fortran_77 ? 
2 Aimless     0.5.23   02/02/16        program 'Phil Evans'         ?                        'data scaling'    
http://www.mrc-lmb.cam.ac.uk/harry/pre/aimless.html ?          ? 
3 PDB_EXTRACT 3.23     'SEP. 23, 2016' package PDB                  deposit@deposit.rcsb.org 'data extraction' 
http://sw-tools.pdb.org/apps/PDB_EXTRACT/           C++        ? 
4 XDS         .        ?               program ?                    ?                        'data reduction'  ? ?          ? 
5 REFMAC      .        ?               program ?                    ?                        phasing           ? ?          ? 
# 
_cell.entry_id           5QXM 
_cell.length_a           80.769 
_cell.length_b           80.769 
_cell.length_c           140.797 
_cell.angle_alpha        90.000 
_cell.angle_beta         90.000 
_cell.angle_gamma        120.000 
_cell.Z_PDB              12 
_cell.pdbx_unique_axis   ? 
# 
_symmetry.entry_id                         5QXM 
_symmetry.space_group_name_H-M             'P 65 2 2' 
_symmetry.pdbx_full_space_group_name_H-M   ? 
_symmetry.cell_setting                     ? 
_symmetry.Int_Tables_number                179 
# 
_exptl.crystals_number   1 
_exptl.entry_id          5QXM 
_exptl.method            'X-RAY DIFFRACTION' 
# 
_exptl_crystal.id                    1 
_exptl_crystal.pdbx_mosaicity        0.050 
_exptl_crystal.pdbx_mosaicity_esd    ? 
_exptl_crystal.density_Matthews      4.2 
_exptl_crystal.density_diffrn        ? 
_exptl_crystal.density_meas          ? 
_exptl_crystal.density_meas_temp     ? 
_exptl_crystal.density_percent_sol   70.7 
_exptl_crystal.size_max              ? 
_exptl_crystal.size_mid              ? 
_exptl_crystal.size_min              ? 
_exptl_crystal.size_rad              ? 
_exptl_crystal.description           ? 
# 
_exptl_crystal_grow.crystal_id      1 
_exptl_crystal_grow.method          'VAPOR DIFFUSION, SITTING DROP' 
_exptl_crystal_grow.pH              5.5 
_exptl_crystal_grow.temp            277 
_exptl_crystal_grow.pdbx_details    '1.6M Ammonium Sulfate, 0.1M bis-tris pH 5.5' 
_exptl_crystal_grow.temp_details    ? 
_exptl_crystal_grow.pdbx_pH_range   ? 
# 
_diffrn.id                     1 
_diffrn.ambient_temp           100 
_diffrn.crystal_id             1 
_diffrn.ambient_temp_details   ? 
# 
_diffrn_detector.detector               PIXEL 
_diffrn_detector.type                   'DECTRIS PILATUS 6M' 
_diffrn_detector.pdbx_collection_date   2016-04-23 
_diffrn_detector.diffrn_id              1 
_diffrn_detector.details                ? 
# 
_diffrn_radiation.diffrn_id                        1 
_diffrn_radiation.wavelength_id                    1 
_diffrn_radiation.pdbx_diffrn_protocol             'SINGLE WAVELENGTH' 
_diffrn_radiation.pdbx_monochromatic_or_laue_m_l   ? 
_diffrn_radiation.monochromator                    ? 
_diffrn_radiation.pdbx_scattering_type             x-ray 
# 
_diffrn_radiation_wavelength.id           1 
_diffrn_radiation_wavelength.wavelength   0.92819 
_diffrn_radiation_wavelength.wt           1.0 
# 
_diffrn_source.diffrn_id                   1 
_diffrn_source.source                      SYNCHROTRON 
_diffrn_source.type                        'DIAMOND BEAMLINE I04-1' 
_diffrn_source.pdbx_wavelength_list        0.92819 
_diffrn_source.pdbx_synchrotron_site       Diamond 
_diffrn_source.pdbx_synchrotron_beamline   I04-1 
_diffrn_source.pdbx_wavelength             ? 
# 
_reflns.entry_id                     5QXM 
_reflns.pdbx_diffrn_id               1 
_reflns.pdbx_ordinal                 1 
_reflns.observed_criterion_sigma_I   ? 
_reflns.observed_criterion_sigma_F   ? 
_reflns.d_resolution_low             28.160 
_reflns.d_resolution_high            1.500 
_reflns.number_obs                   44064 
_reflns.number_all                   ? 
_reflns.percent_possible_obs         99.700 
_reflns.pdbx_Rmerge_I_obs            0.074 
_reflns.pdbx_Rsym_value              ? 
_reflns.pdbx_netI_over_sigmaI        26.000 
_reflns.B_iso_Wilson_estimate        ? 
_reflns.pdbx_redundancy              19.400 
_reflns.pdbx_Rrim_I_all              0.076 
_reflns.pdbx_Rpim_I_all              0.017 
_reflns.pdbx_CC_half                 1.000 
_reflns.pdbx_netI_over_av_sigmaI     ? 
_reflns.pdbx_number_measured_all     853799 
_reflns.pdbx_scaling_rejects         0 
_reflns.pdbx_chi_squared             ? 
_reflns.Rmerge_F_all                 ? 
_reflns.Rmerge_F_obs                 ? 
_reflns.observed_criterion_F_max     ? 
_reflns.observed_criterion_F_min     ? 
_reflns.observed_criterion_I_max     ? 
_reflns.observed_criterion_I_min     ? 
_reflns.pdbx_d_res_high_opt          ? 
_reflns.pdbx_d_res_low_opt           ? 
_reflns.details                      ? 
# 
loop_
_reflns_shell.pdbx_diffrn_id 
_reflns_shell.pdbx_ordinal 
_reflns_shell.d_res_high 
_reflns_shell.d_res_low 
_reflns_shell.number_measured_obs 
_reflns_shell.number_measured_all 
_reflns_shell.number_unique_obs 
_reflns_shell.pdbx_rejects 
_reflns_shell.Rmerge_I_obs 
_reflns_shell.meanI_over_sigI_obs 
_reflns_shell.pdbx_Rsym_value 
_reflns_shell.pdbx_chi_squared 
_reflns_shell.pdbx_redundancy 
_reflns_shell.percent_possible_obs 
_reflns_shell.pdbx_netI_over_sigmaI_obs 
_reflns_shell.number_possible 
_reflns_shell.number_unique_all 
_reflns_shell.Rmerge_F_all 
_reflns_shell.Rmerge_F_obs 
_reflns_shell.Rmerge_I_all 
_reflns_shell.meanI_over_sigI_all 
_reflns_shell.percent_possible_all 
_reflns_shell.pdbx_Rrim_I_all 
_reflns_shell.pdbx_Rpim_I_all 
_reflns_shell.pdbx_CC_half 
1 1 1.500 1.540  ? 58566 ? ? 0.810 ? ? ? 19.000 ? 4.000  ? 3079 ? ? ? ? 96.400 0.832 0.187 0.912 
1 2 6.710 28.160 ? 10483 ? ? 0.032 ? ? ? 17.400 ? 81.600 ? 601  ? ? ? ? 98.700 0.033 0.008 1.000 
# 
_refine.entry_id                                 5QXM 
_refine.pdbx_refine_id                           'X-RAY DIFFRACTION' 
_refine.ls_d_res_high                            1.5000 
_refine.ls_d_res_low                             28.0600 
_refine.pdbx_ls_sigma_F                          0.000 
_refine.pdbx_data_cutoff_high_absF               ? 
_refine.pdbx_data_cutoff_low_absF                ? 
_refine.ls_percent_reflns_obs                    99.6900 
_refine.ls_number_reflns_obs                     41753 
_refine.ls_number_reflns_all                     ? 
_refine.pdbx_ls_cross_valid_method               THROUGHOUT 
_refine.ls_matrix_type                           ? 
_refine.pdbx_R_Free_selection_details            RANDOM 
_refine.details                                  
'HYDROGENS HAVE BEEN ADDED IN THE RIDING POSITIONS U VALUES      : REFINED INDIVIDUALLY' 
_refine.ls_R_factor_all                          ? 
_refine.ls_R_factor_obs                          0.1648 
_refine.ls_R_factor_R_work                       0.1641 
_refine.ls_wR_factor_R_work                      ? 
_refine.ls_R_factor_R_free                       0.1786 
_refine.ls_wR_factor_R_free                      ? 
_refine.ls_percent_reflns_R_free                 5.1000 
_refine.ls_number_reflns_R_free                  2240 
_refine.ls_number_reflns_R_work                  ? 
_refine.ls_R_factor_R_free_error                 ? 
_refine.B_iso_mean                               23.7640 
_refine.solvent_model_param_bsol                 ? 
_refine.solvent_model_param_ksol                 ? 
_refine.pdbx_isotropic_thermal_model             ? 
_refine.aniso_B[1][1]                            0.2000 
_refine.aniso_B[2][2]                            0.2000 
_refine.aniso_B[3][3]                            -0.6300 
_refine.aniso_B[1][2]                            0.1000 
_refine.aniso_B[1][3]                            -0.0000 
_refine.aniso_B[2][3]                            0.0000 
_refine.correlation_coeff_Fo_to_Fc               0.9690 
_refine.correlation_coeff_Fo_to_Fc_free          0.9660 
_refine.overall_SU_R_Cruickshank_DPI             ? 
_refine.pdbx_overall_SU_R_free_Cruickshank_DPI   ? 
_refine.pdbx_overall_SU_R_Blow_DPI               ? 
_refine.pdbx_overall_SU_R_free_Blow_DPI          ? 
_refine.overall_SU_R_free                        ? 
_refine.pdbx_overall_ESU_R                       0.0650 
_refine.pdbx_overall_ESU_R_Free                  0.0630 
_refine.overall_SU_ML                            0.0410 
_refine.overall_SU_B                             1.1000 
_refine.solvent_model_details                    MASK 
_refine.pdbx_solvent_vdw_probe_radii             1.2000 
_refine.pdbx_solvent_ion_probe_radii             0.8000 
_refine.pdbx_solvent_shrinkage_radii             0.8000 
_refine.ls_number_parameters                     ? 
_refine.ls_number_restraints                     ? 
_refine.pdbx_starting_model                      3DAI 
_refine.pdbx_method_to_determine_struct          'FOURIER SYNTHESIS' 
_refine.pdbx_stereochemistry_target_values       'MAXIMUM LIKELIHOOD' 
_refine.pdbx_stereochem_target_val_spec_case     ? 
_refine.overall_FOM_work_R_set                   ? 
_refine.B_iso_max                                94.740 
_refine.B_iso_min                                9.840 
_refine.pdbx_overall_phase_error                 ? 
_refine.occupancy_max                            ? 
_refine.occupancy_min                            ? 
_refine.pdbx_diffrn_id                           1 
_refine.pdbx_TLS_residual_ADP_flag               ? 
_refine.pdbx_ls_sigma_I                          ? 
_refine.pdbx_data_cutoff_high_rms_absF           ? 
_refine.ls_R_factor_R_free_error_details         ? 
# 
_refine_hist.cycle_id                         final 
_refine_hist.pdbx_refine_id                   'X-RAY DIFFRACTION' 
_refine_hist.d_res_high                       1.5000 
_refine_hist.d_res_low                        28.0600 
_refine_hist.pdbx_number_atoms_ligand         53 
_refine_hist.number_atoms_solvent             221 
_refine_hist.number_atoms_total               1358 
_refine_hist.pdbx_number_residues_total       130 
_refine_hist.pdbx_B_iso_mean_ligand           36.06 
_refine_hist.pdbx_B_iso_mean_solvent          35.31 
_refine_hist.pdbx_number_atoms_protein        1084 
_refine_hist.pdbx_number_atoms_nucleic_acid   0 
# 
loop_
_refine_ls_restr.pdbx_refine_id 
_refine_ls_restr.type 
_refine_ls_restr.number 
_refine_ls_restr.dev_ideal 
_refine_ls_restr.dev_ideal_target 
_refine_ls_restr.weight 
_refine_ls_restr.pdbx_restraint_function 
'X-RAY DIFFRACTION' r_bond_refined_d       3088 0.014  0.016  ? ? 
'X-RAY DIFFRACTION' r_bond_other_d         1819 0.001  0.017  ? ? 
'X-RAY DIFFRACTION' r_angle_refined_deg    2825 1.991  1.716  ? ? 
'X-RAY DIFFRACTION' r_angle_other_deg      4294 1.402  1.636  ? ? 
'X-RAY DIFFRACTION' r_dihedral_angle_1_deg 274  5.164  5.000  ? ? 
'X-RAY DIFFRACTION' r_dihedral_angle_2_deg 121  29.420 22.231 ? ? 
'X-RAY DIFFRACTION' r_dihedral_angle_3_deg 346  14.289 15.000 ? ? 
'X-RAY DIFFRACTION' r_dihedral_angle_4_deg 19   14.216 15.000 ? ? 
'X-RAY DIFFRACTION' r_chiral_restr         264  0.097  0.200  ? ? 
'X-RAY DIFFRACTION' r_gen_planes_refined   2467 0.010  0.020  ? ? 
'X-RAY DIFFRACTION' r_gen_planes_other     424  0.004  0.020  ? ? 
'X-RAY DIFFRACTION' r_mcbond_it            1412 1.612  2.101  ? ? 
'X-RAY DIFFRACTION' r_mcbond_other         1342 1.636  2.053  ? ? 
'X-RAY DIFFRACTION' r_mcangle_it           1252 3.226  2.980  ? ? 
# 
_refine_ls_shell.d_res_high                       1.5000 
_refine_ls_shell.d_res_low                        1.5390 
_refine_ls_shell.pdbx_total_number_of_bins_used   20 
_refine_ls_shell.percent_reflns_obs               96.2800 
_refine_ls_shell.number_reflns_R_work             2892 
_refine_ls_shell.R_factor_all                     ? 
_refine_ls_shell.R_factor_R_work                  0.2200 
_refine_ls_shell.R_factor_R_free                  0.2350 
_refine_ls_shell.percent_reflns_R_free            ? 
_refine_ls_shell.number_reflns_R_free             184 
_refine_ls_shell.R_factor_R_free_error            ? 
_refine_ls_shell.number_reflns_all                3076 
_refine_ls_shell.number_reflns_obs                ? 
_refine_ls_shell.pdbx_refine_id                   'X-RAY DIFFRACTION' 
# 
_struct.entry_id                  5QXM 
_struct.title                     'PanDDA analysis group deposition -- Crystal Structure of ATAD2 in complex with DF789' 
_struct.pdbx_model_details        ? 
_struct.pdbx_CASP_flag            ? 
_struct.pdbx_model_type_details   ? 
# 
_struct_keywords.entry_id        5QXM 
_struct_keywords.text            
'SGC - Diamond I04-1 fragment screening, PanDDA, XChemExplorer, HYDROLASE-HYDROLASE INHIBITOR complex' 
_struct_keywords.pdbx_keywords   'HYDROLASE/HYDROLASE INHIBITOR' 
# 
loop_
_struct_asym.id 
_struct_asym.pdbx_blank_PDB_chainid_flag 
_struct_asym.pdbx_modified 
_struct_asym.entity_id 
_struct_asym.details 
A N N 1 ? 
B N N 2 ? 
C N N 2 ? 
D N N 3 ? 
E N N 3 ? 
F N N 3 ? 
G N N 4 ? 
H N N 3 ? 
I N N 3 ? 
J N N 3 ? 
K N N 5 ? 
# 
_struct_ref.id                         1 
_struct_ref.db_name                    UNP 
_struct_ref.db_code                    ATAD2_HUMAN 
_struct_ref.pdbx_db_accession          Q6PL18 
_struct_ref.pdbx_db_isoform            ? 
_struct_ref.entity_id                  1 
_struct_ref.pdbx_seq_one_letter_code   
;QEEDTFRELRIFLRNVTHRLAIDKRFRVFTKPVDPDEVPDYVTVIKQPMDLSSVISKIDLHKYLTVKDYLRDIDLICSNA
LEYNPDRDPGDRLIRHRACALRDTAYAIIKEELDEDFEQLCEEIQESR
;
_struct_ref.pdbx_align_begin           981 
# 
_struct_ref_seq.align_id                      1 
_struct_ref_seq.ref_id                        1 
_struct_ref_seq.pdbx_PDB_id_code              5QXM 
_struct_ref_seq.pdbx_strand_id                A 
_struct_ref_seq.seq_align_beg                 3 
_struct_ref_seq.pdbx_seq_align_beg_ins_code   ? 
_struct_ref_seq.seq_align_end                 130 
_struct_ref_seq.pdbx_seq_align_end_ins_code   ? 
_struct_ref_seq.pdbx_db_accession             Q6PL18 
_struct_ref_seq.db_align_beg                  981 
_struct_ref_seq.pdbx_db_align_beg_ins_code    ? 
_struct_ref_seq.db_align_end                  1108 
_struct_ref_seq.pdbx_db_align_end_ins_code    ? 
_struct_ref_seq.pdbx_auth_seq_align_beg       981 
_struct_ref_seq.pdbx_auth_seq_align_end       1108 
# 
loop_
_struct_ref_seq_dif.align_id 
_struct_ref_seq_dif.pdbx_pdb_id_code 
_struct_ref_seq_dif.mon_id 
_struct_ref_seq_dif.pdbx_pdb_strand_id 
_struct_ref_seq_dif.seq_num 
_struct_ref_seq_dif.pdbx_pdb_ins_code 
_struct_ref_seq_dif.pdbx_seq_db_name 
_struct_ref_seq_dif.pdbx_seq_db_accession_code 
_struct_ref_seq_dif.db_mon_id 
_struct_ref_seq_dif.pdbx_seq_db_seq_num 
_struct_ref_seq_dif.details 
_struct_ref_seq_dif.pdbx_auth_seq_num 
_struct_ref_seq_dif.pdbx_ordinal 
1 5QXM SER A 1  ? UNP Q6PL18 ?   ?    'expression tag' 979  1 
1 5QXM MET A 2  ? UNP Q6PL18 ?   ?    'expression tag' 980  2 
1 5QXM ARG A 44 ? UNP Q6PL18 VAL 1022 conflict         1022 3 
1 5QXM GLU A 49 ? UNP Q6PL18 GLN 1027 conflict         1027 4 
# 
_pdbx_struct_assembly.id                   1 
_pdbx_struct_assembly.details              author_and_software_defined_assembly 
_pdbx_struct_assembly.method_details       PISA 
_pdbx_struct_assembly.oligomeric_details   monomeric 
_pdbx_struct_assembly.oligomeric_count     1 
# 
_pdbx_struct_assembly_gen.assembly_id       1 
_pdbx_struct_assembly_gen.oper_expression   1 
_pdbx_struct_assembly_gen.asym_id_list      A,B,C,D,E,F,G,H,I,J,K 
# 
_pdbx_struct_oper_list.id                   1 
_pdbx_struct_oper_list.type                 'identity operation' 
_pdbx_struct_oper_list.name                 1_555 
_pdbx_struct_oper_list.symmetry_operation   x,y,z 
_pdbx_struct_oper_list.matrix[1][1]         1.0000000000 
_pdbx_struct_oper_list.matrix[1][2]         0.0000000000 
_pdbx_struct_oper_list.matrix[1][3]         0.0000000000 
_pdbx_struct_oper_list.vector[1]            0.0000000000 
_pdbx_struct_oper_list.matrix[2][1]         0.0000000000 
_pdbx_struct_oper_list.matrix[2][2]         1.0000000000 
_pdbx_struct_oper_list.matrix[2][3]         0.0000000000 
_pdbx_struct_oper_list.vector[2]            0.0000000000 
_pdbx_struct_oper_list.matrix[3][1]         0.0000000000 
_pdbx_struct_oper_list.matrix[3][2]         0.0000000000 
_pdbx_struct_oper_list.matrix[3][3]         1.0000000000 
_pdbx_struct_oper_list.vector[3]            0.0000000000 
# 
loop_
_struct_conf.conf_type_id 
_struct_conf.id 
_struct_conf.pdbx_PDB_helix_id 
_struct_conf.beg_label_comp_id 
_struct_conf.beg_label_asym_id 
_struct_conf.beg_label_seq_id 
_struct_conf.pdbx_beg_PDB_ins_code 
_struct_conf.end_label_comp_id 
_struct_conf.end_label_asym_id 
_struct_conf.end_label_seq_id 
_struct_conf.pdbx_end_PDB_ins_code 
_struct_conf.beg_auth_comp_id 
_struct_conf.beg_auth_asym_id 
_struct_conf.beg_auth_seq_id 
_struct_conf.end_auth_comp_id 
_struct_conf.end_auth_asym_id 
_struct_conf.end_auth_seq_id 
_struct_conf.pdbx_PDB_helix_class 
_struct_conf.details 
_struct_conf.pdbx_PDB_helix_length 
HELX_P HELX_P1 AA1 SER A 1   ? ILE A 24  ? SER A 979  ILE A 1002 1 ? 24 
HELX_P HELX_P2 AA2 ASP A 25  ? THR A 32  ? ASP A 1003 THR A 1010 5 ? 8  
HELX_P HELX_P3 AA3 ASP A 42  ? ILE A 47  ? ASP A 1020 ILE A 1025 1 ? 6  
HELX_P HELX_P4 AA4 ASP A 52  ? LEU A 62  ? ASP A 1030 LEU A 1040 1 ? 11 
HELX_P HELX_P5 AA5 THR A 67  ? ASN A 86  ? THR A 1045 ASN A 1064 1 ? 20 
HELX_P HELX_P6 AA6 ASP A 90  ? LEU A 115 ? ASP A 1068 LEU A 1093 1 ? 26 
HELX_P HELX_P7 AA7 ASP A 116 ? SER A 129 ? ASP A 1094 SER A 1107 1 ? 14 
# 
_struct_conf_type.id          HELX_P 
_struct_conf_type.criteria    ? 
_struct_conf_type.reference   ? 
# 
loop_
_struct_site.id 
_struct_site.pdbx_evidence_code 
_struct_site.pdbx_auth_asym_id 
_struct_site.pdbx_auth_comp_id 
_struct_site.pdbx_auth_seq_id 
_struct_site.pdbx_auth_ins_code 
_struct_site.pdbx_num_residues 
_struct_site.details 
AC1 Software A SO4 1201 ? 8 'binding site for residue SO4 A 1201' 
AC2 Software A SO4 1202 ? 8 'binding site for residue SO4 A 1202' 
AC3 Software A EDO 1203 ? 4 'binding site for residue EDO A 1203' 
AC4 Software A EDO 1204 ? 4 'binding site for residue EDO A 1204' 
AC5 Software A EDO 1205 ? 5 'binding site for residue EDO A 1205' 
AC6 Software A RHJ 1206 ? 7 'binding site for residue RHJ A 1206' 
AC7 Software A EDO 1207 ? 6 'binding site for residue EDO A 1207' 
AC8 Software A EDO 1208 ? 2 'binding site for residue EDO A 1208' 
AC9 Software A EDO 1209 ? 6 'binding site for residue EDO A 1209' 
# 
loop_
_struct_site_gen.id 
_struct_site_gen.site_id 
_struct_site_gen.pdbx_num_res 
_struct_site_gen.label_comp_id 
_struct_site_gen.label_asym_id 
_struct_site_gen.label_seq_id 
_struct_site_gen.pdbx_auth_ins_code 
_struct_site_gen.auth_comp_id 
_struct_site_gen.auth_asym_id 
_struct_site_gen.auth_seq_id 
_struct_site_gen.label_atom_id 
_struct_site_gen.label_alt_id 
_struct_site_gen.symmetry 
_struct_site_gen.details 
1  AC1 8 ARG A 9   ? ARG A 987  . ? 6_654  ? 
2  AC1 8 ARG A 12  ? ARG A 990  . ? 6_654  ? 
3  AC1 8 ARG A 16  ? ARG A 994  . ? 6_654  ? 
4  AC1 8 ARG A 89  ? ARG A 1067 . ? 1_555  ? 
5  AC1 8 ARG A 94  ? ARG A 1072 . ? 1_555  ? 
6  AC1 8 HOH K .   ? HOH A 1304 . ? 1_555  ? 
7  AC1 8 HOH K .   ? HOH A 1351 . ? 1_555  ? 
8  AC1 8 HOH K .   ? HOH A 1419 . ? 1_555  ? 
9  AC2 8 LYS A 64  ? LYS A 1042 . ? 12_564 ? 
10 AC2 8 LYS A 64  ? LYS A 1042 . ? 1_555  ? 
11 AC2 8 HOH K .   ? HOH A 1340 . ? 1_555  ? 
12 AC2 8 HOH K .   ? HOH A 1340 . ? 12_564 ? 
13 AC2 8 HOH K .   ? HOH A 1360 . ? 1_555  ? 
14 AC2 8 HOH K .   ? HOH A 1360 . ? 12_564 ? 
15 AC2 8 HOH K .   ? HOH A 1365 . ? 12_564 ? 
16 AC2 8 HOH K .   ? HOH A 1365 . ? 1_555  ? 
17 AC3 4 GLU A 10  ? GLU A 988  . ? 1_555  ? 
18 AC3 4 ASP A 116 ? ASP A 1094 . ? 1_555  ? 
19 AC3 4 PHE A 119 ? PHE A 1097 . ? 1_555  ? 
20 AC3 4 HOH K .   ? HOH A 1361 . ? 1_555  ? 
21 AC4 4 HIS A 20  ? HIS A 998  . ? 10_665 ? 
22 AC4 4 GLU A 113 ? GLU A 1091 . ? 1_555  ? 
23 AC4 4 GLU A 114 ? GLU A 1092 . ? 1_555  ? 
24 AC4 4 ASP A 116 ? ASP A 1094 . ? 1_555  ? 
25 AC5 5 PRO A 50  ? PRO A 1028 . ? 12_564 ? 
26 AC5 5 SER A 58  ? SER A 1036 . ? 1_555  ? 
27 AC5 5 HOH K .   ? HOH A 1326 . ? 1_555  ? 
28 AC5 5 HOH K .   ? HOH A 1383 . ? 1_555  ? 
29 AC5 5 HOH K .   ? HOH A 1442 . ? 1_555  ? 
30 AC6 7 VAL A 30  ? VAL A 1008 . ? 1_555  ? 
31 AC6 7 PHE A 31  ? PHE A 1009 . ? 1_555  ? 
32 AC6 7 VAL A 40  ? VAL A 1018 . ? 1_555  ? 
33 AC6 7 ASN A 86  ? ASN A 1064 . ? 1_555  ? 
34 AC6 7 EDO H .   ? EDO A 1207 . ? 1_555  ? 
35 AC6 7 EDO J .   ? EDO A 1209 . ? 1_555  ? 
36 AC6 7 HOH K .   ? HOH A 1328 . ? 1_555  ? 
37 AC7 6 ASN A 86  ? ASN A 1064 . ? 1_555  ? 
38 AC7 6 ASP A 93  ? ASP A 1071 . ? 1_555  ? 
39 AC7 6 ILE A 96  ? ILE A 1074 . ? 1_555  ? 
40 AC7 6 RHJ G .   ? RHJ A 1206 . ? 1_555  ? 
41 AC7 6 HOH K .   ? HOH A 1331 . ? 1_555  ? 
42 AC7 6 HOH K .   ? HOH A 1355 . ? 1_555  ? 
43 AC8 2 EDO J .   ? EDO A 1209 . ? 1_555  ? 
44 AC8 2 HOH K .   ? HOH A 1330 . ? 1_555  ? 
45 AC9 6 VAL A 30  ? VAL A 1008 . ? 1_555  ? 
46 AC9 6 ILE A 96  ? ILE A 1074 . ? 1_555  ? 
47 AC9 6 ARG A 99  ? ARG A 1077 . ? 1_555  ? 
48 AC9 6 RHJ G .   ? RHJ A 1206 . ? 1_555  ? 
49 AC9 6 EDO I .   ? EDO A 1208 . ? 1_555  ? 
50 AC9 6 HOH K .   ? HOH A 1393 . ? 1_555  ? 
# 
_pdbx_validate_close_contact.id               1 
_pdbx_validate_close_contact.PDB_model_num    1 
_pdbx_validate_close_contact.auth_atom_id_1   CD1 
_pdbx_validate_close_contact.auth_asym_id_1   A 
_pdbx_validate_close_contact.auth_comp_id_1   ILE 
_pdbx_validate_close_contact.auth_seq_id_1    1035 
_pdbx_validate_close_contact.PDB_ins_code_1   ? 
_pdbx_validate_close_contact.label_alt_id_1   B 
_pdbx_validate_close_contact.auth_atom_id_2   O 
_pdbx_validate_close_contact.auth_asym_id_2   A 
_pdbx_validate_close_contact.auth_comp_id_2   HOH 
_pdbx_validate_close_contact.auth_seq_id_2    1449 
_pdbx_validate_close_contact.PDB_ins_code_2   ? 
_pdbx_validate_close_contact.label_alt_id_2   ? 
_pdbx_validate_close_contact.dist             2.17 
# 
loop_
_pdbx_validate_rmsd_bond.id 
_pdbx_validate_rmsd_bond.PDB_model_num 
_pdbx_validate_rmsd_bond.auth_atom_id_1 
_pdbx_validate_rmsd_bond.auth_asym_id_1 
_pdbx_validate_rmsd_bond.auth_comp_id_1 
_pdbx_validate_rmsd_bond.auth_seq_id_1 
_pdbx_validate_rmsd_bond.PDB_ins_code_1 
_pdbx_validate_rmsd_bond.label_alt_id_1 
_pdbx_validate_rmsd_bond.auth_atom_id_2 
_pdbx_validate_rmsd_bond.auth_asym_id_2 
_pdbx_validate_rmsd_bond.auth_comp_id_2 
_pdbx_validate_rmsd_bond.auth_seq_id_2 
_pdbx_validate_rmsd_bond.PDB_ins_code_2 
_pdbx_validate_rmsd_bond.label_alt_id_2 
_pdbx_validate_rmsd_bond.bond_value 
_pdbx_validate_rmsd_bond.bond_target_value 
_pdbx_validate_rmsd_bond.bond_deviation 
_pdbx_validate_rmsd_bond.bond_standard_deviation 
_pdbx_validate_rmsd_bond.linker_flag 
1 1 CD A GLU 982  ? ? OE2 A GLU 982  ? ? 1.319 1.252 0.067 0.011 N 
2 1 CD A GLU 1027 ? ? OE2 A GLU 1027 ? ? 1.322 1.252 0.070 0.011 N 
3 1 CD A GLU 1102 ? ? OE2 A GLU 1102 ? ? 1.356 1.252 0.104 0.011 N 
# 
loop_
_pdbx_validate_rmsd_angle.id 
_pdbx_validate_rmsd_angle.PDB_model_num 
_pdbx_validate_rmsd_angle.auth_atom_id_1 
_pdbx_validate_rmsd_angle.auth_asym_id_1 
_pdbx_validate_rmsd_angle.auth_comp_id_1 
_pdbx_validate_rmsd_angle.auth_seq_id_1 
_pdbx_validate_rmsd_angle.PDB_ins_code_1 
_pdbx_validate_rmsd_angle.label_alt_id_1 
_pdbx_validate_rmsd_angle.auth_atom_id_2 
_pdbx_validate_rmsd_angle.auth_asym_id_2 
_pdbx_validate_rmsd_angle.auth_comp_id_2 
_pdbx_validate_rmsd_angle.auth_seq_id_2 
_pdbx_validate_rmsd_angle.PDB_ins_code_2 
_pdbx_validate_rmsd_angle.label_alt_id_2 
_pdbx_validate_rmsd_angle.auth_atom_id_3 
_pdbx_validate_rmsd_angle.auth_asym_id_3 
_pdbx_validate_rmsd_angle.auth_comp_id_3 
_pdbx_validate_rmsd_angle.auth_seq_id_3 
_pdbx_validate_rmsd_angle.PDB_ins_code_3 
_pdbx_validate_rmsd_angle.label_alt_id_3 
_pdbx_validate_rmsd_angle.angle_value 
_pdbx_validate_rmsd_angle.angle_target_value 
_pdbx_validate_rmsd_angle.angle_deviation 
_pdbx_validate_rmsd_angle.angle_standard_deviation 
_pdbx_validate_rmsd_angle.linker_flag 
1 1 NE A ARG 987  ? B CZ A ARG 987  ? B NH1 A ARG 987  ? B 115.24 120.30 -5.06 0.50 N 
2 1 NE A ARG 987  ? C CZ A ARG 987  ? C NH1 A ARG 987  ? C 116.65 120.30 -3.65 0.50 N 
3 1 NE A ARG 987  ? B CZ A ARG 987  ? B NH2 A ARG 987  ? B 124.70 120.30 4.40  0.50 N 
4 1 NE A ARG 987  ? C CZ A ARG 987  ? C NH2 A ARG 987  ? C 123.60 120.30 3.30  0.50 N 
5 1 NE A ARG 994  ? ? CZ A ARG 994  ? ? NH1 A ARG 994  ? ? 123.61 120.30 3.31  0.50 N 
6 1 NE A ARG 994  ? ? CZ A ARG 994  ? ? NH2 A ARG 994  ? ? 116.53 120.30 -3.77 0.50 N 
7 1 NE A ARG 1067 ? ? CZ A ARG 1067 ? ? NH2 A ARG 1067 ? ? 114.65 120.30 -5.65 0.50 N 
# 
_pdbx_validate_torsion.id              1 
_pdbx_validate_torsion.PDB_model_num   1 
_pdbx_validate_torsion.auth_comp_id    ASN 
_pdbx_validate_torsion.auth_asym_id    A 
_pdbx_validate_torsion.auth_seq_id     1064 
_pdbx_validate_torsion.PDB_ins_code    ? 
_pdbx_validate_torsion.label_alt_id    ? 
_pdbx_validate_torsion.phi             -114.70 
_pdbx_validate_torsion.psi             64.71 
# 
loop_
_pdbx_struct_special_symmetry.id 
_pdbx_struct_special_symmetry.PDB_model_num 
_pdbx_struct_special_symmetry.auth_asym_id 
_pdbx_struct_special_symmetry.auth_comp_id 
_pdbx_struct_special_symmetry.auth_seq_id 
_pdbx_struct_special_symmetry.PDB_ins_code 
_pdbx_struct_special_symmetry.label_asym_id 
_pdbx_struct_special_symmetry.label_comp_id 
_pdbx_struct_special_symmetry.label_seq_id 
1 1 A SO4 1202 ? C SO4 . 
2 1 A HOH 1345 ? K HOH . 
# 
_phasing.method   MR 
# 
_pdbx_entry_details.entry_id                 5QXM 
_pdbx_entry_details.has_ligand_of_interest   Y 
_pdbx_entry_details.compound_details         ? 
_pdbx_entry_details.source_details           ? 
_pdbx_entry_details.nonpolymer_details       ? 
_pdbx_entry_details.sequence_details         ? 
# 
loop_
_pdbx_distant_solvent_atoms.id 
_pdbx_distant_solvent_atoms.PDB_model_num 
_pdbx_distant_solvent_atoms.auth_atom_id 
_pdbx_distant_solvent_atoms.label_alt_id 
_pdbx_distant_solvent_atoms.auth_asym_id 
_pdbx_distant_solvent_atoms.auth_comp_id 
_pdbx_distant_solvent_atoms.auth_seq_id 
_pdbx_distant_solvent_atoms.PDB_ins_code 
_pdbx_distant_solvent_atoms.neighbor_macromolecule_distance 
_pdbx_distant_solvent_atoms.neighbor_ligand_distance 
1 1 O ? A HOH 1520 ? 5.87 . 
2 1 O ? A HOH 1521 ? 6.52 . 
# 
loop_
_chem_comp_atom.comp_id 
_chem_comp_atom.atom_id 
_chem_comp_atom.type_symbol 
_chem_comp_atom.pdbx_aromatic_flag 
_chem_comp_atom.pdbx_stereo_config 
_chem_comp_atom.pdbx_ordinal 
ALA N    N N N 1   
ALA CA   C N S 2   
ALA C    C N N 3   
ALA O    O N N 4   
ALA CB   C N N 5   
ALA OXT  O N N 6   
ALA H    H N N 7   
ALA H2   H N N 8   
ALA HA   H N N 9   
ALA HB1  H N N 10  
ALA HB2  H N N 11  
ALA HB3  H N N 12  
ALA HXT  H N N 13  
ARG N    N N N 14  
ARG CA   C N S 15  
ARG C    C N N 16  
ARG O    O N N 17  
ARG CB   C N N 18  
ARG CG   C N N 19  
ARG CD   C N N 20  
ARG NE   N N N 21  
ARG CZ   C N N 22  
ARG NH1  N N N 23  
ARG NH2  N N N 24  
ARG OXT  O N N 25  
ARG H    H N N 26  
ARG H2   H N N 27  
ARG HA   H N N 28  
ARG HB2  H N N 29  
ARG HB3  H N N 30  
ARG HG2  H N N 31  
ARG HG3  H N N 32  
ARG HD2  H N N 33  
ARG HD3  H N N 34  
ARG HE   H N N 35  
ARG HH11 H N N 36  
ARG HH12 H N N 37  
ARG HH21 H N N 38  
ARG HH22 H N N 39  
ARG HXT  H N N 40  
ASN N    N N N 41  
ASN CA   C N S 42  
ASN C    C N N 43  
ASN O    O N N 44  
ASN CB   C N N 45  
ASN CG   C N N 46  
ASN OD1  O N N 47  
ASN ND2  N N N 48  
ASN OXT  O N N 49  
ASN H    H N N 50  
ASN H2   H N N 51  
ASN HA   H N N 52  
ASN HB2  H N N 53  
ASN HB3  H N N 54  
ASN HD21 H N N 55  
ASN HD22 H N N 56  
ASN HXT  H N N 57  
ASP N    N N N 58  
ASP CA   C N S 59  
ASP C    C N N 60  
ASP O    O N N 61  
ASP CB   C N N 62  
ASP CG   C N N 63  
ASP OD1  O N N 64  
ASP OD2  O N N 65  
ASP OXT  O N N 66  
ASP H    H N N 67  
ASP H2   H N N 68  
ASP HA   H N N 69  
ASP HB2  H N N 70  
ASP HB3  H N N 71  
ASP HD2  H N N 72  
ASP HXT  H N N 73  
CYS N    N N N 74  
CYS CA   C N R 75  
CYS C    C N N 76  
CYS O    O N N 77  
CYS CB   C N N 78  
CYS SG   S N N 79  
CYS OXT  O N N 80  
CYS H    H N N 81  
CYS H2   H N N 82  
CYS HA   H N N 83  
CYS HB2  H N N 84  
CYS HB3  H N N 85  
CYS HG   H N N 86  
CYS HXT  H N N 87  
EDO C1   C N N 88  
EDO O1   O N N 89  
EDO C2   C N N 90  
EDO O2   O N N 91  
EDO H11  H N N 92  
EDO H12  H N N 93  
EDO HO1  H N N 94  
EDO H21  H N N 95  
EDO H22  H N N 96  
EDO HO2  H N N 97  
GLN N    N N N 98  
GLN CA   C N S 99  
GLN C    C N N 100 
GLN O    O N N 101 
GLN CB   C N N 102 
GLN CG   C N N 103 
GLN CD   C N N 104 
GLN OE1  O N N 105 
GLN NE2  N N N 106 
GLN OXT  O N N 107 
GLN H    H N N 108 
GLN H2   H N N 109 
GLN HA   H N N 110 
GLN HB2  H N N 111 
GLN HB3  H N N 112 
GLN HG2  H N N 113 
GLN HG3  H N N 114 
GLN HE21 H N N 115 
GLN HE22 H N N 116 
GLN HXT  H N N 117 
GLU N    N N N 118 
GLU CA   C N S 119 
GLU C    C N N 120 
GLU O    O N N 121 
GLU CB   C N N 122 
GLU CG   C N N 123 
GLU CD   C N N 124 
GLU OE1  O N N 125 
GLU OE2  O N N 126 
GLU OXT  O N N 127 
GLU H    H N N 128 
GLU H2   H N N 129 
GLU HA   H N N 130 
GLU HB2  H N N 131 
GLU HB3  H N N 132 
GLU HG2  H N N 133 
GLU HG3  H N N 134 
GLU HE2  H N N 135 
GLU HXT  H N N 136 
GLY N    N N N 137 
GLY CA   C N N 138 
GLY C    C N N 139 
GLY O    O N N 140 
GLY OXT  O N N 141 
GLY H    H N N 142 
GLY H2   H N N 143 
GLY HA2  H N N 144 
GLY HA3  H N N 145 
GLY HXT  H N N 146 
HIS N    N N N 147 
HIS CA   C N S 148 
HIS C    C N N 149 
HIS O    O N N 150 
HIS CB   C N N 151 
HIS CG   C Y N 152 
HIS ND1  N Y N 153 
HIS CD2  C Y N 154 
HIS CE1  C Y N 155 
HIS NE2  N Y N 156 
HIS OXT  O N N 157 
HIS H    H N N 158 
HIS H2   H N N 159 
HIS HA   H N N 160 
HIS HB2  H N N 161 
HIS HB3  H N N 162 
HIS HD1  H N N 163 
HIS HD2  H N N 164 
HIS HE1  H N N 165 
HIS HE2  H N N 166 
HIS HXT  H N N 167 
HOH O    O N N 168 
HOH H1   H N N 169 
HOH H2   H N N 170 
ILE N    N N N 171 
ILE CA   C N S 172 
ILE C    C N N 173 
ILE O    O N N 174 
ILE CB   C N S 175 
ILE CG1  C N N 176 
ILE CG2  C N N 177 
ILE CD1  C N N 178 
ILE OXT  O N N 179 
ILE H    H N N 180 
ILE H2   H N N 181 
ILE HA   H N N 182 
ILE HB   H N N 183 
ILE HG12 H N N 184 
ILE HG13 H N N 185 
ILE HG21 H N N 186 
ILE HG22 H N N 187 
ILE HG23 H N N 188 
ILE HD11 H N N 189 
ILE HD12 H N N 190 
ILE HD13 H N N 191 
ILE HXT  H N N 192 
LEU N    N N N 193 
LEU CA   C N S 194 
LEU C    C N N 195 
LEU O    O N N 196 
LEU CB   C N N 197 
LEU CG   C N N 198 
LEU CD1  C N N 199 
LEU CD2  C N N 200 
LEU OXT  O N N 201 
LEU H    H N N 202 
LEU H2   H N N 203 
LEU HA   H N N 204 
LEU HB2  H N N 205 
LEU HB3  H N N 206 
LEU HG   H N N 207 
LEU HD11 H N N 208 
LEU HD12 H N N 209 
LEU HD13 H N N 210 
LEU HD21 H N N 211 
LEU HD22 H N N 212 
LEU HD23 H N N 213 
LEU HXT  H N N 214 
LYS N    N N N 215 
LYS CA   C N S 216 
LYS C    C N N 217 
LYS O    O N N 218 
LYS CB   C N N 219 
LYS CG   C N N 220 
LYS CD   C N N 221 
LYS CE   C N N 222 
LYS NZ   N N N 223 
LYS OXT  O N N 224 
LYS H    H N N 225 
LYS H2   H N N 226 
LYS HA   H N N 227 
LYS HB2  H N N 228 
LYS HB3  H N N 229 
LYS HG2  H N N 230 
LYS HG3  H N N 231 
LYS HD2  H N N 232 
LYS HD3  H N N 233 
LYS HE2  H N N 234 
LYS HE3  H N N 235 
LYS HZ1  H N N 236 
LYS HZ2  H N N 237 
LYS HZ3  H N N 238 
LYS HXT  H N N 239 
MET N    N N N 240 
MET CA   C N S 241 
MET C    C N N 242 
MET O    O N N 243 
MET CB   C N N 244 
MET CG   C N N 245 
MET SD   S N N 246 
MET CE   C N N 247 
MET OXT  O N N 248 
MET H    H N N 249 
MET H2   H N N 250 
MET HA   H N N 251 
MET HB2  H N N 252 
MET HB3  H N N 253 
MET HG2  H N N 254 
MET HG3  H N N 255 
MET HE1  H N N 256 
MET HE2  H N N 257 
MET HE3  H N N 258 
MET HXT  H N N 259 
PHE N    N N N 260 
PHE CA   C N S 261 
PHE C    C N N 262 
PHE O    O N N 263 
PHE CB   C N N 264 
PHE CG   C Y N 265 
PHE CD1  C Y N 266 
PHE CD2  C Y N 267 
PHE CE1  C Y N 268 
PHE CE2  C Y N 269 
PHE CZ   C Y N 270 
PHE OXT  O N N 271 
PHE H    H N N 272 
PHE H2   H N N 273 
PHE HA   H N N 274 
PHE HB2  H N N 275 
PHE HB3  H N N 276 
PHE HD1  H N N 277 
PHE HD2  H N N 278 
PHE HE1  H N N 279 
PHE HE2  H N N 280 
PHE HZ   H N N 281 
PHE HXT  H N N 282 
PRO N    N N N 283 
PRO CA   C N S 284 
PRO C    C N N 285 
PRO O    O N N 286 
PRO CB   C N N 287 
PRO CG   C N N 288 
PRO CD   C N N 289 
PRO OXT  O N N 290 
PRO H    H N N 291 
PRO HA   H N N 292 
PRO HB2  H N N 293 
PRO HB3  H N N 294 
PRO HG2  H N N 295 
PRO HG3  H N N 296 
PRO HD2  H N N 297 
PRO HD3  H N N 298 
PRO HXT  H N N 299 
RHJ C10  C N S 300 
RHJ C17  C N N 301 
RHJ C02  C N R 302 
RHJ C03  C N N 303 
RHJ C04  C N S 304 
RHJ C05  C N N 305 
RHJ C06  C N S 306 
RHJ C07  C N N 307 
RHJ C09  C N N 308 
RHJ C12  C N R 309 
RHJ C14  C N N 310 
RHJ C16  C N N 311 
RHJ C18  C N N 312 
RHJ C19  C N N 313 
RHJ N08  N N N 314 
RHJ O01  O N N 315 
RHJ O11  O N N 316 
RHJ O13  O N N 317 
RHJ O15  O N N 318 
RHJ H1   H N N 319 
RHJ H2   H N N 320 
RHJ H3   H N N 321 
RHJ H5   H N N 322 
RHJ H6   H N N 323 
RHJ H7   H N N 324 
RHJ H8   H N N 325 
RHJ H9   H N N 326 
RHJ H10  H N N 327 
RHJ H11  H N N 328 
RHJ H12  H N N 329 
RHJ H13  H N N 330 
RHJ H14  H N N 331 
RHJ H15  H N N 332 
RHJ H17  H N N 333 
RHJ H18  H N N 334 
RHJ H19  H N N 335 
RHJ H20  H N N 336 
RHJ H21  H N N 337 
RHJ H22  H N N 338 
RHJ H23  H N N 339 
SER N    N N N 340 
SER CA   C N S 341 
SER C    C N N 342 
SER O    O N N 343 
SER CB   C N N 344 
SER OG   O N N 345 
SER OXT  O N N 346 
SER H    H N N 347 
SER H2   H N N 348 
SER HA   H N N 349 
SER HB2  H N N 350 
SER HB3  H N N 351 
SER HG   H N N 352 
SER HXT  H N N 353 
SO4 S    S N N 354 
SO4 O1   O N N 355 
SO4 O2   O N N 356 
SO4 O3   O N N 357 
SO4 O4   O N N 358 
THR N    N N N 359 
THR CA   C N S 360 
THR C    C N N 361 
THR O    O N N 362 
THR CB   C N R 363 
THR OG1  O N N 364 
THR CG2  C N N 365 
THR OXT  O N N 366 
THR H    H N N 367 
THR H2   H N N 368 
THR HA   H N N 369 
THR HB   H N N 370 
THR HG1  H N N 371 
THR HG21 H N N 372 
THR HG22 H N N 373 
THR HG23 H N N 374 
THR HXT  H N N 375 
TYR N    N N N 376 
TYR CA   C N S 377 
TYR C    C N N 378 
TYR O    O N N 379 
TYR CB   C N N 380 
TYR CG   C Y N 381 
TYR CD1  C Y N 382 
TYR CD2  C Y N 383 
TYR CE1  C Y N 384 
TYR CE2  C Y N 385 
TYR CZ   C Y N 386 
TYR OH   O N N 387 
TYR OXT  O N N 388 
TYR H    H N N 389 
TYR H2   H N N 390 
TYR HA   H N N 391 
TYR HB2  H N N 392 
TYR HB3  H N N 393 
TYR HD1  H N N 394 
TYR HD2  H N N 395 
TYR HE1  H N N 396 
TYR HE2  H N N 397 
TYR HH   H N N 398 
TYR HXT  H N N 399 
VAL N    N N N 400 
VAL CA   C N S 401 
VAL C    C N N 402 
VAL O    O N N 403 
VAL CB   C N N 404 
VAL CG1  C N N 405 
VAL CG2  C N N 406 
VAL OXT  O N N 407 
VAL H    H N N 408 
VAL H2   H N N 409 
VAL HA   H N N 410 
VAL HB   H N N 411 
VAL HG11 H N N 412 
VAL HG12 H N N 413 
VAL HG13 H N N 414 
VAL HG21 H N N 415 
VAL HG22 H N N 416 
VAL HG23 H N N 417 
VAL HXT  H N N 418 
# 
loop_
_chem_comp_bond.comp_id 
_chem_comp_bond.atom_id_1 
_chem_comp_bond.atom_id_2 
_chem_comp_bond.value_order 
_chem_comp_bond.pdbx_aromatic_flag 
_chem_comp_bond.pdbx_stereo_config 
_chem_comp_bond.pdbx_ordinal 
ALA N   CA   sing N N 1   
ALA N   H    sing N N 2   
ALA N   H2   sing N N 3   
ALA CA  C    sing N N 4   
ALA CA  CB   sing N N 5   
ALA CA  HA   sing N N 6   
ALA C   O    doub N N 7   
ALA C   OXT  sing N N 8   
ALA CB  HB1  sing N N 9   
ALA CB  HB2  sing N N 10  
ALA CB  HB3  sing N N 11  
ALA OXT HXT  sing N N 12  
ARG N   CA   sing N N 13  
ARG N   H    sing N N 14  
ARG N   H2   sing N N 15  
ARG CA  C    sing N N 16  
ARG CA  CB   sing N N 17  
ARG CA  HA   sing N N 18  
ARG C   O    doub N N 19  
ARG C   OXT  sing N N 20  
ARG CB  CG   sing N N 21  
ARG CB  HB2  sing N N 22  
ARG CB  HB3  sing N N 23  
ARG CG  CD   sing N N 24  
ARG CG  HG2  sing N N 25  
ARG CG  HG3  sing N N 26  
ARG CD  NE   sing N N 27  
ARG CD  HD2  sing N N 28  
ARG CD  HD3  sing N N 29  
ARG NE  CZ   sing N N 30  
ARG NE  HE   sing N N 31  
ARG CZ  NH1  sing N N 32  
ARG CZ  NH2  doub N N 33  
ARG NH1 HH11 sing N N 34  
ARG NH1 HH12 sing N N 35  
ARG NH2 HH21 sing N N 36  
ARG NH2 HH22 sing N N 37  
ARG OXT HXT  sing N N 38  
ASN N   CA   sing N N 39  
ASN N   H    sing N N 40  
ASN N   H2   sing N N 41  
ASN CA  C    sing N N 42  
ASN CA  CB   sing N N 43  
ASN CA  HA   sing N N 44  
ASN C   O    doub N N 45  
ASN C   OXT  sing N N 46  
ASN CB  CG   sing N N 47  
ASN CB  HB2  sing N N 48  
ASN CB  HB3  sing N N 49  
ASN CG  OD1  doub N N 50  
ASN CG  ND2  sing N N 51  
ASN ND2 HD21 sing N N 52  
ASN ND2 HD22 sing N N 53  
ASN OXT HXT  sing N N 54  
ASP N   CA   sing N N 55  
ASP N   H    sing N N 56  
ASP N   H2   sing N N 57  
ASP CA  C    sing N N 58  
ASP CA  CB   sing N N 59  
ASP CA  HA   sing N N 60  
ASP C   O    doub N N 61  
ASP C   OXT  sing N N 62  
ASP CB  CG   sing N N 63  
ASP CB  HB2  sing N N 64  
ASP CB  HB3  sing N N 65  
ASP CG  OD1  doub N N 66  
ASP CG  OD2  sing N N 67  
ASP OD2 HD2  sing N N 68  
ASP OXT HXT  sing N N 69  
CYS N   CA   sing N N 70  
CYS N   H    sing N N 71  
CYS N   H2   sing N N 72  
CYS CA  C    sing N N 73  
CYS CA  CB   sing N N 74  
CYS CA  HA   sing N N 75  
CYS C   O    doub N N 76  
CYS C   OXT  sing N N 77  
CYS CB  SG   sing N N 78  
CYS CB  HB2  sing N N 79  
CYS CB  HB3  sing N N 80  
CYS SG  HG   sing N N 81  
CYS OXT HXT  sing N N 82  
EDO C1  O1   sing N N 83  
EDO C1  C2   sing N N 84  
EDO C1  H11  sing N N 85  
EDO C1  H12  sing N N 86  
EDO O1  HO1  sing N N 87  
EDO C2  O2   sing N N 88  
EDO C2  H21  sing N N 89  
EDO C2  H22  sing N N 90  
EDO O2  HO2  sing N N 91  
GLN N   CA   sing N N 92  
GLN N   H    sing N N 93  
GLN N   H2   sing N N 94  
GLN CA  C    sing N N 95  
GLN CA  CB   sing N N 96  
GLN CA  HA   sing N N 97  
GLN C   O    doub N N 98  
GLN C   OXT  sing N N 99  
GLN CB  CG   sing N N 100 
GLN CB  HB2  sing N N 101 
GLN CB  HB3  sing N N 102 
GLN CG  CD   sing N N 103 
GLN CG  HG2  sing N N 104 
GLN CG  HG3  sing N N 105 
GLN CD  OE1  doub N N 106 
GLN CD  NE2  sing N N 107 
GLN NE2 HE21 sing N N 108 
GLN NE2 HE22 sing N N 109 
GLN OXT HXT  sing N N 110 
GLU N   CA   sing N N 111 
GLU N   H    sing N N 112 
GLU N   H2   sing N N 113 
GLU CA  C    sing N N 114 
GLU CA  CB   sing N N 115 
GLU CA  HA   sing N N 116 
GLU C   O    doub N N 117 
GLU C   OXT  sing N N 118 
GLU CB  CG   sing N N 119 
GLU CB  HB2  sing N N 120 
GLU CB  HB3  sing N N 121 
GLU CG  CD   sing N N 122 
GLU CG  HG2  sing N N 123 
GLU CG  HG3  sing N N 124 
GLU CD  OE1  doub N N 125 
GLU CD  OE2  sing N N 126 
GLU OE2 HE2  sing N N 127 
GLU OXT HXT  sing N N 128 
GLY N   CA   sing N N 129 
GLY N   H    sing N N 130 
GLY N   H2   sing N N 131 
GLY CA  C    sing N N 132 
GLY CA  HA2  sing N N 133 
GLY CA  HA3  sing N N 134 
GLY C   O    doub N N 135 
GLY C   OXT  sing N N 136 
GLY OXT HXT  sing N N 137 
HIS N   CA   sing N N 138 
HIS N   H    sing N N 139 
HIS N   H2   sing N N 140 
HIS CA  C    sing N N 141 
HIS CA  CB   sing N N 142 
HIS CA  HA   sing N N 143 
HIS C   O    doub N N 144 
HIS C   OXT  sing N N 145 
HIS CB  CG   sing N N 146 
HIS CB  HB2  sing N N 147 
HIS CB  HB3  sing N N 148 
HIS CG  ND1  sing Y N 149 
HIS CG  CD2  doub Y N 150 
HIS ND1 CE1  doub Y N 151 
HIS ND1 HD1  sing N N 152 
HIS CD2 NE2  sing Y N 153 
HIS CD2 HD2  sing N N 154 
HIS CE1 NE2  sing Y N 155 
HIS CE1 HE1  sing N N 156 
HIS NE2 HE2  sing N N 157 
HIS OXT HXT  sing N N 158 
HOH O   H1   sing N N 159 
HOH O   H2   sing N N 160 
ILE N   CA   sing N N 161 
ILE N   H    sing N N 162 
ILE N   H2   sing N N 163 
ILE CA  C    sing N N 164 
ILE CA  CB   sing N N 165 
ILE CA  HA   sing N N 166 
ILE C   O    doub N N 167 
ILE C   OXT  sing N N 168 
ILE CB  CG1  sing N N 169 
ILE CB  CG2  sing N N 170 
ILE CB  HB   sing N N 171 
ILE CG1 CD1  sing N N 172 
ILE CG1 HG12 sing N N 173 
ILE CG1 HG13 sing N N 174 
ILE CG2 HG21 sing N N 175 
ILE CG2 HG22 sing N N 176 
ILE CG2 HG23 sing N N 177 
ILE CD1 HD11 sing N N 178 
ILE CD1 HD12 sing N N 179 
ILE CD1 HD13 sing N N 180 
ILE OXT HXT  sing N N 181 
LEU N   CA   sing N N 182 
LEU N   H    sing N N 183 
LEU N   H2   sing N N 184 
LEU CA  C    sing N N 185 
LEU CA  CB   sing N N 186 
LEU CA  HA   sing N N 187 
LEU C   O    doub N N 188 
LEU C   OXT  sing N N 189 
LEU CB  CG   sing N N 190 
LEU CB  HB2  sing N N 191 
LEU CB  HB3  sing N N 192 
LEU CG  CD1  sing N N 193 
LEU CG  CD2  sing N N 194 
LEU CG  HG   sing N N 195 
LEU CD1 HD11 sing N N 196 
LEU CD1 HD12 sing N N 197 
LEU CD1 HD13 sing N N 198 
LEU CD2 HD21 sing N N 199 
LEU CD2 HD22 sing N N 200 
LEU CD2 HD23 sing N N 201 
LEU OXT HXT  sing N N 202 
LYS N   CA   sing N N 203 
LYS N   H    sing N N 204 
LYS N   H2   sing N N 205 
LYS CA  C    sing N N 206 
LYS CA  CB   sing N N 207 
LYS CA  HA   sing N N 208 
LYS C   O    doub N N 209 
LYS C   OXT  sing N N 210 
LYS CB  CG   sing N N 211 
LYS CB  HB2  sing N N 212 
LYS CB  HB3  sing N N 213 
LYS CG  CD   sing N N 214 
LYS CG  HG2  sing N N 215 
LYS CG  HG3  sing N N 216 
LYS CD  CE   sing N N 217 
LYS CD  HD2  sing N N 218 
LYS CD  HD3  sing N N 219 
LYS CE  NZ   sing N N 220 
LYS CE  HE2  sing N N 221 
LYS CE  HE3  sing N N 222 
LYS NZ  HZ1  sing N N 223 
LYS NZ  HZ2  sing N N 224 
LYS NZ  HZ3  sing N N 225 
LYS OXT HXT  sing N N 226 
MET N   CA   sing N N 227 
MET N   H    sing N N 228 
MET N   H2   sing N N 229 
MET CA  C    sing N N 230 
MET CA  CB   sing N N 231 
MET CA  HA   sing N N 232 
MET C   O    doub N N 233 
MET C   OXT  sing N N 234 
MET CB  CG   sing N N 235 
MET CB  HB2  sing N N 236 
MET CB  HB3  sing N N 237 
MET CG  SD   sing N N 238 
MET CG  HG2  sing N N 239 
MET CG  HG3  sing N N 240 
MET SD  CE   sing N N 241 
MET CE  HE1  sing N N 242 
MET CE  HE2  sing N N 243 
MET CE  HE3  sing N N 244 
MET OXT HXT  sing N N 245 
PHE N   CA   sing N N 246 
PHE N   H    sing N N 247 
PHE N   H2   sing N N 248 
PHE CA  C    sing N N 249 
PHE CA  CB   sing N N 250 
PHE CA  HA   sing N N 251 
PHE C   O    doub N N 252 
PHE C   OXT  sing N N 253 
PHE CB  CG   sing N N 254 
PHE CB  HB2  sing N N 255 
PHE CB  HB3  sing N N 256 
PHE CG  CD1  doub Y N 257 
PHE CG  CD2  sing Y N 258 
PHE CD1 CE1  sing Y N 259 
PHE CD1 HD1  sing N N 260 
PHE CD2 CE2  doub Y N 261 
PHE CD2 HD2  sing N N 262 
PHE CE1 CZ   doub Y N 263 
PHE CE1 HE1  sing N N 264 
PHE CE2 CZ   sing Y N 265 
PHE CE2 HE2  sing N N 266 
PHE CZ  HZ   sing N N 267 
PHE OXT HXT  sing N N 268 
PRO N   CA   sing N N 269 
PRO N   CD   sing N N 270 
PRO N   H    sing N N 271 
PRO CA  C    sing N N 272 
PRO CA  CB   sing N N 273 
PRO CA  HA   sing N N 274 
PRO C   O    doub N N 275 
PRO C   OXT  sing N N 276 
PRO CB  CG   sing N N 277 
PRO CB  HB2  sing N N 278 
PRO CB  HB3  sing N N 279 
PRO CG  CD   sing N N 280 
PRO CG  HG2  sing N N 281 
PRO CG  HG3  sing N N 282 
PRO CD  HD2  sing N N 283 
PRO CD  HD3  sing N N 284 
PRO OXT HXT  sing N N 285 
RHJ C10 C06  sing N N 286 
RHJ C10 C09  sing N N 287 
RHJ C10 C12  sing N N 288 
RHJ C10 O11  sing N N 289 
RHJ C17 C16  sing N N 290 
RHJ C17 C18  sing N N 291 
RHJ C02 O01  sing N N 292 
RHJ C03 C04  sing N N 293 
RHJ C04 C05  sing N N 294 
RHJ C04 O11  sing N N 295 
RHJ C05 C06  sing N N 296 
RHJ C06 C07  sing N N 297 
RHJ C07 N08  sing N N 298 
RHJ C09 N08  sing N N 299 
RHJ C12 O13  sing N N 300 
RHJ C14 C16  sing N N 301 
RHJ C14 N08  sing N N 302 
RHJ C14 O15  doub N N 303 
RHJ C16 C19  sing N N 304 
RHJ C18 C19  sing N N 305 
RHJ C03 C02  sing N N 306 
RHJ C17 H1   sing N N 307 
RHJ C17 H2   sing N N 308 
RHJ C02 H3   sing N N 309 
RHJ C03 H5   sing N N 310 
RHJ C03 H6   sing N N 311 
RHJ C04 H7   sing N N 312 
RHJ C05 H8   sing N N 313 
RHJ C05 H9   sing N N 314 
RHJ C06 H10  sing N N 315 
RHJ C07 H11  sing N N 316 
RHJ C07 H12  sing N N 317 
RHJ C09 H13  sing N N 318 
RHJ C09 H14  sing N N 319 
RHJ C12 H15  sing N N 320 
RHJ C16 H17  sing N N 321 
RHJ C18 H18  sing N N 322 
RHJ C18 H19  sing N N 323 
RHJ C19 H20  sing N N 324 
RHJ C19 H21  sing N N 325 
RHJ O01 H22  sing N N 326 
RHJ O13 H23  sing N N 327 
RHJ C02 C12  sing N N 328 
SER N   CA   sing N N 329 
SER N   H    sing N N 330 
SER N   H2   sing N N 331 
SER CA  C    sing N N 332 
SER CA  CB   sing N N 333 
SER CA  HA   sing N N 334 
SER C   O    doub N N 335 
SER C   OXT  sing N N 336 
SER CB  OG   sing N N 337 
SER CB  HB2  sing N N 338 
SER CB  HB3  sing N N 339 
SER OG  HG   sing N N 340 
SER OXT HXT  sing N N 341 
SO4 S   O1   doub N N 342 
SO4 S   O2   doub N N 343 
SO4 S   O3   sing N N 344 
SO4 S   O4   sing N N 345 
THR N   CA   sing N N 346 
THR N   H    sing N N 347 
THR N   H2   sing N N 348 
THR CA  C    sing N N 349 
THR CA  CB   sing N N 350 
THR CA  HA   sing N N 351 
THR C   O    doub N N 352 
THR C   OXT  sing N N 353 
THR CB  OG1  sing N N 354 
THR CB  CG2  sing N N 355 
THR CB  HB   sing N N 356 
THR OG1 HG1  sing N N 357 
THR CG2 HG21 sing N N 358 
THR CG2 HG22 sing N N 359 
THR CG2 HG23 sing N N 360 
THR OXT HXT  sing N N 361 
TYR N   CA   sing N N 362 
TYR N   H    sing N N 363 
TYR N   H2   sing N N 364 
TYR CA  C    sing N N 365 
TYR CA  CB   sing N N 366 
TYR CA  HA   sing N N 367 
TYR C   O    doub N N 368 
TYR C   OXT  sing N N 369 
TYR CB  CG   sing N N 370 
TYR CB  HB2  sing N N 371 
TYR CB  HB3  sing N N 372 
TYR CG  CD1  doub Y N 373 
TYR CG  CD2  sing Y N 374 
TYR CD1 CE1  sing Y N 375 
TYR CD1 HD1  sing N N 376 
TYR CD2 CE2  doub Y N 377 
TYR CD2 HD2  sing N N 378 
TYR CE1 CZ   doub Y N 379 
TYR CE1 HE1  sing N N 380 
TYR CE2 CZ   sing Y N 381 
TYR CE2 HE2  sing N N 382 
TYR CZ  OH   sing N N 383 
TYR OH  HH   sing N N 384 
TYR OXT HXT  sing N N 385 
VAL N   CA   sing N N 386 
VAL N   H    sing N N 387 
VAL N   H2   sing N N 388 
VAL CA  C    sing N N 389 
VAL CA  CB   sing N N 390 
VAL CA  HA   sing N N 391 
VAL C   O    doub N N 392 
VAL C   OXT  sing N N 393 
VAL CB  CG1  sing N N 394 
VAL CB  CG2  sing N N 395 
VAL CB  HB   sing N N 396 
VAL CG1 HG11 sing N N 397 
VAL CG1 HG12 sing N N 398 
VAL CG1 HG13 sing N N 399 
VAL CG2 HG21 sing N N 400 
VAL CG2 HG22 sing N N 401 
VAL CG2 HG23 sing N N 402 
VAL OXT HXT  sing N N 403 
# 
_pdbx_deposit_group.group_id            G_1002118 
_pdbx_deposit_group.group_description   
;Bromodomain of human ATAD2 screened against the Leeds 3D Fragment Library by X-ray Crystallography at the XChem
facility of Diamond Light Source beamline I04-1
;
_pdbx_deposit_group.group_title         'PanDDA analysis group deposition - Bromodomain of human ATAD2 fragment screening' 
_pdbx_deposit_group.group_type          'changed state' 
# 
_pdbx_entity_instance_feature.ordinal        1 
_pdbx_entity_instance_feature.comp_id        RHJ 
_pdbx_entity_instance_feature.asym_id        ? 
_pdbx_entity_instance_feature.seq_num        ? 
_pdbx_entity_instance_feature.auth_comp_id   RHJ 
_pdbx_entity_instance_feature.auth_asym_id   ? 
_pdbx_entity_instance_feature.auth_seq_num   ? 
_pdbx_entity_instance_feature.feature_type   'SUBJECT OF INVESTIGATION' 
_pdbx_entity_instance_feature.details        ? 
# 
_atom_sites.entry_id                    5QXM 
_atom_sites.fract_transf_matrix[1][1]   -0.01108561 
_atom_sites.fract_transf_matrix[1][2]   -0.00491727 
_atom_sites.fract_transf_matrix[1][3]   0.00757052 
_atom_sites.fract_transf_matrix[2][1]   -0.01065601 
_atom_sites.fract_transf_matrix[2][2]   -0.00689204 
_atom_sites.fract_transf_matrix[2][3]   -0.00658217 
_atom_sites.fract_transf_matrix[3][1]   0.00339224 
_atom_sites.fract_transf_matrix[3][2]   -0.00616470 
_atom_sites.fract_transf_matrix[3][3]   0.00096315 
_atom_sites.fract_transf_vector[1]      0.445440 
_atom_sites.fract_transf_vector[2]      0.600577 
_atom_sites.fract_transf_vector[3]      -0.025479 
# 
loop_
_atom_type.symbol 
C 
N 
O 
S 
# 
loop_
_atom_site.group_PDB 
_atom_site.id 
_atom_site.type_symbol 
_atom_site.label_atom_id 
_atom_site.label_alt_id 
_atom_site.label_comp_id 
_atom_site.label_asym_id 
_atom_site.label_entity_id 
_atom_site.label_seq_id 
_atom_site.pdbx_PDB_ins_code 
_atom_site.Cartn_x 
_atom_site.Cartn_y 
_atom_site.Cartn_z 
_atom_site.occupancy 
_atom_site.B_iso_or_equiv 
_atom_site.pdbx_formal_charge 
_atom_site.auth_seq_id 
_atom_site.auth_comp_id 
_atom_site.auth_asym_id 
_atom_site.auth_atom_id 
_atom_site.pdbx_PDB_model_num 
ATOM   1    N N   . SER A 1 1   ? 11.522  -5.402  -23.240 1.00 32.15 ? 979  SER A N   1 
ATOM   2    C CA  . SER A 1 1   ? 12.244  -6.665  -23.437 1.00 33.86 ? 979  SER A CA  1 
ATOM   3    C C   . SER A 1 1   ? 11.675  -7.734  -22.477 1.00 42.45 ? 979  SER A C   1 
ATOM   4    O O   . SER A 1 1   ? 10.913  -7.366  -21.524 1.00 31.31 ? 979  SER A O   1 
ATOM   5    C CB  . SER A 1 1   ? 13.709  -6.476  -23.196 1.00 39.56 ? 979  SER A CB  1 
ATOM   6    O OG  . SER A 1 1   ? 13.971  -6.195  -21.800 1.00 34.39 ? 979  SER A OG  1 
ATOM   7    N N   . MET A 1 2   ? 12.029  -8.998  -22.699 1.00 39.48 ? 980  MET A N   1 
ATOM   8    C CA  . MET A 1 2   ? 11.586  -10.110 -21.821 1.00 45.06 ? 980  MET A CA  1 
ATOM   9    C C   . MET A 1 2   ? 12.267  -9.935  -20.456 1.00 36.23 ? 980  MET A C   1 
ATOM   10   O O   . MET A 1 2   ? 11.639  -10.257 -19.423 1.00 29.91 ? 980  MET A O   1 
ATOM   11   C CB  . MET A 1 2   ? 11.948  -11.482 -22.418 1.00 53.10 ? 980  MET A CB  1 
ATOM   12   C CG  . MET A 1 2   ? 11.739  -12.662 -21.447 1.00 64.90 ? 980  MET A CG  1 
ATOM   13   S SD  . MET A 1 2   ? 10.012  -13.288 -21.353 1.00 92.57 ? 980  MET A SD  1 
ATOM   14   C CE  . MET A 1 2   ? 9.103   -12.011 -20.483 1.00 76.11 ? 980  MET A CE  1 
ATOM   15   N N   . GLN A 1 3   ? 13.503  -9.479  -20.422 1.00 29.20 ? 981  GLN A N   1 
ATOM   16   C CA  . GLN A 1 3   ? 14.258  -9.216  -19.173 1.00 35.05 ? 981  GLN A CA  1 
ATOM   17   C C   . GLN A 1 3   ? 13.489  -8.177  -18.342 1.00 26.94 ? 981  GLN A C   1 
ATOM   18   O O   . GLN A 1 3   ? 13.445  -8.317  -17.076 1.00 25.26 ? 981  GLN A O   1 
ATOM   19   C CB  . GLN A 1 3   ? 15.675  -8.725  -19.443 1.00 40.33 ? 981  GLN A CB  1 
ATOM   20   C CG  . GLN A 1 3   ? 16.458  -9.711  -20.319 1.00 59.45 ? 981  GLN A CG  1 
ATOM   21   C CD  . GLN A 1 3   ? 16.386  -9.350  -21.790 1.00 61.96 ? 981  GLN A CD  1 
ATOM   22   O OE1 . GLN A 1 3   ? 15.449  -9.704  -22.535 1.00 63.85 ? 981  GLN A OE1 1 
ATOM   23   N NE2 . GLN A 1 3   ? 17.382  -8.588  -22.205 1.00 67.43 ? 981  GLN A NE2 1 
ATOM   24   N N   . GLU A 1 4   ? 12.949  -7.152  -18.979 1.00 22.95 ? 982  GLU A N   1 
ATOM   25   C CA  . GLU A 1 4   ? 12.178  -6.100  -18.267 1.00 20.03 ? 982  GLU A CA  1 
ATOM   26   C C   . GLU A 1 4   ? 10.878  -6.741  -17.759 1.00 17.87 ? 982  GLU A C   1 
ATOM   27   O O   . GLU A 1 4   ? 10.489  -6.420  -16.566 1.00 15.95 ? 982  GLU A O   1 
ATOM   28   C CB  . GLU A 1 4   ? 11.935  -4.885  -19.178 1.00 18.67 ? 982  GLU A CB  1 
ATOM   29   C CG  . GLU A 1 4   ? 13.210  -4.073  -19.425 1.00 22.08 ? 982  GLU A CG  1 
ATOM   30   C CD  . GLU A 1 4   ? 13.116  -2.969  -20.474 1.00 27.19 ? 982  GLU A CD  1 
ATOM   31   O OE1 . GLU A 1 4   ? 12.079  -2.970  -21.182 1.00 26.54 ? 982  GLU A OE1 1 
ATOM   32   O OE2 . GLU A 1 4   ? 14.017  -2.006  -20.491 1.00 25.11 ? 982  GLU A OE2 1 
ATOM   33   N N   . GLU A 1 5   ? 10.147  -7.567  -18.493 1.00 18.56 ? 983  GLU A N   1 
ATOM   34   C CA  . GLU A 1 5   ? 8.907   -8.197  -17.991 1.00 19.69 ? 983  GLU A CA  1 
ATOM   35   C C   . GLU A 1 5   ? 9.257   -9.145  -16.815 1.00 18.89 ? 983  GLU A C   1 
ATOM   36   O O   . GLU A 1 5   ? 8.446   -9.162  -15.848 1.00 18.25 ? 983  GLU A O   1 
ATOM   37   C CB  . GLU A 1 5   ? 8.155   -8.915  -19.136 1.00 26.97 ? 983  GLU A CB  1 
ATOM   38   C CG  . GLU A 1 5   ? 7.601   -7.920  -20.195 1.00 30.70 ? 983  GLU A CG  1 
ATOM   39   C CD  . GLU A 1 5   ? 6.886   -6.652  -19.677 1.00 43.21 ? 983  GLU A CD  1 
ATOM   40   O OE1 . GLU A 1 5   ? 5.980   -6.797  -18.799 1.00 48.18 ? 983  GLU A OE1 1 
ATOM   41   O OE2 . GLU A 1 5   ? 7.297   -5.464  -20.059 1.00 48.09 ? 983  GLU A OE2 1 
ATOM   42   N N   . ASP A 1 6   ? 10.401  -9.798  -16.801 1.00 17.87 ? 984  ASP A N   1 
ATOM   43   C CA  . ASP A 1 6   ? 10.861  -10.652 -15.677 1.00 18.15 ? 984  ASP A CA  1 
ATOM   44   C C   . ASP A 1 6   ? 11.105  -9.738  -14.445 1.00 16.08 ? 984  ASP A C   1 
ATOM   45   O O   . ASP A 1 6   ? 10.753  -10.150 -13.288 1.00 15.24 ? 984  ASP A O   1 
ATOM   46   C CB  . ASP A 1 6   ? 12.125  -11.460 -15.973 1.00 22.96 ? 984  ASP A CB  1 
ATOM   47   C CG  . ASP A 1 6   ? 11.923  -12.689 -16.883 1.00 27.01 ? 984  ASP A CG  1 
ATOM   48   O OD1 . ASP A 1 6   ? 10.764  -13.008 -17.206 1.00 31.44 ? 984  ASP A OD1 1 
ATOM   49   O OD2 . ASP A 1 6   ? 12.942  -13.175 -17.323 1.00 37.21 ? 984  ASP A OD2 1 
ATOM   50   N N   . THR A 1 7   ? 11.663  -8.543  -14.603 1.00 14.18 ? 985  THR A N   1 
ATOM   51   C CA  . THR A 1 7   ? 11.883  -7.564  -13.511 1.00 12.35 ? 985  THR A CA  1 
ATOM   52   C C   . THR A 1 7   ? 10.524  -7.234  -12.891 1.00 12.73 ? 985  THR A C   1 
ATOM   53   O O   . THR A 1 7   ? 10.371  -7.309  -11.607 1.00 12.21 ? 985  THR A O   1 
ATOM   54   C CB  . THR A 1 7   ? 12.617  -6.297  -13.944 1.00 13.18 ? 985  THR A CB  1 
ATOM   55   O OG1 . THR A 1 7   ? 13.905  -6.699  -14.501 1.00 16.64 ? 985  THR A OG1 1 
ATOM   56   C CG2 . THR A 1 7   ? 12.836  -5.296  -12.849 1.00 14.36 ? 985  THR A CG2 1 
ATOM   57   N N   . PHE A 1 8   ? 9.516   -6.812  -13.659 1.00 13.31 ? 986  PHE A N   1 
ATOM   58   C CA  . PHE A 1 8   ? 8.197   -6.449  -13.101 1.00 12.92 ? 986  PHE A CA  1 
ATOM   59   C C   . PHE A 1 8   ? 7.492   -7.647  -12.444 1.00 13.27 ? 986  PHE A C   1 
ATOM   60   O O   . PHE A 1 8   ? 6.773   -7.460  -11.439 1.00 13.44 ? 986  PHE A O   1 
ATOM   61   C CB  . PHE A 1 8   ? 7.304   -5.679  -14.101 1.00 13.89 ? 986  PHE A CB  1 
ATOM   62   C CG  . PHE A 1 8   ? 7.844   -4.354  -14.549 1.00 14.88 ? 986  PHE A CG  1 
ATOM   63   C CD1 . PHE A 1 8   ? 8.249   -3.395  -13.667 1.00 15.67 ? 986  PHE A CD1 1 
ATOM   64   C CD2 . PHE A 1 8   ? 7.931   -4.041  -15.884 1.00 16.60 ? 986  PHE A CD2 1 
ATOM   65   C CE1 . PHE A 1 8   ? 8.743   -2.150  -14.040 1.00 17.12 ? 986  PHE A CE1 1 
ATOM   66   C CE2 . PHE A 1 8   ? 8.390   -2.794  -16.269 1.00 16.39 ? 986  PHE A CE2 1 
ATOM   67   C CZ  . PHE A 1 8   ? 8.787   -1.837  -15.379 1.00 16.56 ? 986  PHE A CZ  1 
ATOM   68   N N   A ARG A 1 9   ? 7.672   -8.860  -12.969 0.23 12.84 ? 987  ARG A N   1 
ATOM   69   N N   B ARG A 1 9   ? 7.667   -8.859  -12.962 0.23 12.57 ? 987  ARG A N   1 
ATOM   70   N N   C ARG A 1 9   ? 7.697   -8.880  -12.918 0.04 11.64 ? 987  ARG A N   1 
ATOM   71   C CA  A ARG A 1 9   ? 7.102   -10.083 -12.345 0.23 13.78 ? 987  ARG A CA  1 
ATOM   72   C CA  B ARG A 1 9   ? 7.070   -10.060 -12.323 0.23 13.32 ? 987  ARG A CA  1 
ATOM   73   C CA  C ARG A 1 9   ? 7.044   -10.065 -12.287 0.04 10.89 ? 987  ARG A CA  1 
ATOM   74   C C   A ARG A 1 9   ? 7.696   -10.266 -10.939 0.23 13.20 ? 987  ARG A C   1 
ATOM   75   C C   B ARG A 1 9   ? 7.699   -10.286 -10.935 0.23 12.94 ? 987  ARG A C   1 
ATOM   76   C C   C ARG A 1 9   ? 7.720   -10.419 -10.954 0.04 11.21 ? 987  ARG A C   1 
ATOM   77   O O   A ARG A 1 9   ? 6.911   -10.495 -9.975  0.23 12.25 ? 987  ARG A O   1 
ATOM   78   O O   B ARG A 1 9   ? 6.939   -10.574 -9.969  0.23 12.05 ? 987  ARG A O   1 
ATOM   79   O O   C ARG A 1 9   ? 7.046   -11.010 -10.085 0.04 10.87 ? 987  ARG A O   1 
ATOM   80   C CB  A ARG A 1 9   ? 7.348   -11.316 -13.213 0.23 16.82 ? 987  ARG A CB  1 
ATOM   81   C CB  B ARG A 1 9   ? 7.214   -11.282 -13.222 0.23 15.77 ? 987  ARG A CB  1 
ATOM   82   C CB  C ARG A 1 9   ? 7.058   -11.293 -13.193 0.04 10.09 ? 987  ARG A CB  1 
ATOM   83   C CG  A ARG A 1 9   ? 6.216   -12.327 -13.143 0.23 18.87 ? 987  ARG A CG  1 
ATOM   84   C CG  B ARG A 1 9   ? 6.634   -12.536 -12.596 0.23 17.25 ? 987  ARG A CG  1 
ATOM   85   C CG  C ARG A 1 9   ? 6.305   -12.472 -12.591 0.04 9.33  ? 987  ARG A CG  1 
ATOM   86   C CD  A ARG A 1 9   ? 6.324   -13.446 -14.168 0.23 19.61 ? 987  ARG A CD  1 
ATOM   87   C CD  B ARG A 1 9   ? 6.502   -13.654 -13.606 0.23 18.43 ? 987  ARG A CD  1 
ATOM   88   C CD  C ARG A 1 9   ? 5.742   -13.275 -13.731 0.04 8.65  ? 987  ARG A CD  1 
ATOM   89   N NE  A ARG A 1 9   ? 6.043   -13.004 -15.520 0.23 22.93 ? 987  ARG A NE  1 
ATOM   90   N NE  B ARG A 1 9   ? 5.886   -14.827 -13.013 0.23 20.84 ? 987  ARG A NE  1 
ATOM   91   N NE  C ARG A 1 9   ? 5.109   -14.559 -13.483 0.04 8.06  ? 987  ARG A NE  1 
ATOM   92   C CZ  A ARG A 1 9   ? 6.959   -12.901 -16.484 0.23 21.71 ? 987  ARG A CZ  1 
ATOM   93   C CZ  B ARG A 1 9   ? 6.527   -15.856 -12.433 0.23 15.37 ? 987  ARG A CZ  1 
ATOM   94   C CZ  C ARG A 1 9   ? 5.101   -15.308 -12.380 0.04 7.59  ? 987  ARG A CZ  1 
ATOM   95   N NH1 A ARG A 1 9   ? 8.205   -13.251 -16.264 0.23 20.81 ? 987  ARG A NH1 1 
ATOM   96   N NH1 B ARG A 1 9   ? 5.751   -16.815 -11.975 0.23 22.67 ? 987  ARG A NH1 1 
ATOM   97   N NH1 C ARG A 1 9   ? 4.478   -16.470 -12.457 0.04 7.29  ? 987  ARG A NH1 1 
ATOM   98   N NH2 A ARG A 1 9   ? 6.608   -12.474 -17.669 0.23 21.32 ? 987  ARG A NH2 1 
ATOM   99   N NH2 B ARG A 1 9   ? 7.844   -15.890 -12.181 0.23 14.27 ? 987  ARG A NH2 1 
ATOM   100  N NH2 C ARG A 1 9   ? 5.639   -14.923 -11.225 0.04 6.99  ? 987  ARG A NH2 1 
ATOM   101  N N   . GLU A 1 10  ? 9.010   -10.124 -10.808 1.00 11.73 ? 988  GLU A N   1 
ATOM   102  C CA  . GLU A 1 10  ? 9.696   -10.230 -9.481  1.00 11.24 ? 988  GLU A CA  1 
ATOM   103  C C   . GLU A 1 10  ? 9.160   -9.114  -8.555  1.00 10.55 ? 988  GLU A C   1 
ATOM   104  O O   . GLU A 1 10  ? 8.868   -9.395  -7.355  1.00 10.20 ? 988  GLU A O   1 
ATOM   105  C CB  . GLU A 1 10  ? 11.226  -10.176 -9.606  1.00 10.52 ? 988  GLU A CB  1 
ATOM   106  C CG  . GLU A 1 10  ? 11.936  -10.210 -8.268  1.00 11.86 ? 988  GLU A CG  1 
ATOM   107  C CD  . GLU A 1 10  ? 13.390  -10.610 -8.207  1.00 13.85 ? 988  GLU A CD  1 
ATOM   108  O OE1 . GLU A 1 10  ? 14.023  -10.542 -7.101  1.00 14.72 ? 988  GLU A OE1 1 
ATOM   109  O OE2 . GLU A 1 10  ? 13.925  -10.991 -9.320  1.00 15.64 ? 988  GLU A OE2 1 
ATOM   110  N N   . LEU A 1 11  ? 8.960   -7.900  -9.039  1.00 10.17 ? 989  LEU A N   1 
ATOM   111  C CA  . LEU A 1 11  ? 8.385   -6.826  -8.210  1.00 10.27 ? 989  LEU A CA  1 
ATOM   112  C C   . LEU A 1 11  ? 7.015   -7.257  -7.706  1.00 10.74 ? 989  LEU A C   1 
ATOM   113  O O   . LEU A 1 11  ? 6.709   -7.106  -6.460  1.00 10.97 ? 989  LEU A O   1 
ATOM   114  C CB  . LEU A 1 11  ? 8.235   -5.532  -9.006  1.00 12.46 ? 989  LEU A CB  1 
ATOM   115  C CG  . LEU A 1 11  ? 7.501   -4.380  -8.302  1.00 13.32 ? 989  LEU A CG  1 
ATOM   116  C CD1 . LEU A 1 11  ? 8.280   -3.876  -7.111  1.00 14.85 ? 989  LEU A CD1 1 
ATOM   117  C CD2 . LEU A 1 11  ? 7.215   -3.264  -9.292  1.00 16.87 ? 989  LEU A CD2 1 
ATOM   118  N N   . ARG A 1 12  ? 6.127   -7.797  -8.539  1.00 10.53 ? 990  ARG A N   1 
ATOM   119  C CA  . ARG A 1 12  ? 4.768   -8.199  -8.112  1.00 10.19 ? 990  ARG A CA  1 
ATOM   120  C C   . ARG A 1 12  ? 4.858   -9.308  -7.045  1.00 10.21 ? 990  ARG A C   1 
ATOM   121  O O   . ARG A 1 12  ? 4.062   -9.270  -6.048  1.00 10.55 ? 990  ARG A O   1 
ATOM   122  C CB  . ARG A 1 12  ? 3.869   -8.627  -9.287  1.00 11.16 ? 990  ARG A CB  1 
ATOM   123  C CG  . ARG A 1 12  ? 3.555   -7.479  -10.208 1.00 12.32 ? 990  ARG A CG  1 
ATOM   124  C CD  . ARG A 1 12  ? 2.533   -7.810  -11.324 1.00 12.42 ? 990  ARG A CD  1 
ATOM   125  N NE  . ARG A 1 12  ? 2.957   -8.902  -12.226 1.00 13.75 ? 990  ARG A NE  1 
ATOM   126  C CZ  . ARG A 1 12  ? 3.594   -8.682  -13.387 1.00 13.51 ? 990  ARG A CZ  1 
ATOM   127  N NH1 . ARG A 1 12  ? 3.894   -9.735  -14.156 1.00 17.26 ? 990  ARG A NH1 1 
ATOM   128  N NH2 . ARG A 1 12  ? 3.959   -7.498  -13.750 1.00 14.69 ? 990  ARG A NH2 1 
ATOM   129  N N   . ILE A 1 13  ? 5.726   -10.307 -7.200  1.00 10.32 ? 991  ILE A N   1 
ATOM   130  C CA  . ILE A 1 13  ? 5.915   -11.389 -6.198  1.00 10.62 ? 991  ILE A CA  1 
ATOM   131  C C   . ILE A 1 13  ? 6.315   -10.754 -4.841  1.00 9.92  ? 991  ILE A C   1 
ATOM   132  O O   . ILE A 1 13  ? 5.684   -11.091 -3.776  1.00 10.87 ? 991  ILE A O   1 
ATOM   133  C CB  . ILE A 1 13  ? 6.931   -12.449 -6.686  1.00 12.94 ? 991  ILE A CB  1 
ATOM   134  C CG1 . ILE A 1 13  ? 6.323   -13.218 -7.871  1.00 16.82 ? 991  ILE A CG1 1 
ATOM   135  C CG2 . ILE A 1 13  ? 7.303   -13.395 -5.542  1.00 14.62 ? 991  ILE A CG2 1 
ATOM   136  C CD1 . ILE A 1 13  ? 7.358   -13.923 -8.730  1.00 21.38 ? 991  ILE A CD1 1 
ATOM   137  N N   . PHE A 1 14  ? 7.264   -9.832  -4.857  1.00 9.84  ? 992  PHE A N   1 
ATOM   138  C CA  . PHE A 1 14  ? 7.737   -9.152  -3.624  1.00 10.32 ? 992  PHE A CA  1 
ATOM   139  C C   . PHE A 1 14  ? 6.570   -8.383  -2.981  1.00 10.24 ? 992  PHE A C   1 
ATOM   140  O O   . PHE A 1 14  ? 6.325   -8.500  -1.733  1.00 10.41 ? 992  PHE A O   1 
ATOM   141  C CB  . PHE A 1 14  ? 8.908   -8.241  -3.938  1.00 11.34 ? 992  PHE A CB  1 
ATOM   142  C CG  . PHE A 1 14  ? 9.385   -7.361  -2.806  1.00 12.36 ? 992  PHE A CG  1 
ATOM   143  C CD1 . PHE A 1 14  ? 10.082  -7.902  -1.751  1.00 15.53 ? 992  PHE A CD1 1 
ATOM   144  C CD2 . PHE A 1 14  ? 9.126   -6.005  -2.818  1.00 14.12 ? 992  PHE A CD2 1 
ATOM   145  C CE1 . PHE A 1 14  ? 10.492  -7.081  -0.660  1.00 16.30 ? 992  PHE A CE1 1 
ATOM   146  C CE2 . PHE A 1 14  ? 9.533   -5.211  -1.737  1.00 16.41 ? 992  PHE A CE2 1 
ATOM   147  C CZ  . PHE A 1 14  ? 10.214  -5.762  -0.700  1.00 14.52 ? 992  PHE A CZ  1 
ATOM   148  N N   . LEU A 1 15  ? 5.797   -7.618  -3.767  1.00 10.13 ? 993  LEU A N   1 
ATOM   149  C CA  . LEU A 1 15  ? 4.697   -6.793  -3.214  1.00 10.03 ? 993  LEU A CA  1 
ATOM   150  C C   . LEU A 1 15  ? 3.573   -7.657  -2.662  1.00 10.15 ? 993  LEU A C   1 
ATOM   151  O O   . LEU A 1 15  ? 2.957   -7.321  -1.591  1.00 11.37 ? 993  LEU A O   1 
ATOM   152  C CB  . LEU A 1 15  ? 4.157   -5.820  -4.254  1.00 10.19 ? 993  LEU A CB  1 
ATOM   153  C CG  . LEU A 1 15  ? 5.130   -4.739  -4.742  1.00 11.73 ? 993  LEU A CG  1 
ATOM   154  C CD1 . LEU A 1 15  ? 4.450   -3.858  -5.823  1.00 12.80 ? 993  LEU A CD1 1 
ATOM   155  C CD2 . LEU A 1 15  ? 5.663   -3.895  -3.575  1.00 11.95 ? 993  LEU A CD2 1 
ATOM   156  N N   . ARG A 1 16  ? 3.229   -8.786  -3.287  1.00 10.20 ? 994  ARG A N   1 
ATOM   157  C CA  . ARG A 1 16  ? 2.179   -9.682  -2.763  1.00 9.96  ? 994  ARG A CA  1 
ATOM   158  C C   . ARG A 1 16  ? 2.610   -10.245 -1.395  1.00 10.88 ? 994  ARG A C   1 
ATOM   159  O O   . ARG A 1 16  ? 1.782   -10.384 -0.456  1.00 12.28 ? 994  ARG A O   1 
ATOM   160  C CB  . ARG A 1 16  ? 1.816   -10.855 -3.697  1.00 12.34 ? 994  ARG A CB  1 
ATOM   161  C CG  . ARG A 1 16  ? 1.176   -10.503 -5.030  1.00 13.94 ? 994  ARG A CG  1 
ATOM   162  C CD  . ARG A 1 16  ? 0.668   -11.794 -5.762  1.00 14.49 ? 994  ARG A CD  1 
ATOM   163  N NE  . ARG A 1 16  ? 0.410   -11.454 -7.138  1.00 14.90 ? 994  ARG A NE  1 
ATOM   164  C CZ  . ARG A 1 16  ? 1.231   -11.471 -8.124  1.00 14.15 ? 994  ARG A CZ  1 
ATOM   165  N NH1 . ARG A 1 16  ? 2.403   -12.078 -8.088  1.00 13.38 ? 994  ARG A NH1 1 
ATOM   166  N NH2 . ARG A 1 16  ? 0.804   -10.927 -9.268  1.00 17.86 ? 994  ARG A NH2 1 
ATOM   167  N N   . ASN A 1 17  ? 3.893   -10.609 -1.243  1.00 10.20 ? 995  ASN A N   1 
ATOM   168  C CA  . ASN A 1 17  ? 4.412   -11.198 0.014   1.00 11.15 ? 995  ASN A CA  1 
ATOM   169  C C   . ASN A 1 17  ? 4.381   -10.124 1.129   1.00 10.78 ? 995  ASN A C   1 
ATOM   170  O O   . ASN A 1 17  ? 3.859   -10.466 2.256   1.00 10.91 ? 995  ASN A O   1 
ATOM   171  C CB  . ASN A 1 17  ? 5.811   -11.770 -0.215  1.00 11.73 ? 995  ASN A CB  1 
ATOM   172  C CG  . ASN A 1 17  ? 6.341   -12.322 1.086   1.00 17.26 ? 995  ASN A CG  1 
ATOM   173  O OD1 . ASN A 1 17  ? 6.997   -11.609 1.721   1.00 15.60 ? 995  ASN A OD1 1 
ATOM   174  N ND2 . ASN A 1 17  ? 5.933   -13.521 1.513   1.00 19.82 ? 995  ASN A ND2 1 
ATOM   175  N N   . VAL A 1 18  ? 4.851   -8.910  0.895   1.00 10.36 ? 996  VAL A N   1 
ATOM   176  C CA  . VAL A 1 18  ? 4.776   -7.840  1.941   1.00 10.86 ? 996  VAL A CA  1 
ATOM   177  C C   . VAL A 1 18  ? 3.290   -7.648  2.317   1.00 10.90 ? 996  VAL A C   1 
ATOM   178  O O   . VAL A 1 18  ? 2.936   -7.541  3.536   1.00 11.17 ? 996  VAL A O   1 
ATOM   179  C CB  . VAL A 1 18  ? 5.387   -6.546  1.424   1.00 11.10 ? 996  VAL A CB  1 
ATOM   180  C CG1 . VAL A 1 18  ? 5.195   -5.390  2.436   1.00 12.01 ? 996  VAL A CG1 1 
ATOM   181  C CG2 . VAL A 1 18  ? 6.876   -6.740  1.113   1.00 12.27 ? 996  VAL A CG2 1 
ATOM   182  N N   . THR A 1 19  ? 2.384   -7.523  1.346   1.00 10.17 ? 997  THR A N   1 
ATOM   183  C CA  . THR A 1 19  ? 0.966   -7.169  1.615   1.00 10.04 ? 997  THR A CA  1 
ATOM   184  C C   . THR A 1 19  ? 0.331   -8.301  2.442   1.00 11.05 ? 997  THR A C   1 
ATOM   185  O O   . THR A 1 19  ? -0.488  -8.004  3.366   1.00 12.08 ? 997  THR A O   1 
ATOM   186  C CB  . THR A 1 19  ? 0.191   -6.889  0.313   1.00 10.76 ? 997  THR A CB  1 
ATOM   187  O OG1 . THR A 1 19  ? 0.900   -5.899  -0.462  1.00 11.14 ? 997  THR A OG1 1 
ATOM   188  C CG2 . THR A 1 19  ? -1.204  -6.347  0.551   1.00 12.72 ? 997  THR A CG2 1 
ATOM   189  N N   . HIS A 1 20  ? 0.595   -9.575  2.112   1.00 10.73 ? 998  HIS A N   1 
ATOM   190  C CA  . HIS A 1 20  ? 0.043   -10.699 2.911   1.00 11.87 ? 998  HIS A CA  1 
ATOM   191  C C   . HIS A 1 20  ? 0.500   -10.597 4.355   1.00 12.31 ? 998  HIS A C   1 
ATOM   192  O O   . HIS A 1 20  ? -0.324  -10.835 5.283   1.00 12.75 ? 998  HIS A O   1 
ATOM   193  C CB  . HIS A 1 20  ? 0.543   -12.033 2.323   1.00 14.29 ? 998  HIS A CB  1 
ATOM   194  C CG  . HIS A 1 20  ? 0.055   -13.219 3.079   1.00 17.74 ? 998  HIS A CG  1 
ATOM   195  N ND1 . HIS A 1 20  ? 0.848   -14.116 3.815   1.00 25.20 ? 998  HIS A ND1 1 
ATOM   196  C CD2 . HIS A 1 20  ? -1.212  -13.694 3.155   1.00 19.34 ? 998  HIS A CD2 1 
ATOM   197  C CE1 . HIS A 1 20  ? 0.066   -15.086 4.314   1.00 20.83 ? 998  HIS A CE1 1 
ATOM   198  N NE2 . HIS A 1 20  ? -1.220  -14.818 3.958   1.00 24.33 ? 998  HIS A NE2 1 
ATOM   199  N N   . ARG A 1 21  ? 1.749   -10.293 4.625   1.00 11.30 ? 999  ARG A N   1 
ATOM   200  C CA  . ARG A 1 21  ? 2.301   -10.211 5.991   1.00 13.17 ? 999  ARG A CA  1 
ATOM   201  C C   . ARG A 1 21  ? 1.579   -9.081  6.761   1.00 13.57 ? 999  ARG A C   1 
ATOM   202  O O   . ARG A 1 21  ? 1.313   -9.210  7.984   1.00 15.48 ? 999  ARG A O   1 
ATOM   203  C CB  . ARG A 1 21  ? 3.814   -10.103 6.012   1.00 13.42 ? 999  ARG A CB  1 
ATOM   204  C CG  . ARG A 1 21  ? 4.488   -11.424 5.545   1.00 15.41 ? 999  ARG A CG  1 
ATOM   205  C CD  . ARG A 1 21  ? 5.885   -11.223 4.888   1.00 14.72 ? 999  ARG A CD  1 
ATOM   206  N NE  . ARG A 1 21  ? 6.800   -10.685 5.831   1.00 15.40 ? 999  ARG A NE  1 
ATOM   207  C CZ  . ARG A 1 21  ? 8.007   -10.314 5.484   1.00 13.24 ? 999  ARG A CZ  1 
ATOM   208  N NH1 . ARG A 1 21  ? 8.832   -9.838  6.385   1.00 14.60 ? 999  ARG A NH1 1 
ATOM   209  N NH2 . ARG A 1 21  ? 8.399   -10.351 4.209   1.00 14.72 ? 999  ARG A NH2 1 
ATOM   210  N N   . LEU A 1 22  ? 1.235   -7.962  6.129   1.00 12.44 ? 1000 LEU A N   1 
ATOM   211  C CA  . LEU A 1 22  ? 0.473   -6.869  6.780   1.00 11.93 ? 1000 LEU A CA  1 
ATOM   212  C C   . LEU A 1 22  ? -0.941  -7.366  7.013   1.00 12.33 ? 1000 LEU A C   1 
ATOM   213  O O   . LEU A 1 22  ? -1.540  -7.140  8.132   1.00 13.59 ? 1000 LEU A O   1 
ATOM   214  C CB  . LEU A 1 22  ? 0.504   -5.616  5.898   1.00 11.85 ? 1000 LEU A CB  1 
ATOM   215  C CG  . LEU A 1 22  ? 1.861   -5.008  5.610   1.00 12.35 ? 1000 LEU A CG  1 
ATOM   216  C CD1 . LEU A 1 22  ? 1.741   -3.884  4.602   1.00 12.91 ? 1000 LEU A CD1 1 
ATOM   217  C CD2 . LEU A 1 22  ? 2.576   -4.510  6.875   1.00 13.23 ? 1000 LEU A CD2 1 
ATOM   218  N N   . ALA A 1 23  ? -1.601  -8.007  6.061   1.00 12.39 ? 1001 ALA A N   1 
ATOM   219  C CA  . ALA A 1 23  ? -3.037  -8.384  6.121   1.00 12.86 ? 1001 ALA A CA  1 
ATOM   220  C C   . ALA A 1 23  ? -3.352  -9.422  7.198   1.00 14.81 ? 1001 ALA A C   1 
ATOM   221  O O   . ALA A 1 23  ? -4.525  -9.413  7.671   1.00 17.14 ? 1001 ALA A O   1 
ATOM   222  C CB  . ALA A 1 23  ? -3.516  -8.822  4.780   1.00 15.30 ? 1001 ALA A CB  1 
ATOM   223  N N   . ILE A 1 24  ? -2.393  -10.257 7.557   1.00 15.34 ? 1002 ILE A N   1 
ATOM   224  C CA  . ILE A 1 24  ? -2.620  -11.322 8.591   1.00 16.16 ? 1002 ILE A CA  1 
ATOM   225  C C   . ILE A 1 24  ? -2.352  -10.750 9.966   1.00 18.34 ? 1002 ILE A C   1 
ATOM   226  O O   . ILE A 1 24  ? -2.629  -11.500 10.994  1.00 20.42 ? 1002 ILE A O   1 
ATOM   227  C CB  . ILE A 1 24  ? -1.824  -12.613 8.328   1.00 17.46 ? 1002 ILE A CB  1 
ATOM   228  C CG1 . ILE A 1 24  ? -0.325  -12.420 8.431   1.00 18.73 ? 1002 ILE A CG1 1 
ATOM   229  C CG2 . ILE A 1 24  ? -2.280  -13.199 7.014   1.00 20.35 ? 1002 ILE A CG2 1 
ATOM   230  C CD1 . ILE A 1 24  ? 0.484   -13.744 8.076   1.00 25.55 ? 1002 ILE A CD1 1 
ATOM   231  N N   . ASP A 1 25  ? -1.744  -9.580  10.177  1.00 16.54 ? 1003 ASP A N   1 
ATOM   232  C CA  . ASP A 1 25  ? -1.450  -9.019  11.527  1.00 17.60 ? 1003 ASP A CA  1 
ATOM   233  C C   . ASP A 1 25  ? -2.766  -8.544  12.139  1.00 18.77 ? 1003 ASP A C   1 
ATOM   234  O O   . ASP A 1 25  ? -3.514  -7.735  11.557  1.00 17.18 ? 1003 ASP A O   1 
ATOM   235  C CB  . ASP A 1 25  ? -0.469  -7.883  11.390  1.00 17.91 ? 1003 ASP A CB  1 
ATOM   236  C CG  . ASP A 1 25  ? 0.128   -7.376  12.703  1.00 20.19 ? 1003 ASP A CG  1 
ATOM   237  O OD1 . ASP A 1 25  ? -0.683  -6.987  13.580  1.00 21.26 ? 1003 ASP A OD1 1 
ATOM   238  O OD2 . ASP A 1 25  ? 1.357   -7.180  12.747  1.00 21.80 ? 1003 ASP A OD2 1 
ATOM   239  N N   . LYS A 1 26  ? -3.147  -9.077  13.323  1.00 19.53 ? 1004 LYS A N   1 
ATOM   240  C CA  . LYS A 1 26  ? -4.437  -8.716  13.974  1.00 19.16 ? 1004 LYS A CA  1 
ATOM   241  C C   . LYS A 1 26  ? -4.616  -7.196  14.195  1.00 17.38 ? 1004 LYS A C   1 
ATOM   242  O O   . LYS A 1 26  ? -5.812  -6.756  14.194  1.00 20.39 ? 1004 LYS A O   1 
ATOM   243  C CB  . LYS A 1 26  ? -4.564  -9.435  15.361  1.00 24.75 ? 1004 LYS A CB  1 
ATOM   244  N N   . ARG A 1 27  ? -3.545  -6.453  14.359  1.00 17.40 ? 1005 ARG A N   1 
ATOM   245  C CA  . ARG A 1 27  ? -3.637  -4.963  14.573  1.00 16.75 ? 1005 ARG A CA  1 
ATOM   246  C C   . ARG A 1 27  ? -4.315  -4.303  13.371  1.00 17.57 ? 1005 ARG A C   1 
ATOM   247  O O   . ARG A 1 27  ? -4.893  -3.206  13.503  1.00 18.26 ? 1005 ARG A O   1 
ATOM   248  C CB  . ARG A 1 27  ? -2.319  -4.272  14.852  1.00 16.97 ? 1005 ARG A CB  1 
ATOM   249  C CG  . ARG A 1 27  ? -1.623  -4.705  16.160  1.00 18.39 ? 1005 ARG A CG  1 
ATOM   250  C CD  . ARG A 1 27  ? -0.242  -4.153  16.217  1.00 19.16 ? 1005 ARG A CD  1 
ATOM   251  N NE  . ARG A 1 27  ? 0.673   -4.786  15.249  1.00 18.43 ? 1005 ARG A NE  1 
ATOM   252  C CZ  . ARG A 1 27  ? 1.879   -4.377  14.990  1.00 18.17 ? 1005 ARG A CZ  1 
ATOM   253  N NH1 . ARG A 1 27  ? 2.412   -3.305  15.561  1.00 20.21 ? 1005 ARG A NH1 1 
ATOM   254  N NH2 . ARG A 1 27  ? 2.629   -5.010  14.099  1.00 22.03 ? 1005 ARG A NH2 1 
ATOM   255  N N   . PHE A 1 28  ? -4.115  -4.887  12.182  1.00 15.95 ? 1006 PHE A N   1 
ATOM   256  C CA  . PHE A 1 28  ? -4.432  -4.214  10.895  1.00 15.22 ? 1006 PHE A CA  1 
ATOM   257  C C   . PHE A 1 28  ? -5.714  -4.722  10.288  1.00 16.41 ? 1006 PHE A C   1 
ATOM   258  O O   . PHE A 1 28  ? -6.056  -4.390  9.093   1.00 16.26 ? 1006 PHE A O   1 
ATOM   259  C CB  . PHE A 1 28  ? -3.246  -4.371  9.932   1.00 14.02 ? 1006 PHE A CB  1 
ATOM   260  C CG  . PHE A 1 28  ? -1.934  -3.881  10.505  1.00 14.18 ? 1006 PHE A CG  1 
ATOM   261  C CD1 . PHE A 1 28  ? -1.867  -2.830  11.443  1.00 13.84 ? 1006 PHE A CD1 1 
ATOM   262  C CD2 . PHE A 1 28  ? -0.715  -4.433  10.123  1.00 13.72 ? 1006 PHE A CD2 1 
ATOM   263  C CE1 . PHE A 1 28  ? -0.674  -2.417  11.963  1.00 14.19 ? 1006 PHE A CE1 1 
ATOM   264  C CE2 . PHE A 1 28  ? 0.482   -4.086  10.696  1.00 13.74 ? 1006 PHE A CE2 1 
ATOM   265  C CZ  . PHE A 1 28  ? 0.536   -3.033  11.602  1.00 14.27 ? 1006 PHE A CZ  1 
ATOM   266  N N   . ARG A 1 29  ? -6.519  -5.518  11.023  1.00 16.60 ? 1007 ARG A N   1 
ATOM   267  C CA  . ARG A 1 29  ? -7.794  -6.013  10.486  1.00 16.57 ? 1007 ARG A CA  1 
ATOM   268  C C   . ARG A 1 29  ? -8.714  -4.946  9.902   1.00 17.31 ? 1007 ARG A C   1 
ATOM   269  O O   . ARG A 1 29  ? -9.340  -5.195  8.882   1.00 18.13 ? 1007 ARG A O   1 
ATOM   270  C CB  . ARG A 1 29  ? -8.525  -6.804  11.602  1.00 22.70 ? 1007 ARG A CB  1 
ATOM   271  C CG  . ARG A 1 29  ? -9.743  -7.519  11.080  1.00 26.95 ? 1007 ARG A CG  1 
ATOM   272  C CD  . ARG A 1 29  ? -10.417 -8.398  12.153  1.00 43.48 ? 1007 ARG A CD  1 
ATOM   273  N NE  . ARG A 1 29  ? -11.486 -9.172  11.503  1.00 59.00 ? 1007 ARG A NE  1 
ATOM   274  C CZ  . ARG A 1 29  ? -12.626 -8.665  10.993  1.00 79.84 ? 1007 ARG A CZ  1 
ATOM   275  N NH1 . ARG A 1 29  ? -13.499 -9.463  10.395  1.00 86.23 ? 1007 ARG A NH1 1 
ATOM   276  N NH2 . ARG A 1 29  ? -12.903 -7.371  11.077  1.00 89.14 ? 1007 ARG A NH2 1 
ATOM   277  N N   . VAL A 1 30  ? -8.749  -3.788  10.573  0.50 17.42 ? 1008 VAL A N   1 
ATOM   278  C CA  . VAL A 1 30  ? -9.598  -2.609  10.239  0.50 17.69 ? 1008 VAL A CA  1 
ATOM   279  C C   . VAL A 1 30  ? -9.202  -2.011  8.874   0.50 16.38 ? 1008 VAL A C   1 
ATOM   280  O O   . VAL A 1 30  ? -9.974  -1.202  8.353   0.50 16.95 ? 1008 VAL A O   1 
ATOM   281  C CB  . VAL A 1 30  ? -9.556  -1.552  11.367  0.50 18.50 ? 1008 VAL A CB  1 
ATOM   282  C CG1 . VAL A 1 30  ? -10.266 -2.060  12.621  0.50 19.00 ? 1008 VAL A CG1 1 
ATOM   283  C CG2 . VAL A 1 30  ? -8.151  -1.043  11.708  0.50 18.61 ? 1008 VAL A CG2 1 
ATOM   284  N N   . PHE A 1 31  ? -8.044  -2.403  8.324   1.00 16.10 ? 1009 PHE A N   1 
ATOM   285  C CA  . PHE A 1 31  ? -7.533  -1.890  7.022   1.00 15.74 ? 1009 PHE A CA  1 
ATOM   286  C C   . PHE A 1 31  ? -7.600  -2.958  5.893   1.00 16.21 ? 1009 PHE A C   1 
ATOM   287  O O   . PHE A 1 31  ? -7.102  -2.675  4.781   1.00 14.81 ? 1009 PHE A O   1 
ATOM   288  C CB  . PHE A 1 31  ? -6.090  -1.397  7.175   1.00 13.69 ? 1009 PHE A CB  1 
ATOM   289  C CG  . PHE A 1 31  ? -5.865  -0.378  8.280   1.00 13.46 ? 1009 PHE A CG  1 
ATOM   290  C CD1 . PHE A 1 31  ? -6.493  0.841   8.274   1.00 15.64 ? 1009 PHE A CD1 1 
ATOM   291  C CD2 . PHE A 1 31  ? -5.020  -0.653  9.339   1.00 16.85 ? 1009 PHE A CD2 1 
ATOM   292  C CE1 . PHE A 1 31  ? -6.347  1.759   9.318   1.00 16.13 ? 1009 PHE A CE1 1 
ATOM   293  C CE2 . PHE A 1 31  ? -4.843  0.257   10.391  1.00 18.92 ? 1009 PHE A CE2 1 
ATOM   294  C CZ  . PHE A 1 31  ? -5.529  1.460   10.395  1.00 17.82 ? 1009 PHE A CZ  1 
ATOM   295  N N   . THR A 1 32  ? -8.162  -4.143  6.157   0.50 16.29 ? 1010 THR A N   1 
ATOM   296  C CA  . THR A 1 32  ? -8.160  -5.292  5.201   0.50 17.62 ? 1010 THR A CA  1 
ATOM   297  C C   . THR A 1 32  ? -9.369  -5.274  4.257   0.50 18.70 ? 1010 THR A C   1 
ATOM   298  O O   . THR A 1 32  ? -9.370  -6.111  3.330   0.50 19.56 ? 1010 THR A O   1 
ATOM   299  C CB  . THR A 1 32  ? -8.070  -6.649  5.912   0.50 17.59 ? 1010 THR A CB  1 
ATOM   300  O OG1 . THR A 1 32  ? -9.215  -6.872  6.745   0.50 18.87 ? 1010 THR A OG1 1 
ATOM   301  C CG2 . THR A 1 32  ? -6.793  -6.789  6.710   0.50 18.06 ? 1010 THR A CG2 1 
ATOM   302  N N   . LYS A 1 33  ? -10.350 -4.395  4.498   0.50 18.99 ? 1011 LYS A N   1 
ATOM   303  C CA  . LYS A 1 33  ? -11.594 -4.272  3.692   0.50 20.27 ? 1011 LYS A CA  1 
ATOM   304  C C   . LYS A 1 33  ? -11.961 -2.794  3.604   0.50 19.47 ? 1011 LYS A C   1 
ATOM   305  O O   . LYS A 1 33  ? -11.627 -2.010  4.496   0.50 18.47 ? 1011 LYS A O   1 
ATOM   306  C CB  . LYS A 1 33  ? -12.734 -5.106  4.304   0.50 22.97 ? 1011 LYS A CB  1 
ATOM   307  C CG  . LYS A 1 33  ? -12.399 -6.576  4.551   0.50 24.82 ? 1011 LYS A CG  1 
ATOM   308  C CD  . LYS A 1 33  ? -13.598 -7.509  4.704   0.50 28.70 ? 1011 LYS A CD  1 
ATOM   309  C CE  . LYS A 1 33  ? -13.972 -7.852  6.133   0.50 31.10 ? 1011 LYS A CE  1 
ATOM   310  N NZ  . LYS A 1 33  ? -14.901 -9.008  6.199   0.50 32.61 ? 1011 LYS A NZ  1 
ATOM   311  N N   . PRO A 1 34  ? -12.667 -2.367  2.533   0.50 20.65 ? 1012 PRO A N   1 
ATOM   312  C CA  . PRO A 1 34  ? -13.170 -0.998  2.455   0.50 21.87 ? 1012 PRO A CA  1 
ATOM   313  C C   . PRO A 1 34  ? -14.067 -0.668  3.658   0.50 22.14 ? 1012 PRO A C   1 
ATOM   314  O O   . PRO A 1 34  ? -14.735 -1.559  4.178   0.50 22.52 ? 1012 PRO A O   1 
ATOM   315  C CB  . PRO A 1 34  ? -13.998 -0.943  1.160   0.50 21.22 ? 1012 PRO A CB  1 
ATOM   316  C CG  . PRO A 1 34  ? -13.580 -2.174  0.364   0.50 22.00 ? 1012 PRO A CG  1 
ATOM   317  C CD  . PRO A 1 34  ? -13.048 -3.178  1.370   0.50 20.58 ? 1012 PRO A CD  1 
ATOM   318  N N   . VAL A 1 35  ? -14.039 0.586   4.109   0.50 25.75 ? 1013 VAL A N   1 
ATOM   319  C CA  . VAL A 1 35  ? -15.065 1.126   5.050   0.50 28.44 ? 1013 VAL A CA  1 
ATOM   320  C C   . VAL A 1 35  ? -16.417 1.014   4.327   0.50 32.72 ? 1013 VAL A C   1 
ATOM   321  O O   . VAL A 1 35  ? -16.509 1.524   3.195   0.50 33.07 ? 1013 VAL A O   1 
ATOM   322  C CB  . VAL A 1 35  ? -14.750 2.575   5.469   0.50 27.57 ? 1013 VAL A CB  1 
ATOM   323  C CG1 . VAL A 1 35  ? -15.840 3.148   6.370   0.50 29.19 ? 1013 VAL A CG1 1 
ATOM   324  C CG2 . VAL A 1 35  ? -13.391 2.695   6.151   0.50 28.94 ? 1013 VAL A CG2 1 
ATOM   325  N N   . ASP A 1 36  ? -17.411 0.349   4.932   0.50 37.60 ? 1014 ASP A N   1 
ATOM   326  C CA  . ASP A 1 36  ? -18.653 -0.099  4.235   0.50 43.65 ? 1014 ASP A CA  1 
ATOM   327  C C   . ASP A 1 36  ? -19.620 1.079   4.111   0.50 47.56 ? 1014 ASP A C   1 
ATOM   328  O O   . ASP A 1 36  ? -19.866 1.778   5.092   0.50 47.13 ? 1014 ASP A O   1 
ATOM   329  C CB  . ASP A 1 36  ? -19.297 -1.294  4.945   0.50 46.02 ? 1014 ASP A CB  1 
ATOM   330  C CG  . ASP A 1 36  ? -20.249 -2.088  4.062   0.50 47.94 ? 1014 ASP A CG  1 
ATOM   331  O OD1 . ASP A 1 36  ? -21.216 -1.489  3.547   0.50 49.69 ? 1014 ASP A OD1 1 
ATOM   332  O OD2 . ASP A 1 36  ? -20.015 -3.300  3.893   0.50 49.11 ? 1014 ASP A OD2 1 
ATOM   333  N N   . PRO A 1 37  ? -20.186 1.349   2.907   1.00 50.39 ? 1015 PRO A N   1 
ATOM   334  C CA  . PRO A 1 37  ? -21.020 2.540   2.705   1.00 58.83 ? 1015 PRO A CA  1 
ATOM   335  C C   . PRO A 1 37  ? -22.320 2.559   3.528   1.00 69.59 ? 1015 PRO A C   1 
ATOM   336  O O   . PRO A 1 37  ? -22.717 3.621   3.989   1.00 79.18 ? 1015 PRO A O   1 
ATOM   337  C CB  . PRO A 1 37  ? -21.416 2.487   1.221   1.00 60.63 ? 1015 PRO A CB  1 
ATOM   338  C CG  . PRO A 1 37  ? -20.417 1.546   0.575   1.00 57.97 ? 1015 PRO A CG  1 
ATOM   339  C CD  . PRO A 1 37  ? -19.961 0.585   1.656   1.00 54.73 ? 1015 PRO A CD  1 
ATOM   340  N N   . ASP A 1 38  ? -22.913 1.382   3.738   1.00 73.79 ? 1016 ASP A N   1 
ATOM   341  C CA  . ASP A 1 38  ? -24.143 1.224   4.558   1.00 72.46 ? 1016 ASP A CA  1 
ATOM   342  C C   . ASP A 1 38  ? -23.882 1.684   5.987   1.00 67.68 ? 1016 ASP A C   1 
ATOM   343  O O   . ASP A 1 38  ? -24.579 2.589   6.470   1.00 70.20 ? 1016 ASP A O   1 
ATOM   344  C CB  . ASP A 1 38  ? -24.654 -0.213  4.588   1.00 76.20 ? 1016 ASP A CB  1 
ATOM   345  C CG  . ASP A 1 38  ? -25.021 -0.718  3.210   1.00 79.48 ? 1016 ASP A CG  1 
ATOM   346  O OD1 . ASP A 1 38  ? -25.278 0.125   2.313   1.00 70.10 ? 1016 ASP A OD1 1 
ATOM   347  O OD2 . ASP A 1 38  ? -25.024 -1.945  3.044   1.00 94.74 ? 1016 ASP A OD2 1 
ATOM   348  N N   . GLU A 1 39  ? -22.872 1.089   6.625   0.50 65.42 ? 1017 GLU A N   1 
ATOM   349  C CA  . GLU A 1 39  ? -22.538 1.287   8.063   0.50 62.54 ? 1017 GLU A CA  1 
ATOM   350  C C   . GLU A 1 39  ? -22.002 2.709   8.289   0.50 60.14 ? 1017 GLU A C   1 
ATOM   351  O O   . GLU A 1 39  ? -22.226 3.246   9.392   0.50 60.22 ? 1017 GLU A O   1 
ATOM   352  C CB  . GLU A 1 39  ? -21.529 0.229   8.514   0.50 64.26 ? 1017 GLU A CB  1 
ATOM   353  C CG  . GLU A 1 39  ? -22.033 -1.197  8.363   0.50 65.32 ? 1017 GLU A CG  1 
ATOM   354  C CD  . GLU A 1 39  ? -20.947 -2.254  8.239   0.50 65.68 ? 1017 GLU A CD  1 
ATOM   355  O OE1 . GLU A 1 39  ? -21.066 -3.118  7.348   0.50 65.05 ? 1017 GLU A OE1 1 
ATOM   356  O OE2 . GLU A 1 39  ? -19.990 -2.219  9.038   0.50 66.83 ? 1017 GLU A OE2 1 
ATOM   357  N N   . VAL A 1 40  ? -21.308 3.282   7.297   1.00 57.00 ? 1018 VAL A N   1 
ATOM   358  C CA  . VAL A 1 40  ? -20.696 4.651   7.412   1.00 46.77 ? 1018 VAL A CA  1 
ATOM   359  C C   . VAL A 1 40  ? -20.993 5.482   6.167   1.00 49.95 ? 1018 VAL A C   1 
ATOM   360  O O   . VAL A 1 40  ? -20.110 5.699   5.348   1.00 37.06 ? 1018 VAL A O   1 
ATOM   361  C CB  . VAL A 1 40  ? -19.173 4.562   7.641   1.00 46.30 ? 1018 VAL A CB  1 
ATOM   362  C CG1 . VAL A 1 40  ? -18.644 5.833   8.259   1.00 44.90 ? 1018 VAL A CG1 1 
ATOM   363  C CG2 . VAL A 1 40  ? -18.740 3.359   8.473   1.00 46.52 ? 1018 VAL A CG2 1 
ATOM   364  N N   . PRO A 1 41  ? -22.226 6.018   5.975   1.00 48.43 ? 1019 PRO A N   1 
ATOM   365  C CA  . PRO A 1 41  ? -22.558 6.728   4.731   1.00 42.20 ? 1019 PRO A CA  1 
ATOM   366  C C   . PRO A 1 41  ? -21.825 8.068   4.560   1.00 36.28 ? 1019 PRO A C   1 
ATOM   367  O O   . PRO A 1 41  ? -21.622 8.601   3.462   1.00 40.31 ? 1019 PRO A O   1 
ATOM   368  C CB  . PRO A 1 41  ? -24.082 6.940   4.848   1.00 49.07 ? 1019 PRO A CB  1 
ATOM   369  C CG  . PRO A 1 41  ? -24.340 6.946   6.351   1.00 50.17 ? 1019 PRO A CG  1 
ATOM   370  C CD  . PRO A 1 41  ? -23.348 5.952   6.928   1.00 54.86 ? 1019 PRO A CD  1 
ATOM   371  N N   . ASP A 1 42  ? -21.412 8.618   5.676   1.00 34.64 ? 1020 ASP A N   1 
ATOM   372  C CA  . ASP A 1 42  ? -20.629 9.854   5.777   1.00 30.72 ? 1020 ASP A CA  1 
ATOM   373  C C   . ASP A 1 42  ? -19.176 9.702   5.205   1.00 29.33 ? 1020 ASP A C   1 
ATOM   374  O O   . ASP A 1 42  ? -18.499 10.719  4.942   1.00 31.71 ? 1020 ASP A O   1 
ATOM   375  C CB  . ASP A 1 42  ? -20.647 10.075  7.272   1.00 42.61 ? 1020 ASP A CB  1 
ATOM   376  C CG  . ASP A 1 42  ? -19.876 11.296  7.595   1.00 46.38 ? 1020 ASP A CG  1 
ATOM   377  O OD1 . ASP A 1 42  ? -20.268 12.347  7.061   1.00 53.72 ? 1020 ASP A OD1 1 
ATOM   378  O OD2 . ASP A 1 42  ? -18.859 11.147  8.290   1.00 44.48 ? 1020 ASP A OD2 1 
ATOM   379  N N   . TYR A 1 43  ? -18.664 8.483   5.153   1.00 30.22 ? 1021 TYR A N   1 
ATOM   380  C CA  . TYR A 1 43  ? -17.185 8.280   4.966   1.00 28.14 ? 1021 TYR A CA  1 
ATOM   381  C C   . TYR A 1 43  ? -16.748 8.854   3.610   1.00 25.03 ? 1021 TYR A C   1 
ATOM   382  O O   . TYR A 1 43  ? -15.771 9.623   3.542   1.00 26.75 ? 1021 TYR A O   1 
ATOM   383  C CB  . TYR A 1 43  ? -16.803 6.792   5.089   1.00 27.13 ? 1021 TYR A CB  1 
ATOM   384  C CG  . TYR A 1 43  ? -15.302 6.503   5.024   1.00 22.92 ? 1021 TYR A CG  1 
ATOM   385  C CD1 . TYR A 1 43  ? -14.498 6.781   6.106   1.00 22.08 ? 1021 TYR A CD1 1 
ATOM   386  C CD2 . TYR A 1 43  ? -14.698 6.042   3.852   1.00 23.21 ? 1021 TYR A CD2 1 
ATOM   387  C CE1 . TYR A 1 43  ? -13.110 6.568   6.070   1.00 20.65 ? 1021 TYR A CE1 1 
ATOM   388  C CE2 . TYR A 1 43  ? -13.318 5.809   3.809   1.00 22.42 ? 1021 TYR A CE2 1 
ATOM   389  C CZ  . TYR A 1 43  ? -12.541 6.097   4.904   1.00 20.55 ? 1021 TYR A CZ  1 
ATOM   390  O OH  . TYR A 1 43  ? -11.173 5.945   4.911   1.00 19.54 ? 1021 TYR A OH  1 
ATOM   391  N N   . ARG A 1 44  ? -17.503 8.497   2.582   1.00 27.79 ? 1022 ARG A N   1 
ATOM   392  C CA  . ARG A 1 44  ? -17.193 8.889   1.177   1.00 30.63 ? 1022 ARG A CA  1 
ATOM   393  C C   . ARG A 1 44  ? -17.527 10.351  0.901   1.00 31.90 ? 1022 ARG A C   1 
ATOM   394  O O   . ARG A 1 44  ? -16.969 10.855  -0.059  1.00 38.58 ? 1022 ARG A O   1 
ATOM   395  C CB  . ARG A 1 44  ? -17.804 7.888   0.202   1.00 32.92 ? 1022 ARG A CB  1 
ATOM   396  C CG  . ARG A 1 44  ? -17.023 6.586   0.126   1.00 37.46 ? 1022 ARG A CG  1 
ATOM   397  C CD  . ARG A 1 44  ? -17.694 5.472   -0.659  1.00 45.04 ? 1022 ARG A CD  1 
ATOM   398  N NE  . ARG A 1 44  ? -16.844 4.288   -0.543  1.00 48.01 ? 1022 ARG A NE  1 
ATOM   399  C CZ  . ARG A 1 44  ? -16.734 3.496   0.538   1.00 56.34 ? 1022 ARG A CZ  1 
ATOM   400  N NH1 . ARG A 1 44  ? -17.492 3.693   1.621   1.00 46.12 ? 1022 ARG A NH1 1 
ATOM   401  N NH2 . ARG A 1 44  ? -15.882 2.470   0.495   1.00 57.94 ? 1022 ARG A NH2 1 
ATOM   402  N N   . THR A 1 45  ? -18.172 11.080  1.802   1.00 35.64 ? 1023 THR A N   1 
ATOM   403  C CA  . THR A 1 45  ? -18.263 12.555  1.642   1.00 39.14 ? 1023 THR A CA  1 
ATOM   404  C C   . THR A 1 45  ? -16.976 13.212  2.138   1.00 38.87 ? 1023 THR A C   1 
ATOM   405  O O   . THR A 1 45  ? -16.568 14.211  1.531   1.00 41.84 ? 1023 THR A O   1 
ATOM   406  C CB  . THR A 1 45  ? -19.611 13.029  2.208   1.00 42.89 ? 1023 THR A CB  1 
ATOM   407  O OG1 . THR A 1 45  ? -19.629 13.107  3.638   1.00 44.56 ? 1023 THR A OG1 1 
ATOM   408  C CG2 . THR A 1 45  ? -20.679 12.071  1.734   1.00 40.50 ? 1023 THR A CG2 1 
ATOM   409  N N   . VAL A 1 46  ? -16.290 12.664  3.151   1.00 26.72 ? 1024 VAL A N   1 
ATOM   410  C CA  . VAL A 1 46  ? -15.056 13.279  3.685   1.00 25.20 ? 1024 VAL A CA  1 
ATOM   411  C C   . VAL A 1 46  ? -13.813 12.745  2.919   1.00 21.50 ? 1024 VAL A C   1 
ATOM   412  O O   . VAL A 1 46  ? -12.915 13.505  2.676   1.00 24.83 ? 1024 VAL A O   1 
ATOM   413  C CB  . VAL A 1 46  ? -14.930 12.971  5.198   1.00 28.55 ? 1024 VAL A CB  1 
ATOM   414  C CG1 . VAL A 1 46  ? -13.637 13.549  5.771   1.00 27.22 ? 1024 VAL A CG1 1 
ATOM   415  C CG2 . VAL A 1 46  ? -16.162 13.488  5.941   1.00 37.44 ? 1024 VAL A CG2 1 
ATOM   416  N N   . ILE A 1 47  ? -13.722 11.424  2.773   1.00 20.15 ? 1025 ILE A N   1 
ATOM   417  C CA  . ILE A 1 47  ? -12.532 10.751  2.196   1.00 19.28 ? 1025 ILE A CA  1 
ATOM   418  C C   . ILE A 1 47  ? -12.762 10.566  0.667   1.00 14.73 ? 1025 ILE A C   1 
ATOM   419  O O   . ILE A 1 47  ? -13.581 9.742   0.264   1.00 18.14 ? 1025 ILE A O   1 
ATOM   420  C CB  . ILE A 1 47  ? -12.222 9.458   2.973   1.00 16.58 ? 1025 ILE A CB  1 
ATOM   421  C CG1 . ILE A 1 47  ? -11.924 9.741   4.466   1.00 17.93 ? 1025 ILE A CG1 1 
ATOM   422  C CG2 . ILE A 1 47  ? -11.078 8.705   2.302   1.00 15.60 ? 1025 ILE A CG2 1 
ATOM   423  C CD1 . ILE A 1 47  ? -10.729 10.538  4.737   1.00 19.24 ? 1025 ILE A CD1 1 
ATOM   424  N N   . LYS A 1 48  ? -11.970 11.304  -0.059  1.00 18.51 ? 1026 LYS A N   1 
ATOM   425  C CA  . LYS A 1 48  ? -12.224 11.370  -1.542  1.00 17.81 ? 1026 LYS A CA  1 
ATOM   426  C C   . LYS A 1 48  ? -11.545 10.224  -2.301  1.00 18.56 ? 1026 LYS A C   1 
ATOM   427  O O   . LYS A 1 48  ? -12.090 9.866   -3.372  1.00 18.78 ? 1026 LYS A O   1 
ATOM   428  C CB  . LYS A 1 48  ? -11.709 12.708  -2.036  1.00 20.74 ? 1026 LYS A CB  1 
ATOM   429  C CG  . LYS A 1 48  ? -12.375 13.944  -1.422  1.00 21.12 ? 1026 LYS A CG  1 
ATOM   430  C CD  . LYS A 1 48  ? -13.794 13.979  -1.626  1.00 23.15 ? 1026 LYS A CD  1 
ATOM   431  C CE  . LYS A 1 48  ? -14.437 15.254  -1.030  1.00 24.99 ? 1026 LYS A CE  1 
ATOM   432  N NZ  . LYS A 1 48  ? -15.907 15.104  -1.067  1.00 30.62 ? 1026 LYS A NZ  1 
ATOM   433  N N   . GLU A 1 49  ? -10.517 9.558   -1.743  1.00 16.98 ? 1027 GLU A N   1 
ATOM   434  C CA  . GLU A 1 49  ? -9.881  8.378   -2.401  1.00 16.32 ? 1027 GLU A CA  1 
ATOM   435  C C   . GLU A 1 49  ? -9.697  7.266   -1.339  1.00 14.70 ? 1027 GLU A C   1 
ATOM   436  O O   . GLU A 1 49  ? -8.590  7.126   -0.802  1.00 15.60 ? 1027 GLU A O   1 
ATOM   437  C CB  . GLU A 1 49  ? -8.592  8.783   -3.082  1.00 16.90 ? 1027 GLU A CB  1 
ATOM   438  C CG  . GLU A 1 49  ? -8.151  7.721   -4.092  1.00 17.21 ? 1027 GLU A CG  1 
ATOM   439  C CD  . GLU A 1 49  ? -6.924  7.918   -4.957  1.00 19.39 ? 1027 GLU A CD  1 
ATOM   440  O OE1 . GLU A 1 49  ? -6.294  8.966   -4.880  1.00 21.81 ? 1027 GLU A OE1 1 
ATOM   441  O OE2 . GLU A 1 49  ? -6.666  6.928   -5.795  1.00 21.25 ? 1027 GLU A OE2 1 
ATOM   442  N N   . PRO A 1 50  ? -10.759 6.506   -1.079  1.00 13.61 ? 1028 PRO A N   1 
ATOM   443  C CA  . PRO A 1 50  ? -10.650 5.359   -0.154  1.00 13.55 ? 1028 PRO A CA  1 
ATOM   444  C C   . PRO A 1 50  ? -9.557  4.384   -0.628  1.00 14.31 ? 1028 PRO A C   1 
ATOM   445  O O   . PRO A 1 50  ? -9.338  4.179   -1.872  1.00 15.75 ? 1028 PRO A O   1 
ATOM   446  C CB  . PRO A 1 50  ? -12.020 4.718   -0.128  1.00 16.33 ? 1028 PRO A CB  1 
ATOM   447  C CG  . PRO A 1 50  ? -12.977 5.803   -0.603  1.00 19.13 ? 1028 PRO A CG  1 
ATOM   448  C CD  . PRO A 1 50  ? -12.160 6.663   -1.538  1.00 16.43 ? 1028 PRO A CD  1 
ATOM   449  N N   . MET A 1 51  ? -8.894  3.706   0.350   1.00 12.99 ? 1029 MET A N   1 
ATOM   450  C CA  . MET A 1 51  ? -7.898  2.651   0.001   1.00 12.87 ? 1029 MET A CA  1 
ATOM   451  C C   . MET A 1 51  ? -7.856  1.626   1.147   1.00 12.30 ? 1029 MET A C   1 
ATOM   452  O O   . MET A 1 51  ? -8.048  2.025   2.323   1.00 14.23 ? 1029 MET A O   1 
ATOM   453  C CB  . MET A 1 51  ? -6.535  3.276   -0.307  1.00 13.92 ? 1029 MET A CB  1 
ATOM   454  C CG  . MET A 1 51  ? -5.484  2.332   -0.913  1.00 13.94 ? 1029 MET A CG  1 
ATOM   455  S SD  . MET A 1 51  ? -5.937  1.404   -2.396  1.00 15.70 ? 1029 MET A SD  1 
ATOM   456  C CE  . MET A 1 51  ? -6.369  2.726   -3.568  1.00 16.34 ? 1029 MET A CE  1 
ATOM   457  N N   . ASP A 1 52  ? -7.549  0.363   0.809   1.00 12.79 ? 1030 ASP A N   1 
ATOM   458  C CA  . ASP A 1 52  ? -7.461  -0.742  1.812   1.00 12.56 ? 1030 ASP A CA  1 
ATOM   459  C C   . ASP A 1 52  ? -6.581  -1.842  1.248   1.00 13.71 ? 1030 ASP A C   1 
ATOM   460  O O   . ASP A 1 52  ? -6.256  -1.825  0.003   1.00 13.31 ? 1030 ASP A O   1 
ATOM   461  C CB  . ASP A 1 52  ? -8.869  -1.273  2.107   1.00 15.05 ? 1030 ASP A CB  1 
ATOM   462  C CG  . ASP A 1 52  ? -9.451  -1.975  0.897   1.00 17.51 ? 1030 ASP A CG  1 
ATOM   463  O OD1 . ASP A 1 52  ? -9.980  -1.291  -0.028  1.00 22.98 ? 1030 ASP A OD1 1 
ATOM   464  O OD2 . ASP A 1 52  ? -9.260  -3.181  0.768   1.00 21.09 ? 1030 ASP A OD2 1 
ATOM   465  N N   . LEU A 1 53  ? -6.183  -2.843  2.053   1.00 13.72 ? 1031 LEU A N   1 
ATOM   466  C CA  . LEU A 1 53  ? -5.211  -3.877  1.614   1.00 13.22 ? 1031 LEU A CA  1 
ATOM   467  C C   . LEU A 1 53  ? -5.784  -4.855  0.538   1.00 14.27 ? 1031 LEU A C   1 
ATOM   468  O O   . LEU A 1 53  ? -5.028  -5.362  -0.280  1.00 14.45 ? 1031 LEU A O   1 
ATOM   469  C CB  . LEU A 1 53  ? -4.648  -4.614  2.866   1.00 12.85 ? 1031 LEU A CB  1 
ATOM   470  C CG  . LEU A 1 53  ? -3.850  -3.755  3.850   1.00 12.23 ? 1031 LEU A CG  1 
ATOM   471  C CD1 . LEU A 1 53  ? -3.550  -4.580  5.114   1.00 15.09 ? 1031 LEU A CD1 1 
ATOM   472  C CD2 . LEU A 1 53  ? -2.567  -3.211  3.252   1.00 12.96 ? 1031 LEU A CD2 1 
ATOM   473  N N   A SER A 1 54  ? -7.095  -5.114  0.533   0.16 14.72 ? 1032 SER A N   1 
ATOM   474  N N   B SER A 1 54  ? -7.097  -5.110  0.540   0.18 15.91 ? 1032 SER A N   1 
ATOM   475  N N   C SER A 1 54  ? -7.102  -5.103  0.539   0.16 14.29 ? 1032 SER A N   1 
ATOM   476  C CA  A SER A 1 54  ? -7.720  -5.959  -0.521  0.16 14.79 ? 1032 SER A CA  1 
ATOM   477  C CA  B SER A 1 54  ? -7.742  -5.939  -0.514  0.18 16.69 ? 1032 SER A CA  1 
ATOM   478  C CA  C SER A 1 54  ? -7.759  -5.941  -0.503  0.16 14.11 ? 1032 SER A CA  1 
ATOM   479  C C   A SER A 1 54  ? -7.653  -5.231  -1.876  0.16 14.26 ? 1032 SER A C   1 
ATOM   480  C C   B SER A 1 54  ? -7.632  -5.225  -1.870  0.18 15.17 ? 1032 SER A C   1 
ATOM   481  C C   C SER A 1 54  ? -7.664  -5.231  -1.867  0.16 13.89 ? 1032 SER A C   1 
ATOM   482  O O   A SER A 1 54  ? -7.351  -5.887  -2.902  0.16 15.53 ? 1032 SER A O   1 
ATOM   483  O O   B SER A 1 54  ? -7.294  -5.884  -2.888  0.18 16.61 ? 1032 SER A O   1 
ATOM   484  O O   C SER A 1 54  ? -7.358  -5.899  -2.883  0.16 15.30 ? 1032 SER A O   1 
ATOM   485  C CB  A SER A 1 54  ? -9.137  -6.374  -0.157  0.16 16.04 ? 1032 SER A CB  1 
ATOM   486  C CB  B SER A 1 54  ? -9.187  -6.271  -0.180  0.18 19.81 ? 1032 SER A CB  1 
ATOM   487  C CB  C SER A 1 54  ? -9.203  -6.318  -0.139  0.16 14.84 ? 1032 SER A CB  1 
ATOM   488  O OG  A SER A 1 54  ? -9.122  -7.351  0.874   0.16 16.40 ? 1032 SER A OG  1 
ATOM   489  O OG  B SER A 1 54  ? -9.678  -7.272  -1.058  0.18 23.89 ? 1032 SER A OG  1 
ATOM   490  O OG  C SER A 1 54  ? -10.104 -5.224  -0.272  0.16 14.04 ? 1032 SER A OG  1 
ATOM   491  N N   . SER A 1 55  ? -7.893  -3.918  -1.891  1.00 14.72 ? 1033 SER A N   1 
ATOM   492  C CA  . SER A 1 55  ? -7.758  -3.098  -3.126  1.00 14.50 ? 1033 SER A CA  1 
ATOM   493  C C   . SER A 1 55  ? -6.293  -3.095  -3.586  1.00 12.97 ? 1033 SER A C   1 
ATOM   494  O O   . SER A 1 55  ? -6.042  -3.200  -4.823  1.00 12.95 ? 1033 SER A O   1 
ATOM   495  C CB  . SER A 1 55  ? -8.283  -1.718  -2.976  1.00 16.11 ? 1033 SER A CB  1 
ATOM   496  O OG  . SER A 1 55  ? -9.682  -1.795  -2.658  1.00 21.49 ? 1033 SER A OG  1 
ATOM   497  N N   . VAL A 1 56  ? -5.331  -2.997  -2.670  1.00 12.69 ? 1034 VAL A N   1 
ATOM   498  C CA  . VAL A 1 56  ? -3.880  -3.056  -3.023  1.00 12.16 ? 1034 VAL A CA  1 
ATOM   499  C C   . VAL A 1 56  ? -3.557  -4.388  -3.729  1.00 12.13 ? 1034 VAL A C   1 
ATOM   500  O O   . VAL A 1 56  ? -2.842  -4.379  -4.751  1.00 12.37 ? 1034 VAL A O   1 
ATOM   501  C CB  . VAL A 1 56  ? -3.021  -2.751  -1.773  1.00 12.01 ? 1034 VAL A CB  1 
ATOM   502  C CG1 . VAL A 1 56  ? -1.550  -3.059  -2.043  1.00 13.71 ? 1034 VAL A CG1 1 
ATOM   503  C CG2 . VAL A 1 56  ? -3.149  -1.325  -1.353  1.00 13.26 ? 1034 VAL A CG2 1 
ATOM   504  N N   A ILE A 1 57  ? -4.035  -5.512  -3.186  0.16 13.10 ? 1035 ILE A N   1 
ATOM   505  N N   B ILE A 1 57  ? -3.995  -5.544  -3.211  0.18 12.59 ? 1035 ILE A N   1 
ATOM   506  N N   C ILE A 1 57  ? -4.034  -5.511  -3.186  0.16 13.10 ? 1035 ILE A N   1 
ATOM   507  C CA  A ILE A 1 57  ? -3.841  -6.860  -3.803  0.16 13.89 ? 1035 ILE A CA  1 
ATOM   508  C CA  B ILE A 1 57  ? -3.722  -6.830  -3.933  0.18 13.10 ? 1035 ILE A CA  1 
ATOM   509  C CA  C ILE A 1 57  ? -3.841  -6.860  -3.803  0.16 13.88 ? 1035 ILE A CA  1 
ATOM   510  C C   A ILE A 1 57  ? -4.402  -6.874  -5.238  0.16 14.03 ? 1035 ILE A C   1 
ATOM   511  C C   B ILE A 1 57  ? -4.341  -6.752  -5.339  0.18 13.22 ? 1035 ILE A C   1 
ATOM   512  C C   C ILE A 1 57  ? -4.402  -6.874  -5.238  0.16 14.03 ? 1035 ILE A C   1 
ATOM   513  O O   A ILE A 1 57  ? -3.722  -7.382  -6.147  0.16 13.86 ? 1035 ILE A O   1 
ATOM   514  O O   B ILE A 1 57  ? -3.635  -7.047  -6.345  0.18 12.47 ? 1035 ILE A O   1 
ATOM   515  O O   C ILE A 1 57  ? -3.723  -7.383  -6.148  0.16 13.86 ? 1035 ILE A O   1 
ATOM   516  C CB  A ILE A 1 57  ? -4.464  -7.948  -2.905  0.16 16.05 ? 1035 ILE A CB  1 
ATOM   517  C CB  B ILE A 1 57  ? -4.219  -8.074  -3.176  0.18 14.85 ? 1035 ILE A CB  1 
ATOM   518  C CB  C ILE A 1 57  ? -4.464  -7.948  -2.905  0.16 16.06 ? 1035 ILE A CB  1 
ATOM   519  C CG1 A ILE A 1 57  ? -3.581  -8.178  -1.678  0.16 17.18 ? 1035 ILE A CG1 1 
ATOM   520  C CG1 B ILE A 1 57  ? -3.481  -8.232  -1.841  0.18 16.10 ? 1035 ILE A CG1 1 
ATOM   521  C CG1 C ILE A 1 57  ? -3.581  -8.177  -1.678  0.16 17.20 ? 1035 ILE A CG1 1 
ATOM   522  C CG2 A ILE A 1 57  ? -4.704  -9.231  -3.683  0.16 16.73 ? 1035 ILE A CG2 1 
ATOM   523  C CG2 B ILE A 1 57  ? -4.099  -9.306  -4.083  0.18 14.60 ? 1035 ILE A CG2 1 
ATOM   524  C CG2 C ILE A 1 57  ? -4.704  -9.230  -3.683  0.16 16.75 ? 1035 ILE A CG2 1 
ATOM   525  C CD1 A ILE A 1 57  ? -2.181  -8.674  -2.011  0.16 17.66 ? 1035 ILE A CD1 1 
ATOM   526  C CD1 B ILE A 1 57  ? -4.304  -8.834  -0.706  0.18 16.64 ? 1035 ILE A CD1 1 
ATOM   527  C CD1 C ILE A 1 57  ? -2.180  -8.674  -2.012  0.16 17.67 ? 1035 ILE A CD1 1 
ATOM   528  N N   . SER A 1 58  ? -5.616  -6.342  -5.427  1.00 13.62 ? 1036 SER A N   1 
ATOM   529  C CA  . SER A 1 58  ? -6.224  -6.273  -6.780  1.00 14.19 ? 1036 SER A CA  1 
ATOM   530  C C   . SER A 1 58  ? -5.360  -5.400  -7.708  1.00 13.25 ? 1036 SER A C   1 
ATOM   531  O O   . SER A 1 58  ? -5.141  -5.736  -8.911  1.00 14.16 ? 1036 SER A O   1 
ATOM   532  C CB  . SER A 1 58  ? -7.638  -5.707  -6.716  1.00 14.97 ? 1036 SER A CB  1 
ATOM   533  O OG  . SER A 1 58  ? -8.499  -6.627  -6.049  1.00 20.29 ? 1036 SER A OG  1 
ATOM   534  N N   . LYS A 1 59  ? -4.834  -4.243  -7.250  1.00 12.20 ? 1037 LYS A N   1 
ATOM   535  C CA  . LYS A 1 59  ? -3.987  -3.332  -8.052  1.00 11.88 ? 1037 LYS A CA  1 
ATOM   536  C C   . LYS A 1 59  ? -2.661  -4.036  -8.455  1.00 12.41 ? 1037 LYS A C   1 
ATOM   537  O O   . LYS A 1 59  ? -2.157  -3.773  -9.582  1.00 12.47 ? 1037 LYS A O   1 
ATOM   538  C CB  . LYS A 1 59  ? -3.829  -1.985  -7.343  1.00 11.88 ? 1037 LYS A CB  1 
ATOM   539  C CG  . LYS A 1 59  ? -5.104  -1.126  -7.290  1.00 12.00 ? 1037 LYS A CG  1 
ATOM   540  C CD  . LYS A 1 59  ? -4.887  0.245   -6.695  1.00 13.15 ? 1037 LYS A CD  1 
ATOM   541  C CE  . LYS A 1 59  ? -4.020  1.146   -7.519  1.00 14.00 ? 1037 LYS A CE  1 
ATOM   542  N NZ  . LYS A 1 59  ? -3.980  2.571   -7.084  1.00 16.56 ? 1037 LYS A NZ  1 
ATOM   543  N N   . ILE A 1 60  ? -2.044  -4.798  -7.548  1.00 12.11 ? 1038 ILE A N   1 
ATOM   544  C CA  . ILE A 1 60  ? -0.781  -5.524  -7.918  1.00 12.77 ? 1038 ILE A CA  1 
ATOM   545  C C   . ILE A 1 60  ? -1.093  -6.380  -9.176  1.00 12.72 ? 1038 ILE A C   1 
ATOM   546  O O   . ILE A 1 60  ? -0.331  -6.346  -10.161 1.00 12.84 ? 1038 ILE A O   1 
ATOM   547  C CB  . ILE A 1 60  ? -0.236  -6.369  -6.741  1.00 11.59 ? 1038 ILE A CB  1 
ATOM   548  C CG1 . ILE A 1 60  ? 0.231   -5.505  -5.567  1.00 12.66 ? 1038 ILE A CG1 1 
ATOM   549  C CG2 . ILE A 1 60  ? 0.908   -7.247  -7.265  1.00 12.94 ? 1038 ILE A CG2 1 
ATOM   550  C CD1 . ILE A 1 60  ? 0.434   -6.311  -4.276  1.00 13.57 ? 1038 ILE A CD1 1 
ATOM   551  N N   . ASP A 1 61  ? -2.158  -7.138  -9.118  1.00 12.43 ? 1039 ASP A N   1 
ATOM   552  C CA  . ASP A 1 61  ? -2.511  -8.114  -10.175 1.00 14.47 ? 1039 ASP A CA  1 
ATOM   553  C C   . ASP A 1 61  ? -2.934  -7.391  -11.473 1.00 16.50 ? 1039 ASP A C   1 
ATOM   554  O O   . ASP A 1 61  ? -2.788  -8.015  -12.557 1.00 18.33 ? 1039 ASP A O   1 
ATOM   555  C CB  . ASP A 1 61  ? -3.546  -9.099  -9.670  1.00 15.90 ? 1039 ASP A CB  1 
ATOM   556  C CG  . ASP A 1 61  ? -3.096  -10.071 -8.577  1.00 19.46 ? 1039 ASP A CG  1 
ATOM   557  O OD1 . ASP A 1 61  ? -1.835  -10.229 -8.433  1.00 22.27 ? 1039 ASP A OD1 1 
ATOM   558  O OD2 . ASP A 1 61  ? -3.947  -10.668 -7.857  1.00 21.24 ? 1039 ASP A OD2 1 
ATOM   559  N N   . LEU A 1 62  ? -3.452  -6.168  -11.420 1.00 13.72 ? 1040 LEU A N   1 
ATOM   560  C CA  . LEU A 1 62  ? -3.756  -5.326  -12.604 1.00 14.16 ? 1040 LEU A CA  1 
ATOM   561  C C   . LEU A 1 62  ? -2.532  -4.614  -13.132 1.00 15.48 ? 1040 LEU A C   1 
ATOM   562  O O   . LEU A 1 62  ? -2.603  -3.827  -14.135 1.00 17.25 ? 1040 LEU A O   1 
ATOM   563  C CB  . LEU A 1 62  ? -4.857  -4.334  -12.224 1.00 13.92 ? 1040 LEU A CB  1 
ATOM   564  C CG  . LEU A 1 62  ? -6.257  -4.848  -12.055 1.00 15.39 ? 1040 LEU A CG  1 
ATOM   565  C CD1 . LEU A 1 62  ? -7.130  -3.823  -11.349 1.00 15.60 ? 1040 LEU A CD1 1 
ATOM   566  C CD2 . LEU A 1 62  ? -6.877  -5.263  -13.406 1.00 18.62 ? 1040 LEU A CD2 1 
ATOM   567  N N   . HIS A 1 63  ? -1.316  -4.832  -12.596 1.00 14.95 ? 1041 HIS A N   1 
ATOM   568  C CA  . HIS A 1 63  ? -0.071  -4.218  -13.064 1.00 14.01 ? 1041 HIS A CA  1 
ATOM   569  C C   . HIS A 1 63  ? -0.110  -2.695  -12.897 1.00 13.91 ? 1041 HIS A C   1 
ATOM   570  O O   . HIS A 1 63  ? 0.548   -1.922  -13.667 1.00 17.77 ? 1041 HIS A O   1 
ATOM   571  C CB  . HIS A 1 63  ? 0.291   -4.660  -14.518 1.00 16.36 ? 1041 HIS A CB  1 
ATOM   572  C CG  . HIS A 1 63  ? 0.439   -6.118  -14.703 1.00 16.30 ? 1041 HIS A CG  1 
ATOM   573  N ND1 . HIS A 1 63  ? 1.035   -6.604  -15.855 1.00 23.62 ? 1041 HIS A ND1 1 
ATOM   574  C CD2 . HIS A 1 63  ? 0.121   -7.188  -13.955 1.00 16.94 ? 1041 HIS A CD2 1 
ATOM   575  C CE1 . HIS A 1 63  ? 1.023   -7.931  -15.773 1.00 18.98 ? 1041 HIS A CE1 1 
ATOM   576  N NE2 . HIS A 1 63  ? 0.472   -8.369  -14.667 1.00 21.87 ? 1041 HIS A NE2 1 
ATOM   577  N N   . LYS A 1 64  ? -0.741  -2.202  -11.798 1.00 13.58 ? 1042 LYS A N   1 
ATOM   578  C CA  . LYS A 1 64  ? -0.801  -0.763  -11.514 1.00 14.53 ? 1042 LYS A CA  1 
ATOM   579  C C   . LYS A 1 64  ? 0.507   -0.212  -10.912 1.00 14.07 ? 1042 LYS A C   1 
ATOM   580  O O   . LYS A 1 64  ? 0.732   1.020   -10.966 1.00 15.74 ? 1042 LYS A O   1 
ATOM   581  C CB  . LYS A 1 64  ? -1.962  -0.430  -10.590 1.00 13.58 ? 1042 LYS A CB  1 
ATOM   582  C CG  . LYS A 1 64  ? -3.372  -0.738  -11.045 1.00 16.69 ? 1042 LYS A CG  1 
ATOM   583  C CD  . LYS A 1 64  ? -4.019  0.309   -11.885 1.00 20.65 ? 1042 LYS A CD  1 
ATOM   584  C CE  . LYS A 1 64  ? -5.485  0.007   -12.202 1.00 19.43 ? 1042 LYS A CE  1 
ATOM   585  N NZ  . LYS A 1 64  ? -6.048  1.165   -12.952 1.00 22.83 ? 1042 LYS A NZ  1 
ATOM   586  N N   . TYR A 1 65  ? 1.316   -1.057  -10.263 1.00 13.10 ? 1043 TYR A N   1 
ATOM   587  C CA  . TYR A 1 65  ? 2.583   -0.659  -9.629  1.00 12.14 ? 1043 TYR A CA  1 
ATOM   588  C C   . TYR A 1 65  ? 3.784   -1.138  -10.461 1.00 13.47 ? 1043 TYR A C   1 
ATOM   589  O O   . TYR A 1 65  ? 3.956   -2.381  -10.657 1.00 16.16 ? 1043 TYR A O   1 
ATOM   590  C CB  . TYR A 1 65  ? 2.661   -1.193  -8.189  1.00 13.23 ? 1043 TYR A CB  1 
ATOM   591  C CG  . TYR A 1 65  ? 1.443   -0.916  -7.288  1.00 11.95 ? 1043 TYR A CG  1 
ATOM   592  C CD1 . TYR A 1 65  ? 1.002   0.378   -7.031  1.00 12.45 ? 1043 TYR A CD1 1 
ATOM   593  C CD2 . TYR A 1 65  ? 0.735   -1.971  -6.713  1.00 11.98 ? 1043 TYR A CD2 1 
ATOM   594  C CE1 . TYR A 1 65  ? -0.104  0.610   -6.213  1.00 13.22 ? 1043 TYR A CE1 1 
ATOM   595  C CE2 . TYR A 1 65  ? -0.392  -1.764  -5.892  1.00 12.44 ? 1043 TYR A CE2 1 
ATOM   596  C CZ  . TYR A 1 65  ? -0.765  -0.463  -5.627  1.00 12.09 ? 1043 TYR A CZ  1 
ATOM   597  O OH  . TYR A 1 65  ? -1.878  -0.288  -4.798  1.00 12.94 ? 1043 TYR A OH  1 
ATOM   598  N N   A LEU A 1 66  ? 4.600   -0.180  -10.922 0.14 14.01 ? 1044 LEU A N   1 
ATOM   599  N N   B LEU A 1 66  ? 4.607   -0.194  -10.925 0.23 13.47 ? 1044 LEU A N   1 
ATOM   600  N N   C LEU A 1 66  ? 4.600   -0.180  -10.922 0.14 14.01 ? 1044 LEU A N   1 
ATOM   601  C CA  A LEU A 1 66  ? 5.866   -0.424  -11.676 0.14 14.32 ? 1044 LEU A CA  1 
ATOM   602  C CA  B LEU A 1 66  ? 5.879   -0.506  -11.640 0.23 13.40 ? 1044 LEU A CA  1 
ATOM   603  C CA  C LEU A 1 66  ? 5.866   -0.424  -11.676 0.14 14.32 ? 1044 LEU A CA  1 
ATOM   604  C C   A LEU A 1 66  ? 7.081   -0.109  -10.799 0.14 13.83 ? 1044 LEU A C   1 
ATOM   605  C C   B LEU A 1 66  ? 7.071   -0.270  -10.724 0.23 13.49 ? 1044 LEU A C   1 
ATOM   606  C C   C LEU A 1 66  ? 7.081   -0.109  -10.799 0.14 13.83 ? 1044 LEU A C   1 
ATOM   607  O O   A LEU A 1 66  ? 8.229   -0.320  -11.278 0.14 14.06 ? 1044 LEU A O   1 
ATOM   608  O O   B LEU A 1 66  ? 8.175   -0.754  -11.071 0.23 13.62 ? 1044 LEU A O   1 
ATOM   609  O O   C LEU A 1 66  ? 8.229   -0.320  -11.278 0.14 14.06 ? 1044 LEU A O   1 
ATOM   610  C CB  A LEU A 1 66  ? 5.891   0.450   -12.938 0.14 15.95 ? 1044 LEU A CB  1 
ATOM   611  C CB  B LEU A 1 66  ? 5.999   0.337   -12.918 0.23 14.87 ? 1044 LEU A CB  1 
ATOM   612  C CB  C LEU A 1 66  ? 5.891   0.450   -12.938 0.14 15.95 ? 1044 LEU A CB  1 
ATOM   613  C CG  A LEU A 1 66  ? 4.745   0.236   -13.928 0.14 17.43 ? 1044 LEU A CG  1 
ATOM   614  C CG  B LEU A 1 66  ? 5.327   -0.293  -14.136 0.23 15.90 ? 1044 LEU A CG  1 
ATOM   615  C CG  C LEU A 1 66  ? 4.745   0.236   -13.928 0.14 17.43 ? 1044 LEU A CG  1 
ATOM   616  C CD1 A LEU A 1 66  ? 5.006   1.018   -15.208 0.14 19.25 ? 1044 LEU A CD1 1 
ATOM   617  C CD1 B LEU A 1 66  ? 3.818   -0.268  -13.984 0.23 16.74 ? 1044 LEU A CD1 1 
ATOM   618  C CD1 C LEU A 1 66  ? 5.006   1.018   -15.208 0.14 19.25 ? 1044 LEU A CD1 1 
ATOM   619  C CD2 A LEU A 1 66  ? 4.533   -1.241  -14.236 0.14 17.52 ? 1044 LEU A CD2 1 
ATOM   620  C CD2 B LEU A 1 66  ? 5.750   0.414   -15.411 0.23 17.26 ? 1044 LEU A CD2 1 
ATOM   621  C CD2 C LEU A 1 66  ? 4.533   -1.241  -14.236 0.14 17.52 ? 1044 LEU A CD2 1 
ATOM   622  N N   . THR A 1 67  ? 6.869   0.383   -9.568  1.00 12.91 ? 1045 THR A N   1 
ATOM   623  C CA  . THR A 1 67  ? 7.955   0.635   -8.612  1.00 12.93 ? 1045 THR A CA  1 
ATOM   624  C C   . THR A 1 67  ? 7.459   0.407   -7.171  1.00 13.32 ? 1045 THR A C   1 
ATOM   625  O O   . THR A 1 67  ? 6.213   0.499   -6.947  1.00 13.64 ? 1045 THR A O   1 
ATOM   626  C CB  . THR A 1 67  ? 8.537   2.045   -8.712  1.00 14.90 ? 1045 THR A CB  1 
ATOM   627  O OG1 . THR A 1 67  ? 7.565   3.014   -8.269  1.00 15.52 ? 1045 THR A OG1 1 
ATOM   628  C CG2 . THR A 1 67  ? 9.017   2.414   -10.118 1.00 15.69 ? 1045 THR A CG2 1 
ATOM   629  N N   . VAL A 1 68  ? 8.369   0.201   -6.238  1.00 12.92 ? 1046 VAL A N   1 
ATOM   630  C CA  . VAL A 1 68  ? 7.967   0.146   -4.788  1.00 13.27 ? 1046 VAL A CA  1 
ATOM   631  C C   . VAL A 1 68  ? 7.515   1.536   -4.379  1.00 14.15 ? 1046 VAL A C   1 
ATOM   632  O O   . VAL A 1 68  ? 6.590   1.636   -3.508  1.00 14.27 ? 1046 VAL A O   1 
ATOM   633  C CB  . VAL A 1 68  ? 9.046   -0.462  -3.881  1.00 14.40 ? 1046 VAL A CB  1 
ATOM   634  C CG1 . VAL A 1 68  ? 8.526   -0.582  -2.450  1.00 16.65 ? 1046 VAL A CG1 1 
ATOM   635  C CG2 . VAL A 1 68  ? 9.391   -1.873  -4.372  1.00 15.88 ? 1046 VAL A CG2 1 
ATOM   636  N N   . LYS A 1 69  ? 8.063   2.624   -4.895  1.00 14.65 ? 1047 LYS A N   1 
ATOM   637  C CA  . LYS A 1 69  ? 7.581   3.985   -4.563  1.00 16.72 ? 1047 LYS A CA  1 
ATOM   638  C C   . LYS A 1 69  ? 6.065   4.154   -4.875  1.00 15.95 ? 1047 LYS A C   1 
ATOM   639  O O   . LYS A 1 69  ? 5.305   4.744   -4.050  1.00 17.04 ? 1047 LYS A O   1 
ATOM   640  C CB  . LYS A 1 69  ? 8.459   4.996   -5.327  1.00 21.82 ? 1047 LYS A CB  1 
ATOM   641  C CG  . LYS A 1 69  ? 8.179   6.443   -5.021  1.00 32.85 ? 1047 LYS A CG  1 
ATOM   642  C CD  . LYS A 1 69  ? 9.313   7.351   -5.570  1.00 44.78 ? 1047 LYS A CD  1 
ATOM   643  C CE  . LYS A 1 69  ? 10.462  7.525   -4.585  1.00 55.72 ? 1047 LYS A CE  1 
ATOM   644  N NZ  . LYS A 1 69  ? 11.639  6.665   -4.877  1.00 61.84 ? 1047 LYS A NZ  1 
ATOM   645  N N   A ASP A 1 70  ? 5.550   3.625   -5.971  0.24 14.35 ? 1048 ASP A N   1 
ATOM   646  N N   B ASP A 1 70  ? 5.618   3.665   -6.045  0.13 15.62 ? 1048 ASP A N   1 
ATOM   647  N N   C ASP A 1 70  ? 5.618   3.665   -6.045  0.13 15.62 ? 1048 ASP A N   1 
ATOM   648  C CA  A ASP A 1 70  ? 4.109   3.809   -6.290  0.24 13.94 ? 1048 ASP A CA  1 
ATOM   649  C CA  B ASP A 1 70  ? 4.184   3.624   -6.465  0.13 15.42 ? 1048 ASP A CA  1 
ATOM   650  C CA  C ASP A 1 70  ? 4.184   3.624   -6.465  0.13 15.42 ? 1048 ASP A CA  1 
ATOM   651  C C   A ASP A 1 70  ? 3.233   2.902   -5.380  0.24 13.27 ? 1048 ASP A C   1 
ATOM   652  C C   B ASP A 1 70  ? 3.355   2.962   -5.344  0.13 14.36 ? 1048 ASP A C   1 
ATOM   653  C C   C ASP A 1 70  ? 3.355   2.962   -5.344  0.13 14.36 ? 1048 ASP A C   1 
ATOM   654  O O   A ASP A 1 70  ? 2.049   3.250   -5.076  0.24 12.22 ? 1048 ASP A O   1 
ATOM   655  O O   B ASP A 1 70  ? 2.376   3.568   -4.866  0.13 14.47 ? 1048 ASP A O   1 
ATOM   656  O O   C ASP A 1 70  ? 2.376   3.568   -4.866  0.13 14.47 ? 1048 ASP A O   1 
ATOM   657  C CB  A ASP A 1 70  ? 3.908   3.641   -7.793  0.24 15.06 ? 1048 ASP A CB  1 
ATOM   658  C CB  B ASP A 1 70  ? 3.946   2.838   -7.771  0.13 17.07 ? 1048 ASP A CB  1 
ATOM   659  C CB  C ASP A 1 70  ? 3.946   2.838   -7.771  0.13 17.07 ? 1048 ASP A CB  1 
ATOM   660  C CG  A ASP A 1 70  ? 4.361   4.808   -8.671  0.24 16.88 ? 1048 ASP A CG  1 
ATOM   661  C CG  B ASP A 1 70  ? 4.332   3.505   -9.096  0.13 18.65 ? 1048 ASP A CG  1 
ATOM   662  C CG  C ASP A 1 70  ? 4.332   3.505   -9.096  0.13 18.65 ? 1048 ASP A CG  1 
ATOM   663  O OD1 A ASP A 1 70  ? 4.841   5.847   -8.141  0.24 19.57 ? 1048 ASP A OD1 1 
ATOM   664  O OD1 B ASP A 1 70  ? 4.757   4.686   -9.053  0.13 19.96 ? 1048 ASP A OD1 1 
ATOM   665  O OD1 C ASP A 1 70  ? 4.757   4.686   -9.053  0.13 19.96 ? 1048 ASP A OD1 1 
ATOM   666  O OD2 A ASP A 1 70  ? 4.288   4.636   -9.889  0.24 19.12 ? 1048 ASP A OD2 1 
ATOM   667  O OD2 B ASP A 1 70  ? 4.207   2.825   -10.189 0.13 19.12 ? 1048 ASP A OD2 1 
ATOM   668  O OD2 C ASP A 1 70  ? 4.207   2.825   -10.189 0.13 19.12 ? 1048 ASP A OD2 1 
ATOM   669  N N   . TYR A 1 71  ? 3.740   1.743   -4.959  1.00 13.08 ? 1049 TYR A N   1 
ATOM   670  C CA  . TYR A 1 71  ? 3.040   0.905   -3.955  1.00 12.46 ? 1049 TYR A CA  1 
ATOM   671  C C   . TYR A 1 71  ? 2.974   1.704   -2.645  1.00 13.01 ? 1049 TYR A C   1 
ATOM   672  O O   . TYR A 1 71  ? 1.849   1.709   -1.974  1.00 11.93 ? 1049 TYR A O   1 
ATOM   673  C CB  . TYR A 1 71  ? 3.794   -0.421  -3.781  1.00 11.28 ? 1049 TYR A CB  1 
ATOM   674  C CG  . TYR A 1 71  ? 3.388   -1.281  -2.613  1.00 11.06 ? 1049 TYR A CG  1 
ATOM   675  C CD1 . TYR A 1 71  ? 2.369   -2.207  -2.702  1.00 11.01 ? 1049 TYR A CD1 1 
ATOM   676  C CD2 . TYR A 1 71  ? 4.124   -1.250  -1.393  1.00 11.86 ? 1049 TYR A CD2 1 
ATOM   677  C CE1 . TYR A 1 71  ? 2.011   -3.029  -1.640  1.00 10.93 ? 1049 TYR A CE1 1 
ATOM   678  C CE2 . TYR A 1 71  ? 3.790   -2.060  -0.316  1.00 11.67 ? 1049 TYR A CE2 1 
ATOM   679  C CZ  . TYR A 1 71  ? 2.739   -2.976  -0.428  1.00 11.37 ? 1049 TYR A CZ  1 
ATOM   680  O OH  . TYR A 1 71  ? 2.420   -3.802  0.629   1.00 12.10 ? 1049 TYR A OH  1 
ATOM   681  N N   . LEU A 1 72  ? 4.077   2.265   -2.175  1.00 12.62 ? 1050 LEU A N   1 
ATOM   682  C CA  . LEU A 1 72  ? 4.116   2.972   -0.845  1.00 13.02 ? 1050 LEU A CA  1 
ATOM   683  C C   . LEU A 1 72  ? 3.197   4.188   -0.940  1.00 12.94 ? 1050 LEU A C   1 
ATOM   684  O O   . LEU A 1 72  ? 2.636   4.580   0.170   1.00 14.10 ? 1050 LEU A O   1 
ATOM   685  C CB  . LEU A 1 72  ? 5.520   3.336   -0.419  1.00 13.75 ? 1050 LEU A CB  1 
ATOM   686  C CG  . LEU A 1 72  ? 6.342   2.162   0.080   1.00 14.62 ? 1050 LEU A CG  1 
ATOM   687  C CD1 . LEU A 1 72  ? 7.827   2.563   0.241   1.00 18.27 ? 1050 LEU A CD1 1 
ATOM   688  C CD2 . LEU A 1 72  ? 5.838   1.564   1.376   1.00 17.89 ? 1050 LEU A CD2 1 
ATOM   689  N N   . ARG A 1 73  ? 2.912   4.809   -2.059  1.00 12.61 ? 1051 ARG A N   1 
ATOM   690  C CA  . ARG A 1 73  ? 1.935   5.929   -2.098  1.00 13.93 ? 1051 ARG A CA  1 
ATOM   691  C C   . ARG A 1 73  ? 0.563   5.390   -1.643  1.00 12.77 ? 1051 ARG A C   1 
ATOM   692  O O   . ARG A 1 73  ? -0.205  6.153   -0.917  1.00 13.18 ? 1051 ARG A O   1 
ATOM   693  C CB  . ARG A 1 73  ? 1.770   6.514   -3.508  1.00 19.06 ? 1051 ARG A CB  1 
ATOM   694  C CG  . ARG A 1 73  ? 2.950   7.327   -3.956  1.00 27.50 ? 1051 ARG A CG  1 
ATOM   695  C CD  . ARG A 1 73  ? 2.678   8.077   -5.300  1.00 35.09 ? 1051 ARG A CD  1 
ATOM   696  N NE  . ARG A 1 73  ? 3.795   7.882   -6.224  1.00 48.19 ? 1051 ARG A NE  1 
ATOM   697  C CZ  . ARG A 1 73  ? 4.966   8.523   -6.157  1.00 62.80 ? 1051 ARG A CZ  1 
ATOM   698  N NH1 . ARG A 1 73  ? 5.184   9.438   -5.220  1.00 70.16 ? 1051 ARG A NH1 1 
ATOM   699  N NH2 . ARG A 1 73  ? 5.911   8.252   -7.047  1.00 75.98 ? 1051 ARG A NH2 1 
ATOM   700  N N   . ASP A 1 74  ? 0.142   4.183   -2.009  1.00 12.35 ? 1052 ASP A N   1 
ATOM   701  C CA  . ASP A 1 74  ? -1.155  3.622   -1.567  1.00 12.44 ? 1052 ASP A CA  1 
ATOM   702  C C   . ASP A 1 74  ? -1.088  3.212   -0.075  1.00 12.21 ? 1052 ASP A C   1 
ATOM   703  O O   . ASP A 1 74  ? -2.131  3.373   0.630   1.00 12.48 ? 1052 ASP A O   1 
ATOM   704  C CB  . ASP A 1 74  ? -1.664  2.538   -2.500  1.00 11.71 ? 1052 ASP A CB  1 
ATOM   705  C CG  . ASP A 1 74  ? -2.397  3.073   -3.753  1.00 14.34 ? 1052 ASP A CG  1 
ATOM   706  O OD1 . ASP A 1 74  ? -2.860  4.265   -3.698  1.00 16.17 ? 1052 ASP A OD1 1 
ATOM   707  O OD2 . ASP A 1 74  ? -2.668  2.256   -4.684  1.00 13.78 ? 1052 ASP A OD2 1 
ATOM   708  N N   . ILE A 1 75  ? -0.006  2.640   0.454   1.00 11.51 ? 1053 ILE A N   1 
ATOM   709  C CA  . ILE A 1 75  ? 0.097   2.349   1.927   1.00 11.58 ? 1053 ILE A CA  1 
ATOM   710  C C   . ILE A 1 75  ? 0.008   3.700   2.664   1.00 11.72 ? 1053 ILE A C   1 
ATOM   711  O O   . ILE A 1 75  ? -0.802  3.792   3.675   1.00 11.91 ? 1053 ILE A O   1 
ATOM   712  C CB  . ILE A 1 75  ? 1.417   1.634   2.252   1.00 13.71 ? 1053 ILE A CB  1 
ATOM   713  C CG1 . ILE A 1 75  ? 1.543   0.272   1.532   1.00 14.89 ? 1053 ILE A CG1 1 
ATOM   714  C CG2 . ILE A 1 75  ? 1.574   1.513   3.756   1.00 15.98 ? 1053 ILE A CG2 1 
ATOM   715  C CD1 . ILE A 1 75  ? 0.394   -0.736  1.774   1.00 17.28 ? 1053 ILE A CD1 1 
ATOM   716  N N   . ASP A 1 76  ? 0.662   4.752   2.215   1.00 11.27 ? 1054 ASP A N   1 
ATOM   717  C CA  . ASP A 1 76  ? 0.578   6.085   2.844   1.00 12.65 ? 1054 ASP A CA  1 
ATOM   718  C C   . ASP A 1 76  ? -0.855  6.618   2.785   1.00 13.34 ? 1054 ASP A C   1 
ATOM   719  O O   . ASP A 1 76  ? -1.247  7.315   3.790   1.00 14.41 ? 1054 ASP A O   1 
ATOM   720  C CB  . ASP A 1 76  ? 1.609   7.059   2.232   1.00 14.50 ? 1054 ASP A CB  1 
ATOM   721  C CG  . ASP A 1 76  ? 3.023   6.778   2.774   1.00 16.59 ? 1054 ASP A CG  1 
ATOM   722  O OD1 . ASP A 1 76  ? 3.192   6.602   3.979   1.00 22.83 ? 1054 ASP A OD1 1 
ATOM   723  O OD2 . ASP A 1 76  ? 3.963   6.986   2.066   1.00 22.73 ? 1054 ASP A OD2 1 
ATOM   724  N N   . LEU A 1 77  ? -1.628  6.394   1.729   1.00 11.74 ? 1055 LEU A N   1 
ATOM   725  C CA  . LEU A 1 77  ? -3.043  6.845   1.603   1.00 11.78 ? 1055 LEU A CA  1 
ATOM   726  C C   . LEU A 1 77  ? -3.921  6.088   2.610   1.00 12.99 ? 1055 LEU A C   1 
ATOM   727  O O   . LEU A 1 77  ? -4.829  6.729   3.259   1.00 13.24 ? 1055 LEU A O   1 
ATOM   728  C CB  . LEU A 1 77  ? -3.496  6.618   0.129   1.00 12.74 ? 1055 LEU A CB  1 
ATOM   729  C CG  . LEU A 1 77  ? -4.911  7.045   -0.232  1.00 14.98 ? 1055 LEU A CG  1 
ATOM   730  C CD1 . LEU A 1 77  ? -5.129  8.533   -0.026  1.00 15.93 ? 1055 LEU A CD1 1 
ATOM   731  C CD2 . LEU A 1 77  ? -5.192  6.717   -1.770  1.00 15.14 ? 1055 LEU A CD2 1 
ATOM   732  N N   . ILE A 1 78  ? -3.732  4.777   2.801   1.00 11.91 ? 1056 ILE A N   1 
ATOM   733  C CA  . ILE A 1 78  ? -4.472  4.053   3.880   1.00 11.92 ? 1056 ILE A CA  1 
ATOM   734  C C   . ILE A 1 78  ? -4.265  4.789   5.194   1.00 12.89 ? 1056 ILE A C   1 
ATOM   735  O O   . ILE A 1 78  ? -5.309  5.038   5.934   1.00 13.12 ? 1056 ILE A O   1 
ATOM   736  C CB  . ILE A 1 78  ? -4.061  2.564   3.960   1.00 12.83 ? 1056 ILE A CB  1 
ATOM   737  C CG1 . ILE A 1 78  ? -4.389  1.800   2.674   1.00 12.32 ? 1056 ILE A CG1 1 
ATOM   738  C CG2 . ILE A 1 78  ? -4.776  1.885   5.164   1.00 14.48 ? 1056 ILE A CG2 1 
ATOM   739  C CD1 . ILE A 1 78  ? -3.851  0.380   2.598   1.00 13.30 ? 1056 ILE A CD1 1 
ATOM   740  N N   . CYS A 1 79  ? -3.074  5.079   5.577   1.00 11.94 ? 1057 CYS A N   1 
ATOM   741  C CA  . CYS A 1 79  ? -2.689  5.693   6.877   1.00 12.74 ? 1057 CYS A CA  1 
ATOM   742  C C   . CYS A 1 79  ? -3.234  7.124   6.931   1.00 15.22 ? 1057 CYS A C   1 
ATOM   743  O O   . CYS A 1 79  ? -3.972  7.493   7.928   1.00 14.58 ? 1057 CYS A O   1 
ATOM   744  C CB  . CYS A 1 79  ? -1.199  5.682   7.076   1.00 13.42 ? 1057 CYS A CB  1 
ATOM   745  S SG  . CYS A 1 79  ? -0.662  6.481   8.627   1.00 17.70 ? 1057 CYS A SG  1 
ATOM   746  N N   . SER A 1 80  ? -3.062  7.966   5.889   1.00 13.57 ? 1058 SER A N   1 
ATOM   747  C CA  . SER A 1 80  ? -3.491  9.397   5.973   1.00 14.18 ? 1058 SER A CA  1 
ATOM   748  C C   . SER A 1 80  ? -5.016  9.437   5.985   1.00 14.35 ? 1058 SER A C   1 
ATOM   749  O O   . SER A 1 80  ? -5.616  10.309  6.777   1.00 14.56 ? 1058 SER A O   1 
ATOM   750  C CB  . SER A 1 80  ? -2.865  10.211  4.847   1.00 16.83 ? 1058 SER A CB  1 
ATOM   751  O OG  . SER A 1 80  ? -3.316  9.843   3.574   1.00 19.49 ? 1058 SER A OG  1 
ATOM   752  N N   . ASN A 1 81  ? -5.757  8.581   5.339   1.00 12.84 ? 1059 ASN A N   1 
ATOM   753  C CA  . ASN A 1 81  ? -7.245  8.535   5.342   1.00 12.61 ? 1059 ASN A CA  1 
ATOM   754  C C   . ASN A 1 81  ? -7.695  8.296   6.812   1.00 14.85 ? 1059 ASN A C   1 
ATOM   755  O O   . ASN A 1 81  ? -8.649  8.938   7.299   1.00 15.00 ? 1059 ASN A O   1 
ATOM   756  C CB  . ASN A 1 81  ? -7.863  7.520   4.387   1.00 12.93 ? 1059 ASN A CB  1 
ATOM   757  C CG  . ASN A 1 81  ? -7.765  7.867   2.875   1.00 12.94 ? 1059 ASN A CG  1 
ATOM   758  O OD1 . ASN A 1 81  ? -7.530  9.028   2.574   1.00 14.82 ? 1059 ASN A OD1 1 
ATOM   759  N ND2 . ASN A 1 81  ? -8.050  6.850   2.045   1.00 13.97 ? 1059 ASN A ND2 1 
ATOM   760  N N   . ALA A 1 82  ? -7.073  7.329   7.488   1.00 13.45 ? 1060 ALA A N   1 
ATOM   761  C CA  . ALA A 1 82  ? -7.474  6.995   8.887   1.00 15.02 ? 1060 ALA A CA  1 
ATOM   762  C C   . ALA A 1 82  ? -7.128  8.163   9.793   1.00 14.04 ? 1060 ALA A C   1 
ATOM   763  O O   . ALA A 1 82  ? -8.015  8.453   10.732  1.00 15.17 ? 1060 ALA A O   1 
ATOM   764  C CB  . ALA A 1 82  ? -6.773  5.692   9.328   1.00 14.57 ? 1060 ALA A CB  1 
ATOM   765  N N   . LEU A 1 83  ? -6.036  8.878   9.702   1.00 14.52 ? 1061 LEU A N   1 
ATOM   766  C CA  . LEU A 1 83  ? -5.656  10.049  10.539  1.00 14.90 ? 1061 LEU A CA  1 
ATOM   767  C C   . LEU A 1 83  ? -6.689  11.169  10.325  1.00 18.77 ? 1061 LEU A C   1 
ATOM   768  O O   . LEU A 1 83  ? -7.120  11.834  11.317  1.00 18.66 ? 1061 LEU A O   1 
ATOM   769  C CB  . LEU A 1 83  ? -4.246  10.527  10.314  1.00 17.54 ? 1061 LEU A CB  1 
ATOM   770  C CG  . LEU A 1 83  ? -3.121  9.496   10.439  1.00 21.05 ? 1061 LEU A CG  1 
ATOM   771  C CD1 . LEU A 1 83  ? -1.783  10.192  10.285  1.00 22.60 ? 1061 LEU A CD1 1 
ATOM   772  C CD2 . LEU A 1 83  ? -3.149  8.732   11.745  1.00 22.48 ? 1061 LEU A CD2 1 
ATOM   773  N N   A GLU A 1 84  ? -7.082  11.392  9.062   0.16 18.22 ? 1062 GLU A N   1 
ATOM   774  N N   B GLU A 1 84  ? -7.173  11.358  9.101   0.18 15.99 ? 1062 GLU A N   1 
ATOM   775  N N   C GLU A 1 84  ? -7.082  11.392  9.062   0.16 18.20 ? 1062 GLU A N   1 
ATOM   776  C CA  A GLU A 1 84  ? -8.007  12.484  8.630   0.16 20.02 ? 1062 GLU A CA  1 
ATOM   777  C CA  B GLU A 1 84  ? -8.037  12.527  8.767   0.18 16.24 ? 1062 GLU A CA  1 
ATOM   778  C CA  C GLU A 1 84  ? -8.007  12.484  8.631   0.16 20.02 ? 1062 GLU A CA  1 
ATOM   779  C C   A GLU A 1 84  ? -9.395  12.236  9.200   0.16 18.57 ? 1062 GLU A C   1 
ATOM   780  C C   B GLU A 1 84  ? -9.492  12.234  9.144   0.18 16.36 ? 1062 GLU A C   1 
ATOM   781  C C   C GLU A 1 84  ? -9.395  12.236  9.200   0.16 18.56 ? 1062 GLU A C   1 
ATOM   782  O O   A GLU A 1 84  ? -9.950  13.207  9.790   0.16 19.59 ? 1062 GLU A O   1 
ATOM   783  O O   B GLU A 1 84  ? -10.237 13.162  9.589   0.18 16.52 ? 1062 GLU A O   1 
ATOM   784  O O   C GLU A 1 84  ? -9.950  13.207  9.790   0.16 19.60 ? 1062 GLU A O   1 
ATOM   785  C CB  A GLU A 1 84  ? -8.090  12.610  7.095   0.16 21.96 ? 1062 GLU A CB  1 
ATOM   786  C CB  B GLU A 1 84  ? -7.860  12.875  7.278   0.18 16.53 ? 1062 GLU A CB  1 
ATOM   787  C CB  C GLU A 1 84  ? -8.090  12.610  7.095   0.16 21.96 ? 1062 GLU A CB  1 
ATOM   788  C CG  A GLU A 1 84  ? -8.972  13.764  6.592   0.16 24.25 ? 1062 GLU A CG  1 
ATOM   789  C CG  B GLU A 1 84  ? -6.512  13.474  6.940   0.18 17.45 ? 1062 GLU A CG  1 
ATOM   790  C CG  C GLU A 1 84  ? -8.973  13.764  6.592   0.16 24.25 ? 1062 GLU A CG  1 
ATOM   791  C CD  A GLU A 1 84  ? -9.064  13.967  5.073   0.16 27.78 ? 1062 GLU A CD  1 
ATOM   792  C CD  B GLU A 1 84  ? -6.044  13.401  5.479   0.18 18.79 ? 1062 GLU A CD  1 
ATOM   793  C CD  C GLU A 1 84  ? -9.065  13.967  5.073   0.16 27.82 ? 1062 GLU A CD  1 
ATOM   794  O OE1 A GLU A 1 84  ? -9.872  14.822  4.635   0.16 29.79 ? 1062 GLU A OE1 1 
ATOM   795  O OE1 B GLU A 1 84  ? -6.868  13.077  4.607   0.18 17.66 ? 1062 GLU A OE1 1 
ATOM   796  O OE1 C GLU A 1 84  ? -9.872  14.822  4.635   0.16 29.83 ? 1062 GLU A OE1 1 
ATOM   797  O OE2 A GLU A 1 84  ? -8.340  13.288  4.324   0.16 28.77 ? 1062 GLU A OE2 1 
ATOM   798  O OE2 B GLU A 1 84  ? -4.846  13.692  5.222   0.18 20.47 ? 1062 GLU A OE2 1 
ATOM   799  O OE2 C GLU A 1 84  ? -8.342  13.285  4.325   0.16 28.79 ? 1062 GLU A OE2 1 
ATOM   800  N N   . TYR A 1 85  ? -9.948  11.038  9.021   0.50 17.10 ? 1063 TYR A N   1 
ATOM   801  C CA  . TYR A 1 85  ? -11.354 10.753  9.360   0.50 17.42 ? 1063 TYR A CA  1 
ATOM   802  C C   . TYR A 1 85  ? -11.522 10.645  10.884  0.50 16.52 ? 1063 TYR A C   1 
ATOM   803  O O   . TYR A 1 85  ? -12.602 11.017  11.391  0.50 16.48 ? 1063 TYR A O   1 
ATOM   804  C CB  . TYR A 1 85  ? -11.879 9.502   8.667   0.50 17.90 ? 1063 TYR A CB  1 
ATOM   805  C CG  . TYR A 1 85  ? -13.382 9.469   8.718   0.50 19.23 ? 1063 TYR A CG  1 
ATOM   806  C CD1 . TYR A 1 85  ? -14.127 10.368  7.969   0.50 19.59 ? 1063 TYR A CD1 1 
ATOM   807  C CD2 . TYR A 1 85  ? -14.060 8.600   9.557   0.50 19.28 ? 1063 TYR A CD2 1 
ATOM   808  C CE1 . TYR A 1 85  ? -15.512 10.391  8.039   0.50 20.36 ? 1063 TYR A CE1 1 
ATOM   809  C CE2 . TYR A 1 85  ? -15.445 8.605   9.635   0.50 20.44 ? 1063 TYR A CE2 1 
ATOM   810  C CZ  . TYR A 1 85  ? -16.172 9.496   8.864   0.50 21.04 ? 1063 TYR A CZ  1 
ATOM   811  O OH  . TYR A 1 85  ? -17.540 9.495   8.939   0.50 22.42 ? 1063 TYR A OH  1 
ATOM   812  N N   . ASN A 1 86  ? -10.505 10.135  11.577  1.00 16.77 ? 1064 ASN A N   1 
ATOM   813  C CA  . ASN A 1 86  ? -10.603 9.823   13.070  1.00 17.26 ? 1064 ASN A CA  1 
ATOM   814  C C   . ASN A 1 86  ? -9.676  10.704  13.854  1.00 16.49 ? 1064 ASN A C   1 
ATOM   815  O O   . ASN A 1 86  ? -8.663  10.203  14.437  1.00 16.20 ? 1064 ASN A O   1 
ATOM   816  C CB  . ASN A 1 86  ? -10.339 8.309   13.281  1.00 16.08 ? 1064 ASN A CB  1 
ATOM   817  C CG  . ASN A 1 86  ? -11.194 7.393   12.452  1.00 17.31 ? 1064 ASN A CG  1 
ATOM   818  O OD1 . ASN A 1 86  ? -12.341 7.088   12.686  1.00 22.03 ? 1064 ASN A OD1 1 
ATOM   819  N ND2 . ASN A 1 86  ? -10.601 6.916   11.322  1.00 17.06 ? 1064 ASN A ND2 1 
ATOM   820  N N   . PRO A 1 87  ? -9.836  12.076  13.918  1.00 16.86 ? 1065 PRO A N   1 
ATOM   821  C CA  . PRO A 1 87  ? -8.872  12.990  14.497  1.00 17.07 ? 1065 PRO A CA  1 
ATOM   822  C C   . PRO A 1 87  ? -9.041  13.399  15.997  1.00 15.91 ? 1065 PRO A C   1 
ATOM   823  O O   . PRO A 1 87  ? -8.201  14.160  16.477  1.00 19.56 ? 1065 PRO A O   1 
ATOM   824  C CB  . PRO A 1 87  ? -9.104  14.258  13.625  1.00 18.83 ? 1065 PRO A CB  1 
ATOM   825  C CG  . PRO A 1 87  ? -10.535 14.221  13.413  1.00 18.24 ? 1065 PRO A CG  1 
ATOM   826  C CD  . PRO A 1 87  ? -10.947 12.805  13.239  1.00 19.35 ? 1065 PRO A CD  1 
ATOM   827  N N   . ASP A 1 88  ? -10.042 12.792  16.629  1.00 18.12 ? 1066 ASP A N   1 
ATOM   828  C CA  . ASP A 1 88  ? -10.521 13.284  17.973  1.00 18.15 ? 1066 ASP A CA  1 
ATOM   829  C C   . ASP A 1 88  ? -9.697  12.666  19.123  1.00 20.00 ? 1066 ASP A C   1 
ATOM   830  O O   . ASP A 1 88  ? -8.915  11.672  18.943  1.00 18.26 ? 1066 ASP A O   1 
ATOM   831  C CB  . ASP A 1 88  ? -12.018 13.018  18.100  1.00 19.31 ? 1066 ASP A CB  1 
ATOM   832  C CG  . ASP A 1 88  ? -12.929 13.854  17.172  1.00 22.55 ? 1066 ASP A CG  1 
ATOM   833  O OD1 . ASP A 1 88  ? -12.420 14.839  16.558  1.00 25.38 ? 1066 ASP A OD1 1 
ATOM   834  O OD2 . ASP A 1 88  ? -14.114 13.481  17.115  1.00 29.38 ? 1066 ASP A OD2 1 
ATOM   835  N N   . ARG A 1 89  ? -9.941  13.147  20.376  1.00 18.70 ? 1067 ARG A N   1 
ATOM   836  C CA  . ARG A 1 89  ? -9.158  12.703  21.561  1.00 18.91 ? 1067 ARG A CA  1 
ATOM   837  C C   . ARG A 1 89  ? -9.749  11.412  22.152  1.00 17.34 ? 1067 ARG A C   1 
ATOM   838  O O   . ARG A 1 89  ? -9.030  10.856  23.027  1.00 18.64 ? 1067 ARG A O   1 
ATOM   839  C CB  . ARG A 1 89  ? -8.999  13.806  22.646  1.00 21.45 ? 1067 ARG A CB  1 
ATOM   840  C CG  . ARG A 1 89  ? -10.231 14.160  23.508  1.00 26.98 ? 1067 ARG A CG  1 
ATOM   841  C CD  . ARG A 1 89  ? -10.411 13.452  24.913  1.00 20.35 ? 1067 ARG A CD  1 
ATOM   842  N NE  . ARG A 1 89  ? -9.162  13.218  25.632  1.00 22.73 ? 1067 ARG A NE  1 
ATOM   843  C CZ  . ARG A 1 89  ? -8.986  12.124  26.459  1.00 21.04 ? 1067 ARG A CZ  1 
ATOM   844  N NH1 . ARG A 1 89  ? -7.829  11.933  27.155  1.00 18.05 ? 1067 ARG A NH1 1 
ATOM   845  N NH2 . ARG A 1 89  ? -10.027 11.315  26.533  1.00 18.79 ? 1067 ARG A NH2 1 
ATOM   846  N N   . ASP A 1 90  ? -10.890 10.966  21.747  1.00 18.17 ? 1068 ASP A N   1 
ATOM   847  C CA  . ASP A 1 90  ? -11.493 9.826   22.435  1.00 21.01 ? 1068 ASP A CA  1 
ATOM   848  C C   . ASP A 1 90  ? -10.739 8.533   22.090  1.00 20.27 ? 1068 ASP A C   1 
ATOM   849  O O   . ASP A 1 90  ? -10.001 8.443   21.083  1.00 18.43 ? 1068 ASP A O   1 
ATOM   850  C CB  . ASP A 1 90  ? -12.922 9.563   22.121  1.00 24.96 ? 1068 ASP A CB  1 
ATOM   851  C CG  . ASP A 1 90  ? -13.123 9.320   20.672  1.00 27.81 ? 1068 ASP A CG  1 
ATOM   852  O OD1 . ASP A 1 90  ? -13.248 10.348  19.967  1.00 44.49 ? 1068 ASP A OD1 1 
ATOM   853  O OD2 . ASP A 1 90  ? -13.155 8.119   20.288  1.00 38.35 ? 1068 ASP A OD2 1 
ATOM   854  N N   . PRO A 1 91  ? -10.818 7.547   22.969  1.00 17.02 ? 1069 PRO A N   1 
ATOM   855  C CA  . PRO A 1 91  ? -10.015 6.340   22.859  1.00 16.74 ? 1069 PRO A CA  1 
ATOM   856  C C   . PRO A 1 91  ? -10.238 5.596   21.523  1.00 15.36 ? 1069 PRO A C   1 
ATOM   857  O O   . PRO A 1 91  ? -9.258  4.957   21.049  1.00 14.64 ? 1069 PRO A O   1 
ATOM   858  C CB  . PRO A 1 91  ? -10.423 5.457   24.045  1.00 17.95 ? 1069 PRO A CB  1 
ATOM   859  C CG  . PRO A 1 91  ? -10.973 6.438   25.064  1.00 22.80 ? 1069 PRO A CG  1 
ATOM   860  C CD  . PRO A 1 91  ? -11.565 7.581   24.277  1.00 18.62 ? 1069 PRO A CD  1 
ATOM   861  N N   . GLY A 1 92  ? -11.422 5.549   20.947  1.00 14.98 ? 1070 GLY A N   1 
ATOM   862  C CA  . GLY A 1 92  ? -11.643 4.766   19.711  1.00 15.15 ? 1070 GLY A CA  1 
ATOM   863  C C   . GLY A 1 92  ? -10.869 5.443   18.581  1.00 15.94 ? 1070 GLY A C   1 
ATOM   864  O O   . GLY A 1 92  ? -10.139 4.730   17.797  1.00 15.41 ? 1070 GLY A O   1 
ATOM   865  N N   . ASP A 1 93  ? -10.849 6.762   18.472  1.00 16.15 ? 1071 ASP A N   1 
ATOM   866  C CA  . ASP A 1 93  ? -10.059 7.480   17.426  1.00 15.52 ? 1071 ASP A CA  1 
ATOM   867  C C   . ASP A 1 93  ? -8.586  7.315   17.712  1.00 15.70 ? 1071 ASP A C   1 
ATOM   868  O O   . ASP A 1 93  ? -7.751  7.022   16.745  1.00 15.34 ? 1071 ASP A O   1 
ATOM   869  C CB  . ASP A 1 93  ? -10.402 8.968   17.278  1.00 17.84 ? 1071 ASP A CB  1 
ATOM   870  C CG  . ASP A 1 93  ? -11.743 9.292   16.623  1.00 19.47 ? 1071 ASP A CG  1 
ATOM   871  O OD1 . ASP A 1 93  ? -12.590 8.420   16.532  1.00 23.46 ? 1071 ASP A OD1 1 
ATOM   872  O OD2 . ASP A 1 93  ? -11.860 10.454  16.090  1.00 19.64 ? 1071 ASP A OD2 1 
ATOM   873  N N   . ARG A 1 94  ? -8.068  7.446   18.935  1.00 14.09 ? 1072 ARG A N   1 
ATOM   874  C CA  . ARG A 1 94  ? -6.645  7.296   19.241  1.00 14.79 ? 1072 ARG A CA  1 
ATOM   875  C C   . ARG A 1 94  ? -6.146  5.846   18.906  1.00 13.24 ? 1072 ARG A C   1 
ATOM   876  O O   . ARG A 1 94  ? -4.987  5.749   18.462  1.00 14.55 ? 1072 ARG A O   1 
ATOM   877  C CB  . ARG A 1 94  ? -6.305  7.707   20.695  1.00 13.90 ? 1072 ARG A CB  1 
ATOM   878  C CG  . ARG A 1 94  ? -6.388  9.228   20.875  1.00 17.79 ? 1072 ARG A CG  1 
ATOM   879  C CD  . ARG A 1 94  ? -6.095  9.695   22.328  1.00 21.40 ? 1072 ARG A CD  1 
ATOM   880  N NE  . ARG A 1 94  ? -5.840  11.162  22.414  1.00 26.10 ? 1072 ARG A NE  1 
ATOM   881  C CZ  . ARG A 1 94  ? -5.668  11.848  23.575  1.00 39.00 ? 1072 ARG A CZ  1 
ATOM   882  N NH1 . ARG A 1 94  ? -5.767  11.214  24.732  1.00 42.40 ? 1072 ARG A NH1 1 
ATOM   883  N NH2 . ARG A 1 94  ? -5.366  13.152  23.580  1.00 33.02 ? 1072 ARG A NH2 1 
ATOM   884  N N   . LEU A 1 95  ? -6.937  4.852   19.133  1.00 12.97 ? 1073 LEU A N   1 
ATOM   885  C CA  . LEU A 1 95  ? -6.561  3.439   18.847  1.00 12.66 ? 1073 LEU A CA  1 
ATOM   886  C C   . LEU A 1 95  ? -6.393  3.257   17.324  1.00 13.87 ? 1073 LEU A C   1 
ATOM   887  O O   . LEU A 1 95  ? -5.346  2.695   16.899  1.00 13.34 ? 1073 LEU A O   1 
ATOM   888  C CB  . LEU A 1 95  ? -7.519  2.441   19.423  1.00 12.15 ? 1073 LEU A CB  1 
ATOM   889  C CG  . LEU A 1 95  ? -7.262  0.952   19.155  1.00 13.44 ? 1073 LEU A CG  1 
ATOM   890  C CD1 . LEU A 1 95  ? -5.955  0.464   19.724  1.00 14.81 ? 1073 LEU A CD1 1 
ATOM   891  C CD2 . LEU A 1 95  ? -8.406  0.094   19.638  1.00 15.60 ? 1073 LEU A CD2 1 
ATOM   892  N N   . ILE A 1 96  ? -7.342  3.745   16.520  0.50 13.79 ? 1074 ILE A N   1 
ATOM   893  C CA  . ILE A 1 96  ? -7.249  3.682   15.026  0.50 14.39 ? 1074 ILE A CA  1 
ATOM   894  C C   . ILE A 1 96  ? -5.979  4.396   14.564  0.50 14.61 ? 1074 ILE A C   1 
ATOM   895  O O   . ILE A 1 96  ? -5.262  3.837   13.677  0.50 14.38 ? 1074 ILE A O   1 
ATOM   896  C CB  . ILE A 1 96  ? -8.493  4.294   14.362  0.50 15.31 ? 1074 ILE A CB  1 
ATOM   897  C CG1 . ILE A 1 96  ? -9.719  3.416   14.593  0.50 16.05 ? 1074 ILE A CG1 1 
ATOM   898  C CG2 . ILE A 1 96  ? -8.232  4.546   12.877  0.50 16.14 ? 1074 ILE A CG2 1 
ATOM   899  C CD1 . ILE A 1 96  ? -11.047 4.107   14.343  0.50 17.79 ? 1074 ILE A CD1 1 
ATOM   900  N N   . ARG A 1 97  ? -5.720  5.607   15.056  1.00 13.89 ? 1075 ARG A N   1 
ATOM   901  C CA  . ARG A 1 97  ? -4.556  6.395   14.622  1.00 13.86 ? 1075 ARG A CA  1 
ATOM   902  C C   . ARG A 1 97  ? -3.270  5.612   14.947  1.00 14.46 ? 1075 ARG A C   1 
ATOM   903  O O   . ARG A 1 97  ? -2.275  5.583   14.157  1.00 14.02 ? 1075 ARG A O   1 
ATOM   904  C CB  . ARG A 1 97  ? -4.530  7.815   15.137  1.00 15.15 ? 1075 ARG A CB  1 
ATOM   905  C CG  . ARG A 1 97  ? -5.672  8.657   14.599  1.00 15.96 ? 1075 ARG A CG  1 
ATOM   906  C CD  . ARG A 1 97  ? -5.385  10.118  14.699  1.00 19.54 ? 1075 ARG A CD  1 
ATOM   907  N NE  . ARG A 1 97  ? -4.996  10.652  16.020  1.00 18.68 ? 1075 ARG A NE  1 
ATOM   908  C CZ  . ARG A 1 97  ? -5.890  10.979  17.006  1.00 18.30 ? 1075 ARG A CZ  1 
ATOM   909  N NH1 . ARG A 1 97  ? -7.167  10.812  16.842  1.00 17.46 ? 1075 ARG A NH1 1 
ATOM   910  N NH2 . ARG A 1 97  ? -5.427  11.473  18.138  1.00 24.03 ? 1075 ARG A NH2 1 
ATOM   911  N N   . HIS A 1 98  ? -3.148  5.016   16.188  1.00 12.91 ? 1076 HIS A N   1 
ATOM   912  C CA  . HIS A 1 98  ? -1.924  4.279   16.575  1.00 13.92 ? 1076 HIS A CA  1 
ATOM   913  C C   . HIS A 1 98  ? -1.740  3.053   15.633  1.00 13.31 ? 1076 HIS A C   1 
ATOM   914  O O   . HIS A 1 98  ? -0.569  2.842   15.197  1.00 13.63 ? 1076 HIS A O   1 
ATOM   915  C CB  . HIS A 1 98  ? -2.065  3.834   18.068  1.00 14.17 ? 1076 HIS A CB  1 
ATOM   916  C CG  . HIS A 1 98  ? -0.784  3.339   18.673  1.00 14.50 ? 1076 HIS A CG  1 
ATOM   917  N ND1 . HIS A 1 98  ? -0.495  1.977   18.690  1.00 15.83 ? 1076 HIS A ND1 1 
ATOM   918  C CD2 . HIS A 1 98  ? 0.249   4.006   19.245  1.00 16.25 ? 1076 HIS A CD2 1 
ATOM   919  C CE1 . HIS A 1 98  ? 0.740   1.893   19.271  1.00 15.96 ? 1076 HIS A CE1 1 
ATOM   920  N NE2 . HIS A 1 98  ? 1.217   3.090   19.617  1.00 16.92 ? 1076 HIS A NE2 1 
ATOM   921  N N   . ARG A 1 99  ? -2.803  2.367   15.274  1.00 12.29 ? 1077 ARG A N   1 
ATOM   922  C CA  . ARG A 1 99  ? -2.749  1.211   14.364  1.00 12.15 ? 1077 ARG A CA  1 
ATOM   923  C C   . ARG A 1 99  ? -2.319  1.741   12.978  1.00 13.05 ? 1077 ARG A C   1 
ATOM   924  O O   . ARG A 1 99  ? -1.551  0.964   12.285  1.00 13.17 ? 1077 ARG A O   1 
ATOM   925  C CB  . ARG A 1 99  ? -4.042  0.441   14.343  1.00 13.04 ? 1077 ARG A CB  1 
ATOM   926  C CG  . ARG A 1 99  ? -4.326  -0.301  15.680  1.00 13.97 ? 1077 ARG A CG  1 
ATOM   927  C CD  . ARG A 1 99  ? -5.719  -0.839  15.766  1.00 14.25 ? 1077 ARG A CD  1 
ATOM   928  N NE  . ARG A 1 99  ? -5.884  -1.817  16.871  1.00 14.63 ? 1077 ARG A NE  1 
ATOM   929  C CZ  . ARG A 1 99  ? -6.999  -2.426  17.141  1.00 15.00 ? 1077 ARG A CZ  1 
ATOM   930  N NH1 . ARG A 1 99  ? -8.132  -2.081  16.557  1.00 16.62 ? 1077 ARG A NH1 1 
ATOM   931  N NH2 . ARG A 1 99  ? -7.013  -3.304  18.160  1.00 20.14 ? 1077 ARG A NH2 1 
ATOM   932  N N   . ALA A 1 100 ? -2.892  2.827   12.481  1.00 12.61 ? 1078 ALA A N   1 
ATOM   933  C CA  . ALA A 1 100 ? -2.553  3.356   11.121  1.00 13.87 ? 1078 ALA A CA  1 
ATOM   934  C C   . ALA A 1 100 ? -1.095  3.674   11.076  1.00 14.08 ? 1078 ALA A C   1 
ATOM   935  O O   . ALA A 1 100 ? -0.411  3.365   10.014  1.00 15.27 ? 1078 ALA A O   1 
ATOM   936  C CB  . ALA A 1 100 ? -3.397  4.610   10.854  1.00 14.84 ? 1078 ALA A CB  1 
ATOM   937  N N   . CYS A 1 101 ? -0.477  4.347   12.035  1.00 12.69 ? 1079 CYS A N   1 
ATOM   938  C CA  . CYS A 1 101 ? 0.927   4.677   12.138  1.00 14.37 ? 1079 CYS A CA  1 
ATOM   939  C C   . CYS A 1 101 ? 1.743   3.378   12.177  1.00 14.85 ? 1079 CYS A C   1 
ATOM   940  O O   . CYS A 1 101 ? 2.814   3.320   11.496  1.00 15.23 ? 1079 CYS A O   1 
ATOM   941  C CB  . CYS A 1 101 ? 1.266   5.585   13.300  1.00 16.58 ? 1079 CYS A CB  1 
ATOM   942  S SG  . CYS A 1 101 ? 0.584   7.274   13.080  1.00 21.10 ? 1079 CYS A SG  1 
ATOM   943  N N   . ALA A 1 102 ? 1.304   2.352   12.895  1.00 13.78 ? 1080 ALA A N   1 
ATOM   944  C CA  . ALA A 1 102 ? 2.012   1.054   12.962  1.00 14.63 ? 1080 ALA A CA  1 
ATOM   945  C C   . ALA A 1 102 ? 1.977   0.367   11.574  1.00 13.89 ? 1080 ALA A C   1 
ATOM   946  O O   . ALA A 1 102 ? 3.057   -0.232  11.191  1.00 14.45 ? 1080 ALA A O   1 
ATOM   947  C CB  . ALA A 1 102 ? 1.473   0.176   14.076  1.00 13.88 ? 1080 ALA A CB  1 
ATOM   948  N N   . LEU A 1 103 ? 0.898   0.435   10.819  1.00 13.27 ? 1081 LEU A N   1 
ATOM   949  C CA  . LEU A 1 103 ? 0.794   -0.215  9.482   1.00 12.06 ? 1081 LEU A CA  1 
ATOM   950  C C   . LEU A 1 103 ? 1.829   0.507   8.602   1.00 13.49 ? 1081 LEU A C   1 
ATOM   951  O O   . LEU A 1 103 ? 2.669   -0.231  7.895   1.00 12.84 ? 1081 LEU A O   1 
ATOM   952  C CB  . LEU A 1 103 ? -0.605  -0.035  8.905   1.00 13.19 ? 1081 LEU A CB  1 
ATOM   953  C CG  . LEU A 1 103 ? -0.734  -0.407  7.418   1.00 15.33 ? 1081 LEU A CG  1 
ATOM   954  C CD1 . LEU A 1 103 ? -0.696  -1.880  7.317   1.00 18.84 ? 1081 LEU A CD1 1 
ATOM   955  C CD2 . LEU A 1 103 ? -2.028  0.131   6.816   1.00 19.53 ? 1081 LEU A CD2 1 
ATOM   956  N N   . ARG A 1 104 ? 1.909   1.808   8.546   1.00 12.91 ? 1082 ARG A N   1 
ATOM   957  C CA  . ARG A 1 104 ? 2.860   2.569   7.716   1.00 13.58 ? 1082 ARG A CA  1 
ATOM   958  C C   . ARG A 1 104 ? 4.263   2.211   8.144   1.00 13.84 ? 1082 ARG A C   1 
ATOM   959  O O   . ARG A 1 104 ? 5.138   1.862   7.253   1.00 13.68 ? 1082 ARG A O   1 
ATOM   960  C CB  . ARG A 1 104 ? 2.566   4.072   7.861   1.00 15.65 ? 1082 ARG A CB  1 
ATOM   961  C CG  . ARG A 1 104 ? 3.545   5.018   7.138   1.00 18.51 ? 1082 ARG A CG  1 
ATOM   962  C CD  . ARG A 1 104 ? 3.408   6.455   7.772   1.00 24.63 ? 1082 ARG A CD  1 
ATOM   963  N NE  . ARG A 1 104 ? 3.878   6.440   9.206   1.00 26.47 ? 1082 ARG A NE  1 
ATOM   964  C CZ  . ARG A 1 104 ? 3.519   7.285   10.202  1.00 27.62 ? 1082 ARG A CZ  1 
ATOM   965  N NH1 . ARG A 1 104 ? 3.998   7.102   11.422  1.00 28.15 ? 1082 ARG A NH1 1 
ATOM   966  N NH2 . ARG A 1 104 ? 2.685   8.280   9.962   1.00 29.46 ? 1082 ARG A NH2 1 
ATOM   967  N N   . ASP A 1 105 ? 4.602   2.300   9.445   1.00 13.99 ? 1083 ASP A N   1 
ATOM   968  C CA  . ASP A 1 105 ? 5.967   2.055   9.914   1.00 13.96 ? 1083 ASP A CA  1 
ATOM   969  C C   . ASP A 1 105 ? 6.417   0.607   9.614   1.00 13.96 ? 1083 ASP A C   1 
ATOM   970  O O   . ASP A 1 105 ? 7.648   0.388   9.288   1.00 14.97 ? 1083 ASP A O   1 
ATOM   971  C CB  . ASP A 1 105 ? 6.097   2.440   11.380  1.00 16.71 ? 1083 ASP A CB  1 
ATOM   972  C CG  . ASP A 1 105 ? 5.930   3.941   11.658  1.00 19.47 ? 1083 ASP A CG  1 
ATOM   973  O OD1 . ASP A 1 105 ? 5.920   4.805   10.745  1.00 21.28 ? 1083 ASP A OD1 1 
ATOM   974  O OD2 . ASP A 1 105 ? 5.715   4.208   12.901  1.00 25.46 ? 1083 ASP A OD2 1 
ATOM   975  N N   . THR A 1 106 ? 5.505   -0.345  9.793   1.00 12.73 ? 1084 THR A N   1 
ATOM   976  C CA  . THR A 1 106 ? 5.833   -1.766  9.576   1.00 13.29 ? 1084 THR A CA  1 
ATOM   977  C C   . THR A 1 106 ? 6.152   -1.987  8.070   1.00 13.30 ? 1084 THR A C   1 
ATOM   978  O O   . THR A 1 106 ? 7.159   -2.682  7.688   1.00 13.46 ? 1084 THR A O   1 
ATOM   979  C CB  . THR A 1 106 ? 4.727   -2.704  10.062  1.00 13.48 ? 1084 THR A CB  1 
ATOM   980  O OG1 . THR A 1 106 ? 4.552   -2.511  11.502  1.00 15.97 ? 1084 THR A OG1 1 
ATOM   981  C CG2 . THR A 1 106 ? 5.025   -4.149  9.821   1.00 15.01 ? 1084 THR A CG2 1 
ATOM   982  N N   . ALA A 1 107 ? 5.350   -1.447  7.165   1.00 12.49 ? 1085 ALA A N   1 
ATOM   983  C CA  . ALA A 1 107 ? 5.575   -1.574  5.712   1.00 12.19 ? 1085 ALA A CA  1 
ATOM   984  C C   . ALA A 1 107 ? 6.943   -0.983  5.383   1.00 12.69 ? 1085 ALA A C   1 
ATOM   985  O O   . ALA A 1 107 ? 7.765   -1.632  4.622   1.00 11.96 ? 1085 ALA A O   1 
ATOM   986  C CB  . ALA A 1 107 ? 4.471   -0.897  4.935   1.00 11.82 ? 1085 ALA A CB  1 
ATOM   987  N N   . TYR A 1 108 ? 7.264   0.219   5.821   1.00 12.54 ? 1086 TYR A N   1 
ATOM   988  C CA  . TYR A 1 108 ? 8.560   0.862   5.493   1.00 12.59 ? 1086 TYR A CA  1 
ATOM   989  C C   . TYR A 1 108 ? 9.698   0.037   6.113   1.00 14.04 ? 1086 TYR A C   1 
ATOM   990  O O   . TYR A 1 108 ? 10.762  -0.042  5.438   1.00 15.04 ? 1086 TYR A O   1 
ATOM   991  C CB  . TYR A 1 108 ? 8.606   2.335   5.968   1.00 14.21 ? 1086 TYR A CB  1 
ATOM   992  C CG  . TYR A 1 108 ? 8.015   3.342   5.016   1.00 13.75 ? 1086 TYR A CG  1 
ATOM   993  C CD1 . TYR A 1 108 ? 6.664   3.588   4.913   1.00 14.32 ? 1086 TYR A CD1 1 
ATOM   994  C CD2 . TYR A 1 108 ? 8.797   4.048   4.093   1.00 15.85 ? 1086 TYR A CD2 1 
ATOM   995  C CE1 . TYR A 1 108 ? 6.121   4.563   4.075   1.00 16.08 ? 1086 TYR A CE1 1 
ATOM   996  C CE2 . TYR A 1 108 ? 8.284   4.967   3.207   1.00 16.92 ? 1086 TYR A CE2 1 
ATOM   997  C CZ  . TYR A 1 108 ? 6.936   5.249   3.193   1.00 17.32 ? 1086 TYR A CZ  1 
ATOM   998  O OH  . TYR A 1 108 ? 6.401   6.202   2.322   1.00 19.45 ? 1086 TYR A OH  1 
ATOM   999  N N   . ALA A 1 109 ? 9.575   -0.562  7.289   1.00 12.82 ? 1087 ALA A N   1 
ATOM   1000 C CA  . ALA A 1 109 ? 10.674  -1.317  7.916   1.00 13.27 ? 1087 ALA A CA  1 
ATOM   1001 C C   . ALA A 1 109 ? 10.920  -2.627  7.140   1.00 14.18 ? 1087 ALA A C   1 
ATOM   1002 O O   . ALA A 1 109 ? 12.126  -3.029  6.960   1.00 15.84 ? 1087 ALA A O   1 
ATOM   1003 C CB  . ALA A 1 109 ? 10.400  -1.529  9.370   1.00 16.19 ? 1087 ALA A CB  1 
ATOM   1004 N N   . ILE A 1 110 ? 9.879   -3.328  6.708   1.00 13.07 ? 1088 ILE A N   1 
ATOM   1005 C CA  . ILE A 1 110 ? 10.088  -4.575  5.885   1.00 12.02 ? 1088 ILE A CA  1 
ATOM   1006 C C   . ILE A 1 110 ? 10.792  -4.189  4.597   1.00 13.45 ? 1088 ILE A C   1 
ATOM   1007 O O   . ILE A 1 110 ? 11.767  -4.911  4.206   1.00 14.09 ? 1088 ILE A O   1 
ATOM   1008 C CB  . ILE A 1 110 ? 8.758   -5.259  5.580   1.00 12.64 ? 1088 ILE A CB  1 
ATOM   1009 C CG1 . ILE A 1 110 ? 8.118   -5.811  6.835   1.00 14.00 ? 1088 ILE A CG1 1 
ATOM   1010 C CG2 . ILE A 1 110 ? 8.899   -6.358  4.508   1.00 13.28 ? 1088 ILE A CG2 1 
ATOM   1011 C CD1 . ILE A 1 110 ? 6.684   -6.366  6.682   1.00 16.16 ? 1088 ILE A CD1 1 
ATOM   1012 N N   . ILE A 1 111 ? 10.399  -3.146  3.917   1.00 13.32 ? 1089 ILE A N   1 
ATOM   1013 C CA  . ILE A 1 111 ? 11.030  -2.687  2.662   1.00 14.46 ? 1089 ILE A CA  1 
ATOM   1014 C C   . ILE A 1 111 ? 12.483  -2.280  2.923   1.00 15.44 ? 1089 ILE A C   1 
ATOM   1015 O O   . ILE A 1 111 ? 13.391  -2.649  2.100   1.00 15.76 ? 1089 ILE A O   1 
ATOM   1016 C CB  . ILE A 1 111 ? 10.121  -1.647  1.983   1.00 15.48 ? 1089 ILE A CB  1 
ATOM   1017 C CG1 . ILE A 1 111 ? 8.878   -2.403  1.414   1.00 17.83 ? 1089 ILE A CG1 1 
ATOM   1018 C CG2 . ILE A 1 111 ? 10.911  -0.829  0.960   1.00 20.13 ? 1089 ILE A CG2 1 
ATOM   1019 C CD1 . ILE A 1 111 ? 7.687   -1.494  1.055   1.00 23.92 ? 1089 ILE A CD1 1 
ATOM   1020 N N   . LYS A 1 112 ? 12.791  -1.537  3.975   1.00 15.40 ? 1090 LYS A N   1 
ATOM   1021 C CA  . LYS A 1 112 ? 14.196  -1.129  4.255   1.00 17.97 ? 1090 LYS A CA  1 
ATOM   1022 C C   . LYS A 1 112 ? 15.051  -2.382  4.421   1.00 16.51 ? 1090 LYS A C   1 
ATOM   1023 O O   . LYS A 1 112 ? 16.202  -2.341  3.856   1.00 21.06 ? 1090 LYS A O   1 
ATOM   1024 C CB  . LYS A 1 112 ? 14.229  -0.233  5.509   1.00 21.13 ? 1090 LYS A CB  1 
ATOM   1025 C CG  . LYS A 1 112 ? 15.655  0.337   5.744   1.00 26.01 ? 1090 LYS A CG  1 
ATOM   1026 C CD  . LYS A 1 112 ? 15.758  1.197   6.974   1.00 34.50 ? 1090 LYS A CD  1 
ATOM   1027 C CE  . LYS A 1 112 ? 17.131  1.870   7.021   1.00 41.58 ? 1090 LYS A CE  1 
ATOM   1028 N NZ  . LYS A 1 112 ? 17.347  2.422   8.370   1.00 49.51 ? 1090 LYS A NZ  1 
ATOM   1029 N N   . GLU A 1 113 ? 14.612  -3.439  5.068   1.00 15.39 ? 1091 GLU A N   1 
ATOM   1030 C CA  . GLU A 1 113 ? 15.400  -4.672  5.325   1.00 17.97 ? 1091 GLU A CA  1 
ATOM   1031 C C   . GLU A 1 113 ? 15.446  -5.579  4.090   1.00 20.11 ? 1091 GLU A C   1 
ATOM   1032 O O   . GLU A 1 113 ? 16.492  -6.341  3.959   1.00 24.17 ? 1091 GLU A O   1 
ATOM   1033 C CB  . GLU A 1 113 ? 14.888  -5.545  6.460   1.00 24.42 ? 1091 GLU A CB  1 
ATOM   1034 C CG  . GLU A 1 113 ? 15.135  -5.079  7.882   1.00 37.92 ? 1091 GLU A CG  1 
ATOM   1035 C CD  . GLU A 1 113 ? 15.071  -6.180  8.965   1.00 54.91 ? 1091 GLU A CD  1 
ATOM   1036 O OE1 . GLU A 1 113 ? 14.218  -7.159  8.862   1.00 48.81 ? 1091 GLU A OE1 1 
ATOM   1037 O OE2 . GLU A 1 113 ? 15.866  -6.064  9.951   1.00 57.49 ? 1091 GLU A OE2 1 
ATOM   1038 N N   . GLU A 1 114 ? 14.416  -5.641  3.243   1.00 13.83 ? 1092 GLU A N   1 
ATOM   1039 C CA  . GLU A 1 114 ? 14.278  -6.779  2.268   1.00 14.43 ? 1092 GLU A CA  1 
ATOM   1040 C C   . GLU A 1 114 ? 14.313  -6.284  0.820   1.00 14.25 ? 1092 GLU A C   1 
ATOM   1041 O O   . GLU A 1 114 ? 14.407  -7.179  -0.058  1.00 16.97 ? 1092 GLU A O   1 
ATOM   1042 C CB  . GLU A 1 114 ? 12.985  -7.574  2.559   1.00 13.30 ? 1092 GLU A CB  1 
ATOM   1043 C CG  . GLU A 1 114 ? 12.960  -8.138  4.012   1.00 14.35 ? 1092 GLU A CG  1 
ATOM   1044 C CD  . GLU A 1 114 ? 11.757  -8.953  4.352   1.00 15.05 ? 1092 GLU A CD  1 
ATOM   1045 O OE1 . GLU A 1 114 ? 11.072  -9.550  3.473   1.00 15.17 ? 1092 GLU A OE1 1 
ATOM   1046 O OE2 . GLU A 1 114 ? 11.420  -9.028  5.600   1.00 16.12 ? 1092 GLU A OE2 1 
ATOM   1047 N N   . LEU A 1 115 ? 14.113  -5.040  0.486   1.00 13.96 ? 1093 LEU A N   1 
ATOM   1048 C CA  . LEU A 1 115 ? 14.208  -4.506  -0.914  1.00 14.21 ? 1093 LEU A CA  1 
ATOM   1049 C C   . LEU A 1 115 ? 15.673  -4.139  -1.239  1.00 15.84 ? 1093 LEU A C   1 
ATOM   1050 O O   . LEU A 1 115 ? 16.239  -3.268  -0.570  1.00 17.71 ? 1093 LEU A O   1 
ATOM   1051 C CB  . LEU A 1 115 ? 13.315  -3.270  -1.052  1.00 15.82 ? 1093 LEU A CB  1 
ATOM   1052 C CG  . LEU A 1 115 ? 13.421  -2.454  -2.361  1.00 18.92 ? 1093 LEU A CG  1 
ATOM   1053 C CD1 . LEU A 1 115 ? 13.023  -3.350  -3.515  1.00 17.27 ? 1093 LEU A CD1 1 
ATOM   1054 C CD2 . LEU A 1 115 ? 12.607  -1.129  -2.368  1.00 18.89 ? 1093 LEU A CD2 1 
ATOM   1055 N N   . ASP A 1 116 ? 16.252  -4.702  -2.310  1.00 14.21 ? 1094 ASP A N   1 
ATOM   1056 C CA  . ASP A 1 116 ? 17.573  -4.243  -2.773  1.00 14.98 ? 1094 ASP A CA  1 
ATOM   1057 C C   . ASP A 1 116 ? 17.410  -2.892  -3.477  1.00 15.57 ? 1094 ASP A C   1 
ATOM   1058 O O   . ASP A 1 116 ? 16.602  -2.767  -4.407  1.00 14.42 ? 1094 ASP A O   1 
ATOM   1059 C CB  . ASP A 1 116 ? 18.110  -5.332  -3.702  1.00 15.77 ? 1094 ASP A CB  1 
ATOM   1060 C CG  . ASP A 1 116 ? 19.577  -5.078  -4.097  1.00 22.53 ? 1094 ASP A CG  1 
ATOM   1061 O OD1 . ASP A 1 116 ? 19.857  -4.019  -4.635  1.00 25.21 ? 1094 ASP A OD1 1 
ATOM   1062 O OD2 . ASP A 1 116 ? 20.451  -5.915  -3.761  1.00 22.54 ? 1094 ASP A OD2 1 
ATOM   1063 N N   A GLU A 1 117 ? 18.191  -1.886  -3.073  0.15 16.67 ? 1095 GLU A N   1 
ATOM   1064 N N   B GLU A 1 117 ? 18.207  -1.891  -3.079  0.19 15.87 ? 1095 GLU A N   1 
ATOM   1065 N N   C GLU A 1 117 ? 18.191  -1.886  -3.073  0.15 16.67 ? 1095 GLU A N   1 
ATOM   1066 C CA  A GLU A 1 117 ? 18.121  -0.517  -3.644  0.15 17.56 ? 1095 GLU A CA  1 
ATOM   1067 C CA  B GLU A 1 117 ? 18.130  -0.513  -3.631  0.19 16.10 ? 1095 GLU A CA  1 
ATOM   1068 C CA  C GLU A 1 117 ? 18.121  -0.517  -3.644  0.15 17.56 ? 1095 GLU A CA  1 
ATOM   1069 C C   A GLU A 1 117 ? 18.396  -0.546  -5.156  0.15 15.32 ? 1095 GLU A C   1 
ATOM   1070 C C   B GLU A 1 117 ? 18.422  -0.523  -5.144  0.19 14.29 ? 1095 GLU A C   1 
ATOM   1071 C C   C GLU A 1 117 ? 18.396  -0.546  -5.156  0.15 15.32 ? 1095 GLU A C   1 
ATOM   1072 O O   A GLU A 1 117 ? 17.793  0.278   -5.889  0.15 16.09 ? 1095 GLU A O   1 
ATOM   1073 O O   B GLU A 1 117 ? 17.856  0.343   -5.865  0.19 15.32 ? 1095 GLU A O   1 
ATOM   1074 O O   C GLU A 1 117 ? 17.793  0.278   -5.889  0.15 16.09 ? 1095 GLU A O   1 
ATOM   1075 C CB  A GLU A 1 117 ? 19.096  0.420   -2.922  0.15 21.39 ? 1095 GLU A CB  1 
ATOM   1076 C CB  B GLU A 1 117 ? 19.038  0.464   -2.856  0.19 18.82 ? 1095 GLU A CB  1 
ATOM   1077 C CB  C GLU A 1 117 ? 19.096  0.420   -2.922  0.15 21.39 ? 1095 GLU A CB  1 
ATOM   1078 C CG  A GLU A 1 117 ? 18.660  0.786   -1.513  0.15 25.10 ? 1095 GLU A CG  1 
ATOM   1079 C CG  B GLU A 1 117 ? 20.536  0.190   -2.960  0.19 21.05 ? 1095 GLU A CG  1 
ATOM   1080 C CG  C GLU A 1 117 ? 18.660  0.786   -1.513  0.15 25.10 ? 1095 GLU A CG  1 
ATOM   1081 C CD  A GLU A 1 117 ? 19.583  1.777   -0.811  0.15 29.66 ? 1095 GLU A CD  1 
ATOM   1082 C CD  B GLU A 1 117 ? 21.451  1.045   -2.079  0.19 24.68 ? 1095 GLU A CD  1 
ATOM   1083 C CD  C GLU A 1 117 ? 19.583  1.777   -0.811  0.15 29.66 ? 1095 GLU A CD  1 
ATOM   1084 O OE1 A GLU A 1 117 ? 20.212  2.612   -1.514  0.15 31.57 ? 1095 GLU A OE1 1 
ATOM   1085 O OE1 B GLU A 1 117 ? 20.982  1.571   -1.055  0.19 26.40 ? 1095 GLU A OE1 1 
ATOM   1086 O OE1 C GLU A 1 117 ? 20.212  2.612   -1.514  0.15 31.57 ? 1095 GLU A OE1 1 
ATOM   1087 O OE2 A GLU A 1 117 ? 19.680  1.710   0.436   0.15 34.64 ? 1095 GLU A OE2 1 
ATOM   1088 O OE2 B GLU A 1 117 ? 22.644  1.171   -2.411  0.19 27.13 ? 1095 GLU A OE2 1 
ATOM   1089 O OE2 C GLU A 1 117 ? 19.680  1.710   0.436   0.15 34.64 ? 1095 GLU A OE2 1 
ATOM   1090 N N   . ASP A 1 118 ? 19.289  -1.427  -5.625  1.00 15.55 ? 1096 ASP A N   1 
ATOM   1091 C CA  . ASP A 1 118 ? 19.577  -1.491  -7.090  1.00 14.91 ? 1096 ASP A CA  1 
ATOM   1092 C C   . ASP A 1 118 ? 18.405  -2.100  -7.886  1.00 13.84 ? 1096 ASP A C   1 
ATOM   1093 O O   . ASP A 1 118 ? 18.243  -1.813  -9.091  1.00 14.15 ? 1096 ASP A O   1 
ATOM   1094 C CB  . ASP A 1 118 ? 20.902  -2.182  -7.387  1.00 16.20 ? 1096 ASP A CB  1 
ATOM   1095 C CG  . ASP A 1 118 ? 22.149  -1.373  -6.964  1.00 21.49 ? 1096 ASP A CG  1 
ATOM   1096 O OD1 . ASP A 1 118 ? 22.063  -0.159  -6.751  1.00 23.16 ? 1096 ASP A OD1 1 
ATOM   1097 O OD2 . ASP A 1 118 ? 23.084  -2.067  -6.637  1.00 30.16 ? 1096 ASP A OD2 1 
ATOM   1098 N N   . PHE A 1 119 ? 17.637  -3.009  -7.262  1.00 14.02 ? 1097 PHE A N   1 
ATOM   1099 C CA  . PHE A 1 119 ? 16.396  -3.539  -7.876  1.00 12.56 ? 1097 PHE A CA  1 
ATOM   1100 C C   . PHE A 1 119 ? 15.360  -2.409  -8.017  1.00 12.56 ? 1097 PHE A C   1 
ATOM   1101 O O   . PHE A 1 119 ? 14.788  -2.242  -9.172  1.00 12.54 ? 1097 PHE A O   1 
ATOM   1102 C CB  . PHE A 1 119 ? 15.824  -4.701  -7.049  1.00 12.56 ? 1097 PHE A CB  1 
ATOM   1103 C CG  . PHE A 1 119 ? 14.588  -5.325  -7.657  1.00 12.31 ? 1097 PHE A CG  1 
ATOM   1104 C CD1 . PHE A 1 119 ? 14.683  -6.331  -8.612  1.00 13.16 ? 1097 PHE A CD1 1 
ATOM   1105 C CD2 . PHE A 1 119 ? 13.303  -4.883  -7.309  1.00 12.66 ? 1097 PHE A CD2 1 
ATOM   1106 C CE1 . PHE A 1 119 ? 13.559  -6.820  -9.251  1.00 14.69 ? 1097 PHE A CE1 1 
ATOM   1107 C CE2 . PHE A 1 119 ? 12.176  -5.415  -7.950  1.00 13.25 ? 1097 PHE A CE2 1 
ATOM   1108 C CZ  . PHE A 1 119 ? 12.305  -6.393  -8.872  1.00 13.63 ? 1097 PHE A CZ  1 
ATOM   1109 N N   . GLU A 1 120 ? 15.162  -1.606  -6.983  1.00 13.28 ? 1098 GLU A N   1 
ATOM   1110 C CA  . GLU A 1 120 ? 14.237  -0.474  -7.102  1.00 13.77 ? 1098 GLU A CA  1 
ATOM   1111 C C   . GLU A 1 120 ? 14.719  0.494   -8.207  1.00 13.68 ? 1098 GLU A C   1 
ATOM   1112 O O   . GLU A 1 120 ? 13.900  1.026   -8.928  1.00 13.91 ? 1098 GLU A O   1 
ATOM   1113 C CB  . GLU A 1 120 ? 14.056  0.231   -5.748  1.00 14.43 ? 1098 GLU A CB  1 
ATOM   1114 C CG  . GLU A 1 120 ? 13.205  1.474   -5.795  1.00 15.12 ? 1098 GLU A CG  1 
ATOM   1115 C CD  . GLU A 1 120 ? 11.721  1.334   -6.141  1.00 18.03 ? 1098 GLU A CD  1 
ATOM   1116 O OE1 . GLU A 1 120 ? 11.223  0.221   -6.342  1.00 17.77 ? 1098 GLU A OE1 1 
ATOM   1117 O OE2 . GLU A 1 120 ? 11.059  2.428   -6.238  1.00 20.84 ? 1098 GLU A OE2 1 
ATOM   1118 N N   . GLN A 1 121 ? 16.044  0.812   -8.205  1.00 14.11 ? 1099 GLN A N   1 
ATOM   1119 C CA  . GLN A 1 121 ? 16.543  1.808   -9.212  1.00 14.48 ? 1099 GLN A CA  1 
ATOM   1120 C C   . GLN A 1 121 ? 16.345  1.271   -10.631 1.00 14.34 ? 1099 GLN A C   1 
ATOM   1121 O O   . GLN A 1 121 ? 15.933  2.041   -11.544 1.00 15.42 ? 1099 GLN A O   1 
ATOM   1122 C CB  . GLN A 1 121 ? 18.012  2.082   -8.930  1.00 15.74 ? 1099 GLN A CB  1 
ATOM   1123 C CG  . GLN A 1 121 ? 18.589  3.177   -9.855  1.00 17.65 ? 1099 GLN A CG  1 
ATOM   1124 C CD  . GLN A 1 121 ? 18.016  4.537   -9.566  1.00 22.33 ? 1099 GLN A CD  1 
ATOM   1125 O OE1 . GLN A 1 121 ? 17.638  4.825   -8.401  1.00 25.89 ? 1099 GLN A OE1 1 
ATOM   1126 N NE2 . GLN A 1 121 ? 17.850  5.325   -10.645 1.00 22.82 ? 1099 GLN A NE2 1 
ATOM   1127 N N   . LEU A 1 122 ? 16.504  -0.050  -10.885 1.00 12.67 ? 1100 LEU A N   1 
ATOM   1128 C CA  . LEU A 1 122 ? 16.203  -0.663  -12.183 1.00 13.12 ? 1100 LEU A CA  1 
ATOM   1129 C C   . LEU A 1 122 ? 14.724  -0.456  -12.558 1.00 15.12 ? 1100 LEU A C   1 
ATOM   1130 O O   . LEU A 1 122 ? 14.426  -0.068  -13.721 1.00 14.93 ? 1100 LEU A O   1 
ATOM   1131 C CB  . LEU A 1 122 ? 16.633  -2.129  -12.214 1.00 13.09 ? 1100 LEU A CB  1 
ATOM   1132 C CG  . LEU A 1 122 ? 16.305  -2.884  -13.500 1.00 14.01 ? 1100 LEU A CG  1 
ATOM   1133 C CD1 . LEU A 1 122 ? 16.982  -2.257  -14.762 1.00 15.51 ? 1100 LEU A CD1 1 
ATOM   1134 C CD2 . LEU A 1 122 ? 16.666  -4.370  -13.381 1.00 15.33 ? 1100 LEU A CD2 1 
ATOM   1135 N N   . CYS A 1 123 ? 13.792  -0.749  -11.629 1.00 13.54 ? 1101 CYS A N   1 
ATOM   1136 C CA  . CYS A 1 123 ? 12.353  -0.550  -11.938 1.00 14.44 ? 1101 CYS A CA  1 
ATOM   1137 C C   . CYS A 1 123 ? 12.099  0.934   -12.293 1.00 15.33 ? 1101 CYS A C   1 
ATOM   1138 O O   . CYS A 1 123 ? 11.362  1.144   -13.261 1.00 15.43 ? 1101 CYS A O   1 
ATOM   1139 C CB  . CYS A 1 123 ? 11.518  -0.962  -10.717 1.00 13.60 ? 1101 CYS A CB  1 
ATOM   1140 S SG  . CYS A 1 123 ? 11.444  -2.716  -10.311 1.00 14.35 ? 1101 CYS A SG  1 
ATOM   1141 N N   . GLU A 1 124 ? 12.708  1.872   -11.575 1.00 14.81 ? 1102 GLU A N   1 
ATOM   1142 C CA  . GLU A 1 124 ? 12.496  3.329   -11.805 1.00 15.82 ? 1102 GLU A CA  1 
ATOM   1143 C C   . GLU A 1 124 ? 12.990  3.654   -13.225 1.00 19.47 ? 1102 GLU A C   1 
ATOM   1144 O O   . GLU A 1 124 ? 12.297  4.417   -13.981 1.00 20.78 ? 1102 GLU A O   1 
ATOM   1145 C CB  . GLU A 1 124 ? 13.085  4.186   -10.680 1.00 17.26 ? 1102 GLU A CB  1 
ATOM   1146 C CG  . GLU A 1 124 ? 12.342  4.049   -9.340  1.00 23.69 ? 1102 GLU A CG  1 
ATOM   1147 C CD  . GLU A 1 124 ? 12.813  4.835   -8.104  1.00 33.28 ? 1102 GLU A CD  1 
ATOM   1148 O OE1 . GLU A 1 124 ? 13.575  5.786   -8.362  1.00 36.56 ? 1102 GLU A OE1 1 
ATOM   1149 O OE2 . GLU A 1 124 ? 12.410  4.530   -6.846  1.00 26.15 ? 1102 GLU A OE2 1 
ATOM   1150 N N   . GLU A 1 125 ? 14.139  3.103   -13.649 1.00 16.65 ? 1103 GLU A N   1 
ATOM   1151 C CA  . GLU A 1 125 ? 14.720  3.491   -14.975 1.00 18.08 ? 1103 GLU A CA  1 
ATOM   1152 C C   . GLU A 1 125 ? 13.940  2.827   -16.089 1.00 20.81 ? 1103 GLU A C   1 
ATOM   1153 O O   . GLU A 1 125 ? 13.704  3.525   -17.161 1.00 22.38 ? 1103 GLU A O   1 
ATOM   1154 C CB  . GLU A 1 125 ? 16.242  3.183   -14.975 1.00 16.78 ? 1103 GLU A CB  1 
ATOM   1155 C CG  . GLU A 1 125 ? 17.047  4.110   -14.098 1.00 17.23 ? 1103 GLU A CG  1 
ATOM   1156 C CD  . GLU A 1 125 ? 18.584  4.013   -13.986 1.00 17.18 ? 1103 GLU A CD  1 
ATOM   1157 O OE1 . GLU A 1 125 ? 19.175  3.219   -14.762 1.00 18.14 ? 1103 GLU A OE1 1 
ATOM   1158 O OE2 . GLU A 1 125 ? 19.158  4.720   -13.140 1.00 19.58 ? 1103 GLU A OE2 1 
ATOM   1159 N N   . ILE A 1 126 ? 13.417  1.606   -15.964 1.00 18.01 ? 1104 ILE A N   1 
ATOM   1160 C CA  . ILE A 1 126 ? 12.514  1.030   -16.983 1.00 18.40 ? 1104 ILE A CA  1 
ATOM   1161 C C   . ILE A 1 126 ? 11.253  1.940   -17.050 1.00 23.03 ? 1104 ILE A C   1 
ATOM   1162 O O   . ILE A 1 126 ? 10.869  2.350   -18.179 1.00 25.29 ? 1104 ILE A O   1 
ATOM   1163 C CB  . ILE A 1 126 ? 12.122  -0.439  -16.688 1.00 17.41 ? 1104 ILE A CB  1 
ATOM   1164 C CG1 . ILE A 1 126 ? 13.336  -1.355  -16.529 1.00 17.82 ? 1104 ILE A CG1 1 
ATOM   1165 C CG2 . ILE A 1 126 ? 11.165  -0.920  -17.756 1.00 19.97 ? 1104 ILE A CG2 1 
ATOM   1166 C CD1 . ILE A 1 126 ? 13.068  -2.696  -15.911 1.00 17.92 ? 1104 ILE A CD1 1 
ATOM   1167 N N   . GLN A 1 127 ? 10.612  2.274   -15.911 1.00 22.27 ? 1105 GLN A N   1 
ATOM   1168 C CA  . GLN A 1 127 ? 9.357   3.139   -15.900 1.00 24.08 ? 1105 GLN A CA  1 
ATOM   1169 C C   . GLN A 1 127 ? 9.621   4.455   -16.679 1.00 27.59 ? 1105 GLN A C   1 
ATOM   1170 O O   . GLN A 1 127 ? 8.768   4.840   -17.550 1.00 27.23 ? 1105 GLN A O   1 
ATOM   1171 C CB  . GLN A 1 127 ? 8.860   3.346   -14.445 1.00 23.33 ? 1105 GLN A CB  1 
ATOM   1172 C CG  . GLN A 1 127 ? 7.631   4.294   -14.278 1.00 25.30 ? 1105 GLN A CG  1 
ATOM   1173 C CD  . GLN A 1 127 ? 7.301   4.577   -12.828 1.00 26.77 ? 1105 GLN A CD  1 
ATOM   1174 O OE1 . GLN A 1 127 ? 8.119   5.110   -12.048 1.00 29.36 ? 1105 GLN A OE1 1 
ATOM   1175 N NE2 . GLN A 1 127 ? 6.054   4.281   -12.441 1.00 27.61 ? 1105 GLN A NE2 1 
ATOM   1176 N N   A GLU A 1 128 ? 10.732  5.135   -16.374 0.15 26.81 ? 1106 GLU A N   1 
ATOM   1177 N N   B GLU A 1 128 ? 10.757  5.113   -16.403 0.20 25.10 ? 1106 GLU A N   1 
ATOM   1178 N N   C GLU A 1 128 ? 10.732  5.135   -16.374 0.15 26.81 ? 1106 GLU A N   1 
ATOM   1179 C CA  A GLU A 1 128 ? 11.118  6.442   -16.983 0.15 29.21 ? 1106 GLU A CA  1 
ATOM   1180 C CA  B GLU A 1 128 ? 11.130  6.450   -16.964 0.20 27.43 ? 1106 GLU A CA  1 
ATOM   1181 C CA  C GLU A 1 128 ? 11.118  6.442   -16.983 0.15 29.21 ? 1106 GLU A CA  1 
ATOM   1182 C C   A GLU A 1 128 ? 11.223  6.300   -18.508 0.15 30.49 ? 1106 GLU A C   1 
ATOM   1183 C C   B GLU A 1 128 ? 11.423  6.357   -18.469 0.20 30.16 ? 1106 GLU A C   1 
ATOM   1184 C C   C GLU A 1 128 ? 11.223  6.300   -18.508 0.15 30.49 ? 1106 GLU A C   1 
ATOM   1185 O O   A GLU A 1 128 ? 10.806  7.247   -19.234 0.15 30.32 ? 1106 GLU A O   1 
ATOM   1186 O O   B GLU A 1 128 ? 11.407  7.439   -19.127 0.20 32.35 ? 1106 GLU A O   1 
ATOM   1187 O O   C GLU A 1 128 ? 10.806  7.247   -19.234 0.15 30.32 ? 1106 GLU A O   1 
ATOM   1188 C CB  A GLU A 1 128 ? 12.420  6.937   -16.351 0.15 30.84 ? 1106 GLU A CB  1 
ATOM   1189 C CB  B GLU A 1 128 ? 12.346  7.036   -16.240 0.20 27.58 ? 1106 GLU A CB  1 
ATOM   1190 C CB  C GLU A 1 128 ? 12.420  6.937   -16.351 0.15 30.84 ? 1106 GLU A CB  1 
ATOM   1191 C CG  A GLU A 1 128 ? 12.184  7.854   -15.166 0.15 33.61 ? 1106 GLU A CG  1 
ATOM   1192 C CG  B GLU A 1 128 ? 12.854  8.336   -16.857 0.20 29.39 ? 1106 GLU A CG  1 
ATOM   1193 C CG  C GLU A 1 128 ? 12.184  7.854   -15.166 0.15 33.61 ? 1106 GLU A CG  1 
ATOM   1194 C CD  A GLU A 1 128 ? 13.170  7.733   -14.017 0.15 37.37 ? 1106 GLU A CD  1 
ATOM   1195 C CD  B GLU A 1 128 ? 11.855  9.481   -16.840 0.20 31.72 ? 1106 GLU A CD  1 
ATOM   1196 C CD  C GLU A 1 128 ? 13.170  7.733   -14.017 0.15 37.37 ? 1106 GLU A CD  1 
ATOM   1197 O OE1 A GLU A 1 128 ? 14.343  7.365   -14.260 0.15 37.94 ? 1106 GLU A OE1 1 
ATOM   1198 O OE1 B GLU A 1 128 ? 11.813  10.246  -17.830 0.20 32.49 ? 1106 GLU A OE1 1 
ATOM   1199 O OE1 C GLU A 1 128 ? 14.343  7.365   -14.260 0.15 37.94 ? 1106 GLU A OE1 1 
ATOM   1200 O OE2 A GLU A 1 128 ? 12.760  8.005   -12.876 0.15 40.27 ? 1106 GLU A OE2 1 
ATOM   1201 O OE2 B GLU A 1 128 ? 11.134  9.609   -15.840 0.20 33.32 ? 1106 GLU A OE2 1 
ATOM   1202 O OE2 C GLU A 1 128 ? 12.760  8.005   -12.876 0.15 40.27 ? 1106 GLU A OE2 1 
ATOM   1203 N N   . SER A 1 129 ? 11.714  5.155   -18.988 1.00 29.54 ? 1107 SER A N   1 
ATOM   1204 C CA  . SER A 1 129 ? 11.947  4.906   -20.444 1.00 32.04 ? 1107 SER A CA  1 
ATOM   1205 C C   . SER A 1 129 ? 10.661  4.684   -21.232 1.00 38.91 ? 1107 SER A C   1 
ATOM   1206 O O   . SER A 1 129 ? 10.781  4.533   -22.469 1.00 43.21 ? 1107 SER A O   1 
ATOM   1207 C CB  . SER A 1 129 ? 12.863  3.731   -20.656 1.00 31.39 ? 1107 SER A CB  1 
ATOM   1208 O OG  . SER A 1 129 ? 12.150  2.491   -20.532 1.00 31.53 ? 1107 SER A OG  1 
ATOM   1209 N N   . ARG A 1 130 ? 9.512   4.554   -20.582 1.00 38.46 ? 1108 ARG A N   1 
ATOM   1210 C CA  . ARG A 1 130 ? 8.269   4.113   -21.262 1.00 42.83 ? 1108 ARG A CA  1 
ATOM   1211 C C   . ARG A 1 130 ? 7.404   5.349   -21.533 1.00 51.48 ? 1108 ARG A C   1 
ATOM   1212 O O   . ARG A 1 130 ? 7.690   6.456   -21.040 1.00 53.05 ? 1108 ARG A O   1 
ATOM   1213 C CB  . ARG A 1 130 ? 7.549   3.030   -20.454 1.00 42.71 ? 1108 ARG A CB  1 
ATOM   1214 C CG  . ARG A 1 130 ? 8.352   1.740   -20.472 1.00 47.62 ? 1108 ARG A CG  1 
ATOM   1215 C CD  . ARG A 1 130 ? 7.597   0.484   -20.133 1.00 42.98 ? 1108 ARG A CD  1 
ATOM   1216 N NE  . ARG A 1 130 ? 8.463   -0.665  -20.410 1.00 39.08 ? 1108 ARG A NE  1 
ATOM   1217 C CZ  . ARG A 1 130 ? 8.165   -1.928  -20.119 1.00 35.39 ? 1108 ARG A CZ  1 
ATOM   1218 N NH1 . ARG A 1 130 ? 6.973   -2.191  -19.584 1.00 42.00 ? 1108 ARG A NH1 1 
ATOM   1219 N NH2 . ARG A 1 130 ? 9.015   -2.915  -20.397 1.00 31.98 ? 1108 ARG A NH2 1 
ATOM   1220 O OXT . ARG A 1 130 ? 6.424   5.202   -22.284 1.00 62.65 ? 1108 ARG A OXT 1 
HETATM 1221 S S   . SO4 B 2 .   ? -6.457  15.525  26.549  1.00 26.38 ? 1201 SO4 A S   1 
HETATM 1222 O O1  . SO4 B 2 .   ? -7.269  15.842  27.725  1.00 29.18 ? 1201 SO4 A O1  1 
HETATM 1223 O O2  . SO4 B 2 .   ? -7.399  15.290  25.476  1.00 29.63 ? 1201 SO4 A O2  1 
HETATM 1224 O O3  . SO4 B 2 .   ? -5.433  16.432  26.352  1.00 26.97 ? 1201 SO4 A O3  1 
HETATM 1225 O O4  . SO4 B 2 .   ? -5.853  14.203  26.838  1.00 35.82 ? 1201 SO4 A O4  1 
HETATM 1226 S S   . SO4 C 2 .   ? -5.487  4.637   -11.058 0.42 25.64 ? 1202 SO4 A S   1 
HETATM 1227 O O1  . SO4 C 2 .   ? -5.453  5.875   -11.827 0.42 28.23 ? 1202 SO4 A O1  1 
HETATM 1228 O O2  . SO4 C 2 .   ? -5.778  4.966   -9.675  0.42 27.34 ? 1202 SO4 A O2  1 
HETATM 1229 O O3  . SO4 C 2 .   ? -4.197  3.965   -11.153 0.42 28.40 ? 1202 SO4 A O3  1 
HETATM 1230 O O4  . SO4 C 2 .   ? -6.504  3.746   -11.592 0.42 27.16 ? 1202 SO4 A O4  1 
HETATM 1231 C C1  . EDO D 3 .   ? 13.314  -7.017  -3.981  1.00 22.36 ? 1203 EDO A C1  1 
HETATM 1232 O O1  . EDO D 3 .   ? 14.770  -6.866  -3.886  1.00 20.17 ? 1203 EDO A O1  1 
HETATM 1233 C C2  . EDO D 3 .   ? 12.914  -7.852  -5.152  1.00 16.94 ? 1203 EDO A C2  1 
HETATM 1234 O O2  . EDO D 3 .   ? 13.155  -9.220  -4.939  1.00 17.67 ? 1203 EDO A O2  1 
HETATM 1235 C C1  . EDO E 3 .   ? 17.521  -8.131  -0.438  1.00 45.81 ? 1204 EDO A C1  1 
HETATM 1236 O O1  . EDO E 3 .   ? 17.922  -9.043  0.561   1.00 46.26 ? 1204 EDO A O1  1 
HETATM 1237 C C2  . EDO E 3 .   ? 18.202  -6.820  -0.264  1.00 52.30 ? 1204 EDO A C2  1 
HETATM 1238 O O2  . EDO E 3 .   ? 18.213  -6.359  1.067   1.00 52.72 ? 1204 EDO A O2  1 
HETATM 1239 C C1  . EDO F 3 .   ? -8.831  -2.286  -7.432  1.00 30.48 ? 1205 EDO A C1  1 
HETATM 1240 O O1  . EDO F 3 .   ? -8.873  -0.872  -7.059  1.00 30.05 ? 1205 EDO A O1  1 
HETATM 1241 C C2  . EDO F 3 .   ? -9.557  -2.713  -8.711  1.00 28.87 ? 1205 EDO A C2  1 
HETATM 1242 O O2  . EDO F 3 .   ? -10.945 -2.410  -8.638  1.00 33.35 ? 1205 EDO A O2  1 
HETATM 1243 C C10 . RHJ G 4 .   ? -15.094 2.677   11.341  0.50 41.59 ? 1206 RHJ A C10 1 
HETATM 1244 C C17 . RHJ G 4 .   ? -10.711 2.075   10.749  0.50 29.18 ? 1206 RHJ A C17 1 
HETATM 1245 C C02 . RHJ G 4 .   ? -17.249 2.452   12.822  0.50 42.77 ? 1206 RHJ A C02 1 
HETATM 1246 C C03 . RHJ G 4 .   ? -16.176 3.123   13.954  0.50 43.18 ? 1206 RHJ A C03 1 
HETATM 1247 C C04 . RHJ G 4 .   ? -14.972 3.610   13.327  0.50 43.80 ? 1206 RHJ A C04 1 
HETATM 1248 C C05 . RHJ G 4 .   ? -15.273 4.714   12.399  0.50 42.86 ? 1206 RHJ A C05 1 
HETATM 1249 C C06 . RHJ G 4 .   ? -15.426 4.112   11.131  0.50 41.22 ? 1206 RHJ A C06 1 
HETATM 1250 C C07 . RHJ G 4 .   ? -14.401 4.672   10.087  0.50 38.10 ? 1206 RHJ A C07 1 
HETATM 1251 C C09 . RHJ G 4 .   ? -14.115 2.307   10.184  0.50 38.69 ? 1206 RHJ A C09 1 
HETATM 1252 C C12 . RHJ G 4 .   ? -16.246 1.811   11.486  0.50 42.82 ? 1206 RHJ A C12 1 
HETATM 1253 C C14 . RHJ G 4 .   ? -12.038 3.810   9.528   0.50 28.99 ? 1206 RHJ A C14 1 
HETATM 1254 C C16 . RHJ G 4 .   ? -11.155 2.594   9.385   0.50 29.88 ? 1206 RHJ A C16 1 
HETATM 1255 C C18 . RHJ G 4 .   ? -9.315  1.910   10.159  0.50 29.91 ? 1206 RHJ A C18 1 
HETATM 1256 C C19 . RHJ G 4 .   ? -9.701  2.892   9.048   0.50 29.32 ? 1206 RHJ A C19 1 
HETATM 1257 N N08 . RHJ G 4 .   ? -13.414 3.621   9.904   0.50 36.26 ? 1206 RHJ A N08 1 
HETATM 1258 O O01 . RHJ G 4 .   ? -17.989 3.272   12.438  0.50 40.91 ? 1206 RHJ A O01 1 
HETATM 1259 O O11 . RHJ G 4 .   ? -14.405 2.622   12.524  0.50 43.44 ? 1206 RHJ A O11 1 
HETATM 1260 O O13 . RHJ G 4 .   ? -16.954 1.705   10.380  0.50 44.17 ? 1206 RHJ A O13 1 
HETATM 1261 O O15 . RHJ G 4 .   ? -11.623 4.894   9.335   0.50 30.70 ? 1206 RHJ A O15 1 
HETATM 1262 C C1  . EDO H 3 .   ? -13.899 6.860   15.332  0.50 60.15 ? 1207 EDO A C1  1 
HETATM 1263 O O1  . EDO H 3 .   ? -13.748 5.743   14.509  0.50 60.08 ? 1207 EDO A O1  1 
HETATM 1264 C C2  . EDO H 3 .   ? -14.444 8.060   14.638  0.50 61.65 ? 1207 EDO A C2  1 
HETATM 1265 O O2  . EDO H 3 .   ? -15.334 7.747   13.582  0.50 63.14 ? 1207 EDO A O2  1 
HETATM 1266 C C1  . EDO I 3 .   ? -14.086 -1.707  11.859  0.50 49.84 ? 1208 EDO A C1  1 
HETATM 1267 O O1  . EDO I 3 .   ? -14.223 -2.728  10.892  0.50 48.72 ? 1208 EDO A O1  1 
HETATM 1268 C C2  . EDO I 3 .   ? -14.109 -2.221  13.254  0.50 49.24 ? 1208 EDO A C2  1 
HETATM 1269 O O2  . EDO I 3 .   ? -15.085 -1.605  14.071  0.50 50.06 ? 1208 EDO A O2  1 
HETATM 1270 C C1  . EDO J 3 .   ? -11.065 0.134   15.244  0.50 30.81 ? 1209 EDO A C1  1 
HETATM 1271 O O1  . EDO J 3 .   ? -9.644  0.401   15.329  0.50 29.82 ? 1209 EDO A O1  1 
HETATM 1272 C C2  . EDO J 3 .   ? -11.703 0.622   13.980  0.50 32.28 ? 1209 EDO A C2  1 
HETATM 1273 O O2  . EDO J 3 .   ? -13.120 0.482   13.879  0.50 35.02 ? 1209 EDO A O2  1 
HETATM 1274 O O   . HOH K 5 .   ? -17.792 12.909  9.276   1.00 42.20 ? 1301 HOH A O   1 
HETATM 1275 O O   . HOH K 5 .   ? 4.783   -18.581 -10.843 1.00 22.18 ? 1302 HOH A O   1 
HETATM 1276 O O   . HOH K 5 .   ? -10.963 16.665  16.595  1.00 43.57 ? 1303 HOH A O   1 
HETATM 1277 O O   . HOH K 5 .   ? -6.729  14.612  29.706  1.00 28.21 ? 1304 HOH A O   1 
HETATM 1278 O O   . HOH K 5 .   ? 4.538   -6.492  -16.882 1.00 38.54 ? 1305 HOH A O   1 
HETATM 1279 O O   . HOH K 5 .   ? 4.507   -11.570 -16.767 1.00 62.56 ? 1306 HOH A O   1 
HETATM 1280 O O   . HOH K 5 .   ? -3.808  12.782  7.261   1.00 36.35 ? 1307 HOH A O   1 
HETATM 1281 O O   . HOH K 5 .   ? 14.822  -13.249 -15.674 1.00 33.04 ? 1308 HOH A O   1 
HETATM 1282 O O   . HOH K 5 .   ? 12.001  -7.748  7.854   1.00 33.89 ? 1309 HOH A O   1 
HETATM 1283 O O   . HOH K 5 .   ? 3.972   -13.373 3.076   1.00 32.43 ? 1310 HOH A O   1 
HETATM 1284 O O   . HOH K 5 .   ? 16.072  7.176   -16.110 1.00 34.50 ? 1311 HOH A O   1 
HETATM 1285 O O   . HOH K 5 .   ? -5.657  10.971  -3.440  1.00 30.78 ? 1312 HOH A O   1 
HETATM 1286 O O   . HOH K 5 .   ? -9.511  15.721  10.012  1.00 34.26 ? 1313 HOH A O   1 
HETATM 1287 O O   . HOH K 5 .   ? 16.303  -5.230  -21.358 1.00 40.65 ? 1314 HOH A O   1 
HETATM 1288 O O   . HOH K 5 .   ? 10.415  6.208   -12.365 1.00 41.67 ? 1315 HOH A O   1 
HETATM 1289 O O   . HOH K 5 .   ? -8.326  5.028   -6.350  1.00 22.38 ? 1316 HOH A O   1 
HETATM 1290 O O   . HOH K 5 .   ? -15.496 4.358   -2.755  1.00 44.49 ? 1317 HOH A O   1 
HETATM 1291 O O   . HOH K 5 .   ? 14.103  0.585   -20.528 1.00 31.18 ? 1318 HOH A O   1 
HETATM 1292 O O   . HOH K 5 .   ? -7.962  -7.463  15.467  1.00 37.66 ? 1319 HOH A O   1 
HETATM 1293 O O   . HOH K 5 .   ? -3.092  -12.144 -5.884  1.00 36.72 ? 1320 HOH A O   1 
HETATM 1294 O O   . HOH K 5 .   ? 3.784   3.724   -13.603 1.00 58.33 ? 1321 HOH A O   1 
HETATM 1295 O O   . HOH K 5 .   ? -14.165 11.204  15.082  1.00 31.06 ? 1322 HOH A O   1 
HETATM 1296 O O   . HOH K 5 .   ? -13.930 12.615  21.127  1.00 41.44 ? 1323 HOH A O   1 
HETATM 1297 O O   . HOH K 5 .   ? 15.440  5.195   -18.235 1.00 25.99 ? 1324 HOH A O   1 
HETATM 1298 O O   . HOH K 5 .   ? 10.689  -0.384  -21.809 1.00 40.18 ? 1325 HOH A O   1 
HETATM 1299 O O   . HOH K 5 .   ? -11.956 -0.352  -9.959  1.00 24.82 ? 1326 HOH A O   1 
HETATM 1300 O O   . HOH K 5 .   ? 0.982   -1.405  -16.231 1.00 46.39 ? 1327 HOH A O   1 
HETATM 1301 O O   . HOH K 5 .   ? -9.808  5.733   7.182   0.50 13.10 ? 1328 HOH A O   1 
HETATM 1302 O O   . HOH K 5 .   ? -6.540  -10.089 -8.051  1.00 24.47 ? 1329 HOH A O   1 
HETATM 1303 O O   . HOH K 5 .   ? -12.548 -0.979  9.049   0.50 34.25 ? 1330 HOH A O   1 
HETATM 1304 O O   . HOH K 5 .   ? -15.243 10.312  12.814  1.00 46.77 ? 1331 HOH A O   1 
HETATM 1305 O O   . HOH K 5 .   ? 0.362   4.596   -6.674  1.00 33.14 ? 1332 HOH A O   1 
HETATM 1306 O O   . HOH K 5 .   ? -10.754 -9.077  6.689   1.00 40.96 ? 1333 HOH A O   1 
HETATM 1307 O O   . HOH K 5 .   ? 4.225   7.979   -0.424  1.00 25.20 ? 1334 HOH A O   1 
HETATM 1308 O O   . HOH K 5 .   ? 5.196   -4.259  13.450  1.00 26.72 ? 1335 HOH A O   1 
HETATM 1309 O O   . HOH K 5 .   ? -10.437 -0.035  5.900   0.50 20.27 ? 1336 HOH A O   1 
HETATM 1310 O O   . HOH K 5 .   ? -11.027 1.202   0.055   1.00 21.45 ? 1337 HOH A O   1 
HETATM 1311 O O   . HOH K 5 .   ? 16.602  -9.734  -7.227  1.00 19.53 ? 1338 HOH A O   1 
HETATM 1312 O O   . HOH K 5 .   ? -5.937  -0.154  -15.318 1.00 50.25 ? 1339 HOH A O   1 
HETATM 1313 O O   . HOH K 5 .   ? -2.424  3.828   -9.106  1.00 27.18 ? 1340 HOH A O   1 
HETATM 1314 O O   . HOH K 5 .   ? -7.338  4.262   22.833  1.00 18.14 ? 1341 HOH A O   1 
HETATM 1315 O O   . HOH K 5 .   ? 20.998  2.322   -7.043  1.00 34.53 ? 1342 HOH A O   1 
HETATM 1316 O O   . HOH K 5 .   ? -9.645  4.452   3.234   1.00 17.11 ? 1343 HOH A O   1 
HETATM 1317 O O   . HOH K 5 .   ? -5.731  14.465  15.363  1.00 34.34 ? 1344 HOH A O   1 
HETATM 1318 O O   . HOH K 5 .   ? 9.437   -14.647 -14.013 0.50 29.87 ? 1345 HOH A O   1 
HETATM 1319 O O   . HOH K 5 .   ? -10.655 -5.274  -5.063  1.00 32.55 ? 1346 HOH A O   1 
HETATM 1320 O O   . HOH K 5 .   ? 19.853  7.361   -13.234 1.00 32.55 ? 1347 HOH A O   1 
HETATM 1321 O O   . HOH K 5 .   ? -4.259  -2.219  -15.598 1.00 44.24 ? 1348 HOH A O   1 
HETATM 1322 O O   . HOH K 5 .   ? 4.466   5.884   14.665  1.00 55.73 ? 1349 HOH A O   1 
HETATM 1323 O O   . HOH K 5 .   ? 9.576   2.295   9.696   1.00 20.98 ? 1350 HOH A O   1 
HETATM 1324 O O   . HOH K 5 .   ? -3.018  16.252  25.065  1.00 49.25 ? 1351 HOH A O   1 
HETATM 1325 O O   . HOH K 5 .   ? -16.922 12.585  -2.189  1.00 52.17 ? 1352 HOH A O   1 
HETATM 1326 O O   . HOH K 5 .   ? 8.046   5.607   -9.062  1.00 26.83 ? 1353 HOH A O   1 
HETATM 1327 O O   . HOH K 5 .   ? 4.528   2.566   14.767  1.00 34.60 ? 1354 HOH A O   1 
HETATM 1328 O O   . HOH K 5 .   ? -14.354 4.089   16.628  0.50 49.62 ? 1355 HOH A O   1 
HETATM 1329 O O   . HOH K 5 .   ? -5.706  -8.549  10.010  1.00 21.55 ? 1356 HOH A O   1 
HETATM 1330 O O   . HOH K 5 .   ? -0.197  8.888   -0.512  1.00 18.90 ? 1357 HOH A O   1 
HETATM 1331 O O   . HOH K 5 .   ? -7.855  4.045   6.360   0.50 15.95 ? 1358 HOH A O   1 
HETATM 1332 O O   . HOH K 5 .   ? 2.413   -10.793 9.969   1.00 29.13 ? 1359 HOH A O   1 
HETATM 1333 O O   . HOH K 5 .   ? -6.777  3.173   -7.815  1.00 19.86 ? 1360 HOH A O   1 
HETATM 1334 O O   . HOH K 5 .   ? 12.242  -10.719 -2.794  1.00 13.75 ? 1361 HOH A O   1 
HETATM 1335 O O   . HOH K 5 .   ? -2.759  13.947  3.416   1.00 50.34 ? 1362 HOH A O   1 
HETATM 1336 O O   . HOH K 5 .   ? -15.153 9.035   -1.907  1.00 30.47 ? 1363 HOH A O   1 
HETATM 1337 O O   . HOH K 5 .   ? -5.731  11.154  2.963   1.00 20.89 ? 1364 HOH A O   1 
HETATM 1338 O O   . HOH K 5 .   ? -3.417  7.746   -12.039 1.00 37.54 ? 1365 HOH A O   1 
HETATM 1339 O O   . HOH K 5 .   ? 13.590  -9.785  -0.544  1.00 18.70 ? 1366 HOH A O   1 
HETATM 1340 O O   . HOH K 5 .   ? -6.544  -10.996 6.614   1.00 31.77 ? 1367 HOH A O   1 
HETATM 1341 O O   . HOH K 5 .   ? -4.385  5.236   -5.811  1.00 21.29 ? 1368 HOH A O   1 
HETATM 1342 O O   . HOH K 5 .   ? -8.662  1.705   5.023   0.50 19.03 ? 1369 HOH A O   1 
HETATM 1343 O O   . HOH K 5 .   ? -0.987  -10.624 -0.691  1.00 31.90 ? 1370 HOH A O   1 
HETATM 1344 O O   . HOH K 5 .   ? -1.231  10.136  1.741   1.00 20.60 ? 1371 HOH A O   1 
HETATM 1345 O O   . HOH K 5 .   ? 15.680  -8.019  -12.790 1.00 23.51 ? 1372 HOH A O   1 
HETATM 1346 O O   . HOH K 5 .   ? 5.751   -8.526  -16.258 1.00 25.67 ? 1373 HOH A O   1 
HETATM 1347 O O   . HOH K 5 .   ? -12.666 11.324  25.598  1.00 24.31 ? 1374 HOH A O   1 
HETATM 1348 O O   . HOH K 5 .   ? 4.276   -13.484 -3.417  1.00 12.06 ? 1375 HOH A O   1 
HETATM 1349 O O   . HOH K 5 .   ? -13.200 16.275  2.970   1.00 48.93 ? 1376 HOH A O   1 
HETATM 1350 O O   . HOH K 5 .   ? 14.127  -2.068  8.670   1.00 26.11 ? 1377 HOH A O   1 
HETATM 1351 O O   . HOH K 5 .   ? -1.273  -0.486  17.587  1.00 20.04 ? 1378 HOH A O   1 
HETATM 1352 O O   . HOH K 5 .   ? -0.353  -8.553  15.897  1.00 47.99 ? 1379 HOH A O   1 
HETATM 1353 O O   . HOH K 5 .   ? -5.371  13.474  12.801  1.00 25.52 ? 1380 HOH A O   1 
HETATM 1354 O O   . HOH K 5 .   ? -7.495  15.066  19.055  1.00 33.67 ? 1381 HOH A O   1 
HETATM 1355 O O   . HOH K 5 .   ? 5.970   6.794   -2.223  1.00 22.31 ? 1382 HOH A O   1 
HETATM 1356 O O   . HOH K 5 .   ? -7.690  0.730   -9.067  1.00 24.29 ? 1383 HOH A O   1 
HETATM 1357 O O   . HOH K 5 .   ? 16.662  2.745   -4.959  1.00 31.89 ? 1384 HOH A O   1 
HETATM 1358 O O   . HOH K 5 .   ? 15.624  4.148   -6.526  1.00 37.21 ? 1385 HOH A O   1 
HETATM 1359 O O   . HOH K 5 .   ? -5.151  -12.798 11.216  1.00 43.70 ? 1386 HOH A O   1 
HETATM 1360 O O   . HOH K 5 .   ? -8.229  -8.571  -3.321  1.00 25.80 ? 1387 HOH A O   1 
HETATM 1361 O O   . HOH K 5 .   ? -11.345 -4.375  -2.699  1.00 35.46 ? 1388 HOH A O   1 
HETATM 1362 O O   . HOH K 5 .   ? -13.908 6.083   22.251  1.00 36.71 ? 1389 HOH A O   1 
HETATM 1363 O O   . HOH K 5 .   ? 19.535  -8.593  -3.319  1.00 30.08 ? 1390 HOH A O   1 
HETATM 1364 O O   . HOH K 5 .   ? 8.694   -5.648  -22.839 1.00 50.04 ? 1391 HOH A O   1 
HETATM 1365 O O   . HOH K 5 .   ? 2.076   3.151   16.265  1.00 22.11 ? 1392 HOH A O   1 
HETATM 1366 O O   . HOH K 5 .   ? -11.091 2.041   17.488  1.00 30.07 ? 1393 HOH A O   1 
HETATM 1367 O O   . HOH K 5 .   ? -14.156 15.081  14.281  1.00 34.28 ? 1394 HOH A O   1 
HETATM 1368 O O   . HOH K 5 .   ? -19.347 5.965   2.587   1.00 36.17 ? 1395 HOH A O   1 
HETATM 1369 O O   . HOH K 5 .   ? 15.090  -12.869 -5.783  1.00 13.58 ? 1396 HOH A O   1 
HETATM 1370 O O   . HOH K 5 .   ? -5.811  13.310  20.497  1.00 26.69 ? 1397 HOH A O   1 
HETATM 1371 O O   . HOH K 5 .   ? -3.344  -7.823  -15.377 1.00 30.80 ? 1398 HOH A O   1 
HETATM 1372 O O   . HOH K 5 .   ? -16.922 -0.365  7.682   1.00 40.13 ? 1399 HOH A O   1 
HETATM 1373 O O   . HOH K 5 .   ? 8.555   -9.958  -0.059  1.00 22.35 ? 1400 HOH A O   1 
HETATM 1374 O O   . HOH K 5 .   ? -0.300  2.366   -13.300 1.00 35.11 ? 1401 HOH A O   1 
HETATM 1375 O O   . HOH K 5 .   ? -11.692 -3.943  7.013   1.00 39.00 ? 1402 HOH A O   1 
HETATM 1376 O O   . HOH K 5 .   ? -7.758  -3.552  13.344  1.00 25.03 ? 1403 HOH A O   1 
HETATM 1377 O O   . HOH K 5 .   ? 11.861  2.037   3.758   1.00 27.93 ? 1404 HOH A O   1 
HETATM 1378 O O   . HOH K 5 .   ? 22.883  -4.780  -4.837  1.00 40.41 ? 1405 HOH A O   1 
HETATM 1379 O O   . HOH K 5 .   ? -8.622  10.511  0.342   1.00 16.34 ? 1406 HOH A O   1 
HETATM 1380 O O   . HOH K 5 .   ? -8.277  8.747   24.875  1.00 21.12 ? 1407 HOH A O   1 
HETATM 1381 O O   . HOH K 5 .   ? 20.079  -2.241  -0.885  1.00 28.32 ? 1408 HOH A O   1 
HETATM 1382 O O   . HOH K 5 .   ? 0.857   8.397   5.485   1.00 26.92 ? 1409 HOH A O   1 
HETATM 1383 O O   . HOH K 5 .   ? -14.589 10.998  -4.352  1.00 24.32 ? 1410 HOH A O   1 
HETATM 1384 O O   . HOH K 5 .   ? 5.397   8.097   5.158   1.00 31.27 ? 1411 HOH A O   1 
HETATM 1385 O O   . HOH K 5 .   ? -4.313  2.187   -15.059 1.00 42.14 ? 1412 HOH A O   1 
HETATM 1386 O O   . HOH K 5 .   ? -1.723  6.922   -4.079  1.00 29.29 ? 1413 HOH A O   1 
HETATM 1387 O O   . HOH K 5 .   ? 0.213   3.404   -9.343  1.00 25.95 ? 1414 HOH A O   1 
HETATM 1388 O O   . HOH K 5 .   ? -2.676  7.486   18.948  1.00 31.96 ? 1415 HOH A O   1 
HETATM 1389 O O   . HOH K 5 .   ? 4.888   -1.781  15.983  1.00 39.54 ? 1416 HOH A O   1 
HETATM 1390 O O   . HOH K 5 .   ? 1.550   -4.091  -9.975  1.00 13.80 ? 1417 HOH A O   1 
HETATM 1391 O O   . HOH K 5 .   ? -3.379  8.560   -5.013  1.00 55.18 ? 1418 HOH A O   1 
HETATM 1392 O O   . HOH K 5 .   ? -8.860  17.843  25.255  1.00 28.80 ? 1419 HOH A O   1 
HETATM 1393 O O   . HOH K 5 .   ? -6.936  -7.887  -9.851  1.00 19.80 ? 1420 HOH A O   1 
HETATM 1394 O O   . HOH K 5 .   ? 7.998   -9.234  9.179   1.00 40.54 ? 1421 HOH A O   1 
HETATM 1395 O O   . HOH K 5 .   ? -16.474 -3.726  3.079   1.00 48.94 ? 1422 HOH A O   1 
HETATM 1396 O O   . HOH K 5 .   ? -16.208 16.084  -3.881  1.00 34.06 ? 1423 HOH A O   1 
HETATM 1397 O O   . HOH K 5 .   ? 7.804   6.493   -0.308  1.00 29.34 ? 1424 HOH A O   1 
HETATM 1398 O O   . HOH K 5 .   ? 15.673  -0.580  0.622   1.00 45.16 ? 1425 HOH A O   1 
HETATM 1399 O O   . HOH K 5 .   ? -3.055  -10.974 -13.030 1.00 31.68 ? 1426 HOH A O   1 
HETATM 1400 O O   . HOH K 5 .   ? 3.657   9.399   13.341  1.00 49.67 ? 1427 HOH A O   1 
HETATM 1401 O O   . HOH K 5 .   ? -9.805  12.853  1.349   1.00 23.56 ? 1428 HOH A O   1 
HETATM 1402 O O   . HOH K 5 .   ? 6.210   -10.704 8.785   1.00 29.06 ? 1429 HOH A O   1 
HETATM 1403 O O   . HOH K 5 .   ? -1.192  -10.976 14.609  1.00 33.39 ? 1430 HOH A O   1 
HETATM 1404 O O   . HOH K 5 .   ? 8.165   5.020   8.744   1.00 44.83 ? 1431 HOH A O   1 
HETATM 1405 O O   . HOH K 5 .   ? 13.233  -9.556  -25.406 1.00 46.64 ? 1432 HOH A O   1 
HETATM 1406 O O   . HOH K 5 .   ? 1.333   -1.544  17.766  1.00 20.59 ? 1433 HOH A O   1 
HETATM 1407 O O   . HOH K 5 .   ? -6.894  -7.861  2.857   1.00 30.23 ? 1434 HOH A O   1 
HETATM 1408 O O   . HOH K 5 .   ? 0.822   -11.103 -15.919 1.00 40.76 ? 1435 HOH A O   1 
HETATM 1409 O O   . HOH K 5 .   ? 14.879  -2.201  -23.395 1.00 38.48 ? 1436 HOH A O   1 
HETATM 1410 O O   . HOH K 5 .   ? 3.551   -4.674  -12.692 1.00 17.64 ? 1437 HOH A O   1 
HETATM 1411 O O   . HOH K 5 .   ? 4.645   -0.282  -19.129 1.00 45.67 ? 1438 HOH A O   1 
HETATM 1412 O O   . HOH K 5 .   ? 1.276   9.583   7.592   1.00 38.36 ? 1439 HOH A O   1 
HETATM 1413 O O   . HOH K 5 .   ? 1.537   -4.737  -18.228 1.00 49.33 ? 1440 HOH A O   1 
HETATM 1414 O O   . HOH K 5 .   ? 2.843   -7.309  10.067  1.00 27.22 ? 1441 HOH A O   1 
HETATM 1415 O O   . HOH K 5 .   ? -12.316 -4.807  -7.302  1.00 31.89 ? 1442 HOH A O   1 
HETATM 1416 O O   . HOH K 5 .   ? -12.773 -6.215  8.234   1.00 59.12 ? 1443 HOH A O   1 
HETATM 1417 O O   . HOH K 5 .   ? -11.965 -5.391  13.295  0.50 39.47 ? 1444 HOH A O   1 
HETATM 1418 O O   . HOH K 5 .   ? 17.040  -8.935  -4.465  1.00 32.49 ? 1445 HOH A O   1 
HETATM 1419 O O   . HOH K 5 .   ? 18.090  7.646   -7.130  1.00 55.73 ? 1446 HOH A O   1 
HETATM 1420 O O   . HOH K 5 .   ? 15.650  -5.584  -16.866 1.00 32.27 ? 1447 HOH A O   1 
HETATM 1421 O O   . HOH K 5 .   ? -9.972  -3.968  19.041  1.00 40.93 ? 1448 HOH A O   1 
HETATM 1422 O O   . HOH K 5 .   ? -4.880  -8.116  1.258   1.00 34.97 ? 1449 HOH A O   1 
HETATM 1423 O O   . HOH K 5 .   ? 5.544   9.558   3.030   1.00 64.10 ? 1450 HOH A O   1 
HETATM 1424 O O   . HOH K 5 .   ? -13.204 -1.879  7.270   0.50 29.82 ? 1451 HOH A O   1 
HETATM 1425 O O   . HOH K 5 .   ? 5.316   -0.448  13.845  1.00 34.31 ? 1452 HOH A O   1 
HETATM 1426 O O   . HOH K 5 .   ? -11.460 15.997  20.499  1.00 25.59 ? 1453 HOH A O   1 
HETATM 1427 O O   . HOH K 5 .   ? 11.180  -15.511 -19.212 1.00 61.69 ? 1454 HOH A O   1 
HETATM 1428 O O   . HOH K 5 .   ? -11.716 2.225   2.559   1.00 21.96 ? 1455 HOH A O   1 
HETATM 1429 O O   . HOH K 5 .   ? -13.410 2.392   16.482  0.50 41.12 ? 1456 HOH A O   1 
HETATM 1430 O O   . HOH K 5 .   ? 16.146  -9.066  -15.445 1.00 33.64 ? 1457 HOH A O   1 
HETATM 1431 O O   . HOH K 5 .   ? -2.301  12.190  17.030  1.00 60.34 ? 1458 HOH A O   1 
HETATM 1432 O O   . HOH K 5 .   ? 13.278  -4.151  10.606  1.00 47.82 ? 1459 HOH A O   1 
HETATM 1433 O O   . HOH K 5 .   ? 13.186  -10.272 9.525   1.00 38.13 ? 1460 HOH A O   1 
HETATM 1434 O O   . HOH K 5 .   ? -6.711  3.607   -15.172 1.00 32.52 ? 1461 HOH A O   1 
HETATM 1435 O O   . HOH K 5 .   ? 8.775   -4.370  10.123  1.00 39.35 ? 1462 HOH A O   1 
HETATM 1436 O O   . HOH K 5 .   ? -7.882  -10.091 -5.708  1.00 35.65 ? 1463 HOH A O   1 
HETATM 1437 O O   . HOH K 5 .   ? 11.095  -5.324  9.462   1.00 37.93 ? 1464 HOH A O   1 
HETATM 1438 O O   . HOH K 5 .   ? 3.837   -4.389  -15.519 1.00 28.99 ? 1465 HOH A O   1 
HETATM 1439 O O   . HOH K 5 .   ? 2.378   -13.856 -1.366  1.00 24.81 ? 1466 HOH A O   1 
HETATM 1440 O O   . HOH K 5 .   ? -0.914  7.741   16.892  1.00 40.29 ? 1467 HOH A O   1 
HETATM 1441 O O   . HOH K 5 .   ? -6.208  -9.160  -12.223 1.00 22.67 ? 1468 HOH A O   1 
HETATM 1442 O O   . HOH K 5 .   ? -1.507  10.320  15.047  1.00 42.60 ? 1469 HOH A O   1 
HETATM 1443 O O   . HOH K 5 .   ? 14.644  6.612   -20.603 1.00 42.44 ? 1470 HOH A O   1 
HETATM 1444 O O   . HOH K 5 .   ? 7.899   -0.714  12.774  1.00 32.99 ? 1471 HOH A O   1 
HETATM 1445 O O   . HOH K 5 .   ? 12.041  2.019   8.363   1.00 24.76 ? 1472 HOH A O   1 
HETATM 1446 O O   . HOH K 5 .   ? 16.915  -2.441  7.834   1.00 35.03 ? 1473 HOH A O   1 
HETATM 1447 O O   . HOH K 5 .   ? 0.898   -11.908 12.212  1.00 43.03 ? 1474 HOH A O   1 
HETATM 1448 O O   . HOH K 5 .   ? -9.688  -5.058  14.881  1.00 39.23 ? 1475 HOH A O   1 
HETATM 1449 O O   . HOH K 5 .   ? -15.533 8.301   23.205  1.00 48.06 ? 1476 HOH A O   1 
HETATM 1450 O O   . HOH K 5 .   ? 5.909   -3.425  17.026  1.00 56.61 ? 1477 HOH A O   1 
HETATM 1451 O O   . HOH K 5 .   ? -6.226  15.548  11.077  1.00 47.15 ? 1478 HOH A O   1 
HETATM 1452 O O   . HOH K 5 .   ? 13.987  1.589   2.099   1.00 46.62 ? 1479 HOH A O   1 
HETATM 1453 O O   . HOH K 5 .   ? 3.197   0.500   17.540  1.00 25.73 ? 1480 HOH A O   1 
HETATM 1454 O O   . HOH K 5 .   ? 2.851   5.441   17.011  1.00 50.40 ? 1481 HOH A O   1 
HETATM 1455 O O   . HOH K 5 .   ? -7.036  -10.156 -0.915  1.00 54.81 ? 1482 HOH A O   1 
HETATM 1456 O O   . HOH K 5 .   ? 9.956   1.619   12.267  1.00 34.05 ? 1483 HOH A O   1 
HETATM 1457 O O   . HOH K 5 .   ? -11.565 18.444  15.029  1.00 58.14 ? 1484 HOH A O   1 
HETATM 1458 O O   . HOH K 5 .   ? 7.235   6.643   6.996   1.00 52.07 ? 1485 HOH A O   1 
HETATM 1459 O O   . HOH K 5 .   ? -2.910  12.220  0.256   1.00 44.12 ? 1486 HOH A O   1 
HETATM 1460 O O   . HOH K 5 .   ? 9.626   -11.678 -2.051  1.00 14.79 ? 1487 HOH A O   1 
HETATM 1461 O O   . HOH K 5 .   ? 20.956  8.014   -10.975 1.00 42.99 ? 1488 HOH A O   1 
HETATM 1462 O O   . HOH K 5 .   ? 12.582  3.601   6.087   1.00 32.31 ? 1489 HOH A O   1 
HETATM 1463 O O   . HOH K 5 .   ? -1.603  9.550   -2.815  1.00 36.92 ? 1490 HOH A O   1 
HETATM 1464 O O   . HOH K 5 .   ? -2.802  12.752  13.199  1.00 41.52 ? 1491 HOH A O   1 
HETATM 1465 O O   . HOH K 5 .   ? -2.629  -11.995 1.057   1.00 36.69 ? 1492 HOH A O   1 
HETATM 1466 O O   . HOH K 5 .   ? 2.200   -10.800 -17.822 1.00 53.02 ? 1493 HOH A O   1 
HETATM 1467 O O   . HOH K 5 .   ? 18.179  8.889   -14.929 1.00 43.79 ? 1494 HOH A O   1 
HETATM 1468 O O   . HOH K 5 .   ? 1.102   10.768  3.447   1.00 40.82 ? 1495 HOH A O   1 
HETATM 1469 O O   . HOH K 5 .   ? 6.039   -6.830  12.429  1.00 55.54 ? 1496 HOH A O   1 
HETATM 1470 O O   . HOH K 5 .   ? 2.402   9.869   -0.596  1.00 25.37 ? 1497 HOH A O   1 
HETATM 1471 O O   . HOH K 5 .   ? -6.333  -8.688  -14.813 1.00 28.81 ? 1498 HOH A O   1 
HETATM 1472 O O   . HOH K 5 .   ? -6.989  11.933  -1.363  1.00 25.57 ? 1499 HOH A O   1 
HETATM 1473 O O   . HOH K 5 .   ? -5.107  12.498  0.686   1.00 27.67 ? 1500 HOH A O   1 
HETATM 1474 O O   . HOH K 5 .   ? -5.828  -12.727 -4.494  1.00 55.98 ? 1501 HOH A O   1 
HETATM 1475 O O   . HOH K 5 .   ? 8.846   -3.001  12.338  1.00 37.99 ? 1502 HOH A O   1 
HETATM 1476 O O   . HOH K 5 .   ? -6.964  -10.523 11.272  1.00 38.78 ? 1503 HOH A O   1 
HETATM 1477 O O   . HOH K 5 .   ? 13.693  0.376   9.874   1.00 29.03 ? 1504 HOH A O   1 
HETATM 1478 O O   . HOH K 5 .   ? 15.423  1.617   -2.304  1.00 39.14 ? 1505 HOH A O   1 
HETATM 1479 O O   . HOH K 5 .   ? -6.586  6.648   24.278  1.00 19.97 ? 1506 HOH A O   1 
HETATM 1480 O O   . HOH K 5 .   ? -7.413  -10.111 4.149   1.00 38.90 ? 1507 HOH A O   1 
HETATM 1481 O O   . HOH K 5 .   ? -5.792  -3.989  -17.368 1.00 39.81 ? 1508 HOH A O   1 
HETATM 1482 O O   . HOH K 5 .   ? -9.272  14.977  0.020   1.00 58.69 ? 1509 HOH A O   1 
HETATM 1483 O O   . HOH K 5 .   ? -3.285  11.416  -2.484  1.00 44.19 ? 1510 HOH A O   1 
HETATM 1484 O O   . HOH K 5 .   ? -1.835  -11.775 -3.140  1.00 31.65 ? 1511 HOH A O   1 
HETATM 1485 O O   . HOH K 5 .   ? 21.340  -10.420 -4.067  1.00 47.98 ? 1512 HOH A O   1 
HETATM 1486 O O   . HOH K 5 .   ? -0.981  12.021  7.223   1.00 49.15 ? 1513 HOH A O   1 
HETATM 1487 O O   . HOH K 5 .   ? 5.455   -7.937  10.100  1.00 38.84 ? 1514 HOH A O   1 
HETATM 1488 O O   . HOH K 5 .   ? -0.027  13.154  5.019   1.00 46.00 ? 1515 HOH A O   1 
HETATM 1489 O O   . HOH K 5 .   ? 4.371   2.238   -18.512 1.00 44.99 ? 1516 HOH A O   1 
HETATM 1490 O O   . HOH K 5 .   ? 0.167   10.958  13.731  1.00 52.90 ? 1517 HOH A O   1 
HETATM 1491 O O   . HOH K 5 .   ? -8.120  14.409  -2.065  1.00 34.03 ? 1518 HOH A O   1 
HETATM 1492 O O   . HOH K 5 .   ? 12.377  0.143   12.411  1.00 36.22 ? 1519 HOH A O   1 
HETATM 1493 O O   . HOH K 5 .   ? 11.674  -2.463  12.783  1.00 43.28 ? 1520 HOH A O   1 
HETATM 1494 O O   . HOH K 5 .   ? -5.233  -12.063 -1.618  1.00 52.79 ? 1521 HOH A O   1 
# 
